data_1YA8
#
_entry.id   1YA8
#
_cell.length_a   55.777
_cell.length_b   181.589
_cell.length_c   202.874
_cell.angle_alpha   90.00
_cell.angle_beta   90.00
_cell.angle_gamma   90.00
#
_symmetry.space_group_name_H-M   'P 21 21 21'
#
loop_
_entity.id
_entity.type
_entity.pdbx_description
1 polymer 'CES1 protein'
2 non-polymer 2-acetamido-2-deoxy-beta-D-glucopyranose
3 non-polymer 'N-acetyl-alpha-neuraminic acid'
4 non-polymer 'SULFATE ION'
5 non-polymer '(1S,7S,8S,8AR)-1,2,3,7,8,8A-HEXAHYDRO-7-METHYL-8-[2-[(2R,4R)-TETRAHYDRO-4-HY DROXY-6-OXO-2H-PYRAN-2-YL]ETHYL]-1-NAPHTHALENOL'
6 non-polymer '2-METHYLBUTANOIC ACID'
7 water water
#
_entity_poly.entity_id   1
_entity_poly.type   'polypeptide(L)'
_entity_poly.pdbx_seq_one_letter_code
;SSPPVVDTVHGKVLGKFVSLEGFAQPVAIFLGIPFAKPPLGPLRFTPPQPAEPWSFVKNATSYPPMCTQDPKAGQLLSEL
FTNRKENIPLKLSEDCLYLNIYTPADLTKKNRLPVMVWIHGGGLMVGAASTYDGLALAAHENVVVVTIQYRLGIWGFFST
GDEHSRGNWGHLDQVAALRWVQDNIASFGGNPGSVTIFGESAGGESVSVLVLSPLAKNLFHRAISESGVALTSVLVKKGD
VKPLAEQIAITAGCKTTTSAVMVHCLRQKTEEELLETTLKMKFLSLDLQGDPRESQPLLGTVIDGMLLLKTPEELQAERN
FHTVPYMVGINKQEFGWLIPMLMSYPLSEGQLDQKTAMSLLWKSYPLVCIAKELIPEATEKYLGGTDDTVKKKDLFLDLI
ADVMFGVPSVIVARNHRDAGAPTYMYEFQYRPSFSSDMKPKTVIGDHGDELFSVFGAPFLKEGASEEEIRLSKMVMKFWA
NFARNGNPNGEGLPHWPEYNQKEGYLQIGANTQAAQKLKDKEVAFWTNLFAK
;
_entity_poly.pdbx_strand_id   A,B,C
#
loop_
_chem_comp.id
_chem_comp.type
_chem_comp.name
_chem_comp.formula
MVB non-polymer '(1S,7S,8S,8AR)-1,2,3,7,8,8A-HEXAHYDRO-7-METHYL-8-[2-[(2R,4R)-TETRAHYDRO-4-HY DROXY-6-OXO-2H-PYRAN-2-YL]ETHYL]-1-NAPHTHALENOL' 'C18 H26 O4'
NAG D-saccharide, beta linking 2-acetamido-2-deoxy-beta-D-glucopyranose 'C8 H15 N O6'
SIA D-saccharide, alpha linking 'N-acetyl-alpha-neuraminic acid' 'C11 H19 N O9'
SMB non-polymer '2-METHYLBUTANOIC ACID' 'C5 H10 O2'
SO4 non-polymer 'SULFATE ION' 'O4 S -2'
#
# COMPACT_ATOMS: atom_id res chain seq x y z
N SER A 1 8.53 -26.50 -37.53
CA SER A 1 7.24 -27.00 -36.94
C SER A 1 6.45 -25.88 -36.25
N SER A 2 6.36 -25.95 -34.92
CA SER A 2 5.62 -24.93 -34.17
C SER A 2 6.38 -24.48 -32.93
N PRO A 3 6.28 -23.18 -32.59
CA PRO A 3 6.97 -22.65 -31.42
C PRO A 3 6.65 -23.48 -30.17
N PRO A 4 7.65 -23.68 -29.30
CA PRO A 4 7.46 -24.45 -28.07
C PRO A 4 6.52 -23.76 -27.08
N VAL A 5 5.59 -24.52 -26.50
CA VAL A 5 4.68 -23.96 -25.50
C VAL A 5 4.69 -24.88 -24.29
N VAL A 6 5.20 -24.35 -23.19
CA VAL A 6 5.29 -25.09 -21.96
C VAL A 6 4.27 -24.60 -20.95
N ASP A 7 3.69 -25.54 -20.22
CA ASP A 7 2.75 -25.14 -19.19
C ASP A 7 3.49 -25.15 -17.85
N THR A 8 3.60 -23.98 -17.23
CA THR A 8 4.26 -23.86 -15.94
C THR A 8 3.14 -23.78 -14.92
N VAL A 9 3.47 -23.52 -13.67
CA VAL A 9 2.44 -23.44 -12.67
C VAL A 9 1.58 -22.20 -12.83
N HIS A 10 2.22 -21.08 -13.16
CA HIS A 10 1.52 -19.81 -13.31
C HIS A 10 0.86 -19.57 -14.66
N GLY A 11 1.00 -20.51 -15.58
CA GLY A 11 0.41 -20.35 -16.88
C GLY A 11 1.34 -20.80 -17.98
N LYS A 12 0.83 -20.86 -19.21
CA LYS A 12 1.60 -21.32 -20.36
C LYS A 12 2.57 -20.28 -20.91
N VAL A 13 3.76 -20.71 -21.32
CA VAL A 13 4.75 -19.81 -21.92
C VAL A 13 5.11 -20.29 -23.32
N LEU A 14 5.33 -19.34 -24.22
CA LEU A 14 5.65 -19.60 -25.61
C LEU A 14 7.09 -19.22 -25.89
N GLY A 15 7.87 -20.17 -26.39
CA GLY A 15 9.26 -19.89 -26.68
C GLY A 15 9.58 -19.89 -28.16
N LYS A 16 10.85 -20.12 -28.49
CA LYS A 16 11.30 -20.18 -29.88
C LYS A 16 12.40 -21.20 -30.05
N PHE A 17 12.42 -21.85 -31.22
CA PHE A 17 13.42 -22.85 -31.54
C PHE A 17 14.67 -22.26 -32.18
N VAL A 18 15.82 -22.81 -31.85
CA VAL A 18 17.08 -22.35 -32.42
C VAL A 18 18.00 -23.55 -32.64
N SER A 19 18.41 -23.77 -33.89
CA SER A 19 19.30 -24.89 -34.19
C SER A 19 20.75 -24.49 -34.05
N LEU A 20 21.58 -25.44 -33.65
CA LEU A 20 23.01 -25.18 -33.52
C LEU A 20 23.86 -26.22 -34.24
N GLU A 21 24.80 -25.71 -35.02
CA GLU A 21 25.75 -26.50 -35.80
C GLU A 21 26.07 -27.86 -35.20
N GLY A 22 25.73 -28.92 -35.91
CA GLY A 22 26.03 -30.26 -35.42
C GLY A 22 25.03 -30.90 -34.47
N PHE A 23 23.83 -30.29 -34.35
CA PHE A 23 22.82 -30.84 -33.47
C PHE A 23 21.46 -30.90 -34.12
N ALA A 24 20.99 -32.12 -34.33
CA ALA A 24 19.71 -32.36 -34.96
C ALA A 24 18.59 -31.61 -34.27
N GLN A 25 18.29 -32.00 -33.04
CA GLN A 25 17.24 -31.39 -32.24
C GLN A 25 17.49 -29.93 -31.90
N PRO A 26 16.56 -29.05 -32.30
CA PRO A 26 16.70 -27.63 -32.01
C PRO A 26 16.46 -27.33 -30.53
N VAL A 27 17.14 -26.30 -30.02
CA VAL A 27 17.01 -25.90 -28.64
C VAL A 27 15.84 -24.94 -28.49
N ALA A 28 15.02 -25.18 -27.47
CA ALA A 28 13.86 -24.34 -27.20
C ALA A 28 14.31 -23.27 -26.20
N ILE A 29 14.28 -22.00 -26.65
CA ILE A 29 14.70 -20.89 -25.81
C ILE A 29 13.51 -20.06 -25.32
N PHE A 30 13.55 -19.68 -24.05
CA PHE A 30 12.49 -18.87 -23.45
C PHE A 30 13.09 -17.65 -22.78
N LEU A 31 12.67 -16.46 -23.22
CA LEU A 31 13.19 -15.21 -22.70
C LEU A 31 12.19 -14.40 -21.90
N GLY A 32 12.60 -13.99 -20.70
CA GLY A 32 11.72 -13.18 -19.87
C GLY A 32 10.63 -13.86 -19.08
N ILE A 33 10.92 -15.02 -18.52
CA ILE A 33 9.92 -15.68 -17.71
C ILE A 33 10.02 -14.99 -16.36
N PRO A 34 8.89 -14.48 -15.84
CA PRO A 34 8.87 -13.79 -14.54
C PRO A 34 8.85 -14.81 -13.40
N PHE A 35 9.76 -14.69 -12.44
CA PHE A 35 9.79 -15.62 -11.33
C PHE A 35 9.44 -14.91 -10.03
N ALA A 36 8.99 -13.66 -10.15
CA ALA A 36 8.62 -12.86 -8.99
C ALA A 36 7.69 -11.72 -9.39
N LYS A 37 7.02 -11.15 -8.41
CA LYS A 37 6.13 -10.02 -8.63
C LYS A 37 7.06 -8.82 -8.81
N PRO A 38 6.80 -7.94 -9.79
CA PRO A 38 7.70 -6.79 -9.96
C PRO A 38 7.86 -6.00 -8.65
N PRO A 39 9.09 -5.93 -8.11
CA PRO A 39 9.35 -5.22 -6.86
C PRO A 39 9.24 -3.69 -6.99
N LEU A 40 8.03 -3.22 -7.31
CA LEU A 40 7.75 -1.79 -7.49
C LEU A 40 6.95 -1.22 -6.32
N GLY A 41 6.84 0.10 -6.32
CA GLY A 41 6.10 0.77 -5.27
C GLY A 41 6.51 0.34 -3.88
N PRO A 42 5.54 0.00 -3.03
CA PRO A 42 5.82 -0.43 -1.66
C PRO A 42 6.70 -1.67 -1.59
N LEU A 43 6.77 -2.44 -2.66
CA LEU A 43 7.57 -3.66 -2.66
C LEU A 43 9.07 -3.43 -2.69
N ARG A 44 9.46 -2.18 -2.94
CA ARG A 44 10.86 -1.83 -2.98
C ARG A 44 11.51 -2.09 -1.61
N PHE A 45 12.76 -2.53 -1.61
CA PHE A 45 13.49 -2.83 -0.38
C PHE A 45 12.77 -3.86 0.49
N THR A 46 12.19 -4.88 -0.13
CA THR A 46 11.49 -5.92 0.61
C THR A 46 11.65 -7.26 -0.11
N PRO A 47 11.46 -8.37 0.62
CA PRO A 47 11.58 -9.72 0.07
C PRO A 47 10.78 -9.90 -1.21
N PRO A 48 11.29 -10.69 -2.17
CA PRO A 48 10.56 -10.90 -3.43
C PRO A 48 9.30 -11.75 -3.24
N GLN A 49 8.21 -11.35 -3.90
CA GLN A 49 6.95 -12.07 -3.82
C GLN A 49 6.62 -12.83 -5.09
N PRO A 50 5.89 -13.95 -4.96
CA PRO A 50 5.48 -14.80 -6.08
C PRO A 50 4.81 -14.04 -7.21
N ALA A 51 5.10 -14.44 -8.45
CA ALA A 51 4.52 -13.79 -9.63
C ALA A 51 3.04 -14.13 -9.74
N GLU A 52 2.26 -13.21 -10.29
CA GLU A 52 0.82 -13.45 -10.44
C GLU A 52 0.62 -14.30 -11.69
N PRO A 53 -0.22 -15.35 -11.59
CA PRO A 53 -0.52 -16.26 -12.70
C PRO A 53 -1.29 -15.60 -13.86
N TRP A 54 -1.01 -16.03 -15.08
CA TRP A 54 -1.65 -15.45 -16.26
C TRP A 54 -2.69 -16.35 -16.94
N SER A 55 -3.73 -15.72 -17.48
CA SER A 55 -4.84 -16.43 -18.11
C SER A 55 -4.67 -17.11 -19.45
N PHE A 56 -3.69 -16.70 -20.25
CA PHE A 56 -3.52 -17.40 -21.53
C PHE A 56 -2.09 -17.89 -21.76
N VAL A 57 -1.63 -17.77 -22.99
CA VAL A 57 -0.27 -18.13 -23.34
C VAL A 57 0.61 -16.89 -23.33
N LYS A 58 1.61 -16.87 -22.47
CA LYS A 58 2.55 -15.75 -22.36
C LYS A 58 3.74 -15.94 -23.29
N ASN A 59 4.11 -14.87 -23.98
CA ASN A 59 5.25 -14.93 -24.90
C ASN A 59 6.55 -14.64 -24.19
N ALA A 60 7.37 -15.66 -24.05
CA ALA A 60 8.68 -15.48 -23.41
C ALA A 60 9.66 -15.40 -24.57
N THR A 61 9.49 -14.38 -25.41
CA THR A 61 10.32 -14.21 -26.59
C THR A 61 11.17 -12.96 -26.74
N SER A 62 11.10 -12.05 -25.77
CA SER A 62 11.90 -10.82 -25.83
C SER A 62 12.90 -10.88 -24.70
N TYR A 63 14.02 -10.19 -24.86
CA TYR A 63 15.00 -10.17 -23.78
C TYR A 63 14.41 -9.24 -22.72
N PRO A 64 14.43 -9.65 -21.46
CA PRO A 64 13.87 -8.77 -20.43
C PRO A 64 14.79 -7.59 -20.09
N PRO A 65 14.27 -6.55 -19.42
CA PRO A 65 15.09 -5.40 -19.06
C PRO A 65 16.09 -5.87 -18.03
N MET A 66 17.15 -5.09 -17.81
CA MET A 66 18.13 -5.46 -16.78
C MET A 66 17.81 -4.54 -15.61
N CYS A 67 18.06 -4.98 -14.38
CA CYS A 67 17.76 -4.13 -13.22
C CYS A 67 18.54 -2.83 -13.27
N THR A 68 17.89 -1.76 -12.83
CA THR A 68 18.47 -0.43 -12.82
C THR A 68 19.92 -0.41 -12.38
N GLN A 69 20.76 0.21 -13.21
CA GLN A 69 22.20 0.28 -12.96
C GLN A 69 22.75 1.35 -13.87
N ASP A 70 24.05 1.62 -13.73
CA ASP A 70 24.71 2.61 -14.57
C ASP A 70 24.57 2.06 -15.98
N PRO A 71 23.71 2.69 -16.79
CA PRO A 71 23.51 2.23 -18.16
C PRO A 71 24.83 2.15 -18.93
N LYS A 72 25.69 3.10 -18.67
CA LYS A 72 26.98 3.16 -19.34
C LYS A 72 27.83 1.93 -18.96
N ALA A 73 28.15 1.80 -17.68
CA ALA A 73 28.95 0.68 -17.18
C ALA A 73 28.34 -0.69 -17.50
N GLY A 74 27.02 -0.75 -17.46
CA GLY A 74 26.34 -2.01 -17.74
C GLY A 74 26.60 -2.51 -19.15
N GLN A 75 26.41 -1.64 -20.12
CA GLN A 75 26.63 -2.05 -21.50
C GLN A 75 28.07 -2.47 -21.70
N LEU A 76 28.98 -1.78 -21.03
CA LEU A 76 30.39 -2.09 -21.19
C LEU A 76 30.76 -3.46 -20.67
N LEU A 77 30.27 -3.81 -19.49
CA LEU A 77 30.59 -5.12 -18.93
C LEU A 77 29.94 -6.23 -19.76
N SER A 78 28.78 -5.94 -20.32
CA SER A 78 28.09 -6.94 -21.13
C SER A 78 28.89 -7.28 -22.37
N GLU A 79 29.39 -6.25 -23.04
CA GLU A 79 30.17 -6.44 -24.26
C GLU A 79 31.45 -7.22 -23.97
N LEU A 80 32.07 -6.97 -22.83
CA LEU A 80 33.31 -7.63 -22.45
C LEU A 80 33.11 -9.08 -22.03
N PHE A 81 31.94 -9.41 -21.48
CA PHE A 81 31.67 -10.75 -21.00
C PHE A 81 30.82 -11.65 -21.90
N THR A 82 29.97 -11.05 -22.73
CA THR A 82 29.10 -11.80 -23.63
C THR A 82 29.83 -12.85 -24.47
N ASN A 83 29.24 -14.03 -24.55
CA ASN A 83 29.82 -15.12 -25.30
C ASN A 83 29.20 -15.20 -26.68
N ARG A 84 28.46 -14.19 -27.08
CA ARG A 84 27.83 -14.23 -28.39
C ARG A 84 28.44 -13.26 -29.39
N LYS A 85 28.18 -13.53 -30.67
CA LYS A 85 28.71 -12.73 -31.78
C LYS A 85 28.47 -11.24 -31.67
N GLU A 86 27.23 -10.86 -31.37
CA GLU A 86 26.84 -9.46 -31.29
C GLU A 86 26.19 -9.17 -29.95
N ASN A 87 26.74 -8.23 -29.19
CA ASN A 87 26.18 -7.89 -27.90
C ASN A 87 24.76 -7.37 -28.07
N ILE A 88 23.88 -7.83 -27.20
CA ILE A 88 22.48 -7.43 -27.21
C ILE A 88 22.31 -6.26 -26.24
N PRO A 89 21.89 -5.10 -26.74
CA PRO A 89 21.69 -3.93 -25.88
C PRO A 89 20.42 -4.15 -25.06
N LEU A 90 20.36 -3.58 -23.86
CA LEU A 90 19.21 -3.77 -22.99
C LEU A 90 18.57 -2.48 -22.50
N LYS A 91 17.43 -2.63 -21.85
CA LYS A 91 16.68 -1.52 -21.29
C LYS A 91 16.81 -1.61 -19.78
N LEU A 92 16.74 -0.49 -19.09
CA LEU A 92 16.83 -0.51 -17.64
C LEU A 92 15.41 -0.53 -17.09
N SER A 93 15.23 -1.12 -15.92
CA SER A 93 13.92 -1.16 -15.30
C SER A 93 13.96 -1.76 -13.91
N GLU A 94 12.99 -1.38 -13.09
CA GLU A 94 12.90 -1.92 -11.75
C GLU A 94 12.18 -3.25 -11.87
N ASP A 95 11.44 -3.40 -12.97
CA ASP A 95 10.72 -4.61 -13.29
C ASP A 95 11.75 -5.46 -14.02
N CYS A 96 12.52 -6.23 -13.26
CA CYS A 96 13.59 -7.04 -13.82
C CYS A 96 13.79 -8.43 -13.23
N LEU A 97 12.86 -8.90 -12.42
CA LEU A 97 13.01 -10.22 -11.84
C LEU A 97 12.55 -11.29 -12.84
N TYR A 98 13.38 -11.50 -13.86
CA TYR A 98 13.11 -12.48 -14.91
C TYR A 98 14.28 -13.44 -15.04
N LEU A 99 14.06 -14.47 -15.85
CA LEU A 99 15.08 -15.47 -16.10
C LEU A 99 14.88 -16.02 -17.50
N ASN A 100 15.95 -16.52 -18.11
CA ASN A 100 15.87 -17.08 -19.45
C ASN A 100 16.17 -18.56 -19.36
N ILE A 101 15.51 -19.37 -20.19
CA ILE A 101 15.72 -20.80 -20.17
C ILE A 101 16.15 -21.40 -21.52
N TYR A 102 17.22 -22.20 -21.49
CA TYR A 102 17.73 -22.86 -22.69
C TYR A 102 17.70 -24.37 -22.51
N THR A 103 16.67 -25.03 -23.02
CA THR A 103 16.61 -26.49 -22.88
C THR A 103 16.91 -27.20 -24.19
N PRO A 104 17.78 -28.22 -24.16
CA PRO A 104 18.12 -28.95 -25.36
C PRO A 104 17.21 -30.16 -25.55
N ALA A 105 16.35 -30.41 -24.57
CA ALA A 105 15.44 -31.55 -24.60
C ALA A 105 14.32 -31.48 -25.63
N ASP A 106 13.81 -32.64 -26.03
CA ASP A 106 12.71 -32.68 -26.97
C ASP A 106 11.46 -32.59 -26.10
N LEU A 107 10.93 -31.37 -25.99
CA LEU A 107 9.75 -31.11 -25.16
C LEU A 107 8.50 -31.93 -25.49
N THR A 108 8.56 -32.69 -26.58
CA THR A 108 7.43 -33.52 -27.00
C THR A 108 7.43 -34.85 -26.25
N LYS A 109 8.33 -34.99 -25.29
CA LYS A 109 8.41 -36.19 -24.48
C LYS A 109 9.07 -35.89 -23.15
N LYS A 110 8.95 -36.80 -22.19
CA LYS A 110 9.51 -36.61 -20.87
C LYS A 110 11.04 -36.64 -20.88
N ASN A 111 11.64 -35.73 -20.14
CA ASN A 111 13.09 -35.64 -20.07
C ASN A 111 13.48 -35.03 -18.76
N ARG A 112 14.49 -35.61 -18.14
CA ARG A 112 14.97 -35.10 -16.86
C ARG A 112 16.48 -34.87 -16.94
N LEU A 113 16.85 -33.74 -17.52
CA LEU A 113 18.25 -33.37 -17.69
C LEU A 113 18.80 -32.58 -16.52
N PRO A 114 20.11 -32.66 -16.28
CA PRO A 114 20.66 -31.90 -15.17
C PRO A 114 20.45 -30.41 -15.46
N VAL A 115 20.26 -29.63 -14.39
CA VAL A 115 20.00 -28.20 -14.52
C VAL A 115 21.11 -27.34 -13.89
N MET A 116 21.55 -26.35 -14.65
CA MET A 116 22.60 -25.43 -14.21
C MET A 116 22.07 -23.99 -14.25
N VAL A 117 21.97 -23.38 -13.08
CA VAL A 117 21.49 -22.01 -12.97
C VAL A 117 22.69 -21.06 -12.90
N TRP A 118 22.75 -20.10 -13.82
CA TRP A 118 23.86 -19.15 -13.87
C TRP A 118 23.59 -17.80 -13.21
N ILE A 119 24.49 -17.38 -12.33
CA ILE A 119 24.35 -16.09 -11.64
C ILE A 119 25.47 -15.14 -12.09
N HIS A 120 25.10 -14.17 -12.92
CA HIS A 120 26.06 -13.20 -13.47
C HIS A 120 26.72 -12.33 -12.43
N GLY A 121 27.93 -11.88 -12.73
CA GLY A 121 28.66 -11.03 -11.81
C GLY A 121 28.43 -9.57 -12.13
N GLY A 122 29.20 -8.70 -11.48
CA GLY A 122 29.06 -7.28 -11.73
C GLY A 122 29.06 -6.52 -10.42
N GLY A 123 29.80 -7.04 -9.45
CA GLY A 123 29.89 -6.42 -8.14
C GLY A 123 28.58 -6.09 -7.46
N LEU A 124 27.53 -6.85 -7.79
CA LEU A 124 26.23 -6.61 -7.20
C LEU A 124 25.72 -5.21 -7.57
N MET A 125 26.45 -4.54 -8.47
CA MET A 125 26.09 -3.20 -8.93
C MET A 125 25.61 -3.18 -10.40
N VAL A 126 26.15 -4.08 -11.22
CA VAL A 126 25.77 -4.12 -12.63
C VAL A 126 25.70 -5.56 -13.11
N GLY A 127 25.14 -5.76 -14.30
CA GLY A 127 25.03 -7.09 -14.84
C GLY A 127 23.63 -7.44 -15.33
N ALA A 128 23.53 -8.49 -16.13
CA ALA A 128 22.25 -8.94 -16.68
C ALA A 128 22.34 -10.41 -17.06
N ALA A 129 21.19 -11.07 -17.15
CA ALA A 129 21.16 -12.49 -17.51
C ALA A 129 21.40 -12.66 -19.00
N SER A 130 20.68 -11.86 -19.79
CA SER A 130 20.77 -11.89 -21.24
C SER A 130 22.19 -11.85 -21.82
N THR A 131 23.13 -11.31 -21.06
CA THR A 131 24.51 -11.22 -21.51
C THR A 131 25.04 -12.62 -21.85
N TYR A 132 24.64 -13.60 -21.04
CA TYR A 132 25.10 -14.96 -21.23
C TYR A 132 24.10 -15.81 -21.98
N ASP A 133 24.50 -16.24 -23.18
CA ASP A 133 23.68 -17.06 -24.06
C ASP A 133 23.99 -18.53 -23.80
N GLY A 134 22.98 -19.30 -23.42
CA GLY A 134 23.22 -20.71 -23.11
C GLY A 134 23.06 -21.71 -24.23
N LEU A 135 22.74 -21.24 -25.44
CA LEU A 135 22.54 -22.11 -26.60
C LEU A 135 23.59 -23.20 -26.81
N ALA A 136 24.87 -22.84 -26.73
CA ALA A 136 25.94 -23.80 -26.94
C ALA A 136 26.06 -24.81 -25.83
N LEU A 137 26.19 -24.33 -24.58
CA LEU A 137 26.33 -25.22 -23.43
C LEU A 137 25.21 -26.23 -23.35
N ALA A 138 23.98 -25.79 -23.60
CA ALA A 138 22.83 -26.67 -23.55
C ALA A 138 22.93 -27.74 -24.63
N ALA A 139 23.23 -27.33 -25.86
CA ALA A 139 23.34 -28.29 -26.96
C ALA A 139 24.52 -29.26 -26.75
N HIS A 140 25.71 -28.72 -26.51
CA HIS A 140 26.89 -29.55 -26.32
C HIS A 140 26.89 -30.49 -25.13
N GLU A 141 26.29 -30.11 -24.01
CA GLU A 141 26.34 -30.99 -22.83
C GLU A 141 25.02 -31.59 -22.38
N ASN A 142 23.97 -31.33 -23.14
CA ASN A 142 22.67 -31.86 -22.82
C ASN A 142 22.18 -31.54 -21.43
N VAL A 143 22.12 -30.26 -21.12
CA VAL A 143 21.66 -29.79 -19.83
C VAL A 143 20.81 -28.56 -20.05
N VAL A 144 19.94 -28.28 -19.10
CA VAL A 144 19.09 -27.11 -19.19
C VAL A 144 19.89 -25.97 -18.57
N VAL A 145 19.94 -24.84 -19.24
CA VAL A 145 20.67 -23.70 -18.73
C VAL A 145 19.68 -22.60 -18.38
N VAL A 146 19.77 -22.13 -17.13
CA VAL A 146 18.89 -21.08 -16.63
C VAL A 146 19.72 -19.90 -16.14
N THR A 147 19.50 -18.74 -16.77
CA THR A 147 20.20 -17.51 -16.38
C THR A 147 19.16 -16.64 -15.66
N ILE A 148 19.52 -16.15 -14.48
CA ILE A 148 18.61 -15.34 -13.66
C ILE A 148 19.12 -13.93 -13.40
N GLN A 149 18.20 -13.04 -13.05
CA GLN A 149 18.55 -11.67 -12.74
C GLN A 149 18.10 -11.39 -11.32
N TYR A 150 18.83 -10.51 -10.63
CA TYR A 150 18.48 -10.17 -9.26
C TYR A 150 18.72 -8.69 -9.09
N ARG A 151 17.98 -8.06 -8.18
CA ARG A 151 18.13 -6.63 -7.94
C ARG A 151 19.57 -6.27 -7.61
N LEU A 152 20.00 -5.10 -8.05
CA LEU A 152 21.36 -4.62 -7.85
C LEU A 152 21.41 -3.27 -7.11
N GLY A 153 22.61 -2.90 -6.67
CA GLY A 153 22.80 -1.64 -5.98
C GLY A 153 21.82 -1.31 -4.87
N ILE A 154 21.40 -0.06 -4.83
CA ILE A 154 20.46 0.41 -3.83
C ILE A 154 19.24 -0.51 -3.78
N TRP A 155 18.63 -0.71 -4.95
CA TRP A 155 17.44 -1.55 -5.05
C TRP A 155 17.54 -2.93 -4.42
N GLY A 156 18.71 -3.54 -4.48
CA GLY A 156 18.86 -4.88 -3.94
C GLY A 156 19.78 -5.05 -2.77
N PHE A 157 20.41 -3.97 -2.33
CA PHE A 157 21.32 -4.12 -1.20
C PHE A 157 21.28 -3.01 -0.17
N PHE A 158 20.35 -2.07 -0.33
CA PHE A 158 20.22 -0.98 0.62
C PHE A 158 19.90 -1.57 2.00
N SER A 159 20.59 -1.13 3.03
CA SER A 159 20.35 -1.65 4.37
C SER A 159 20.48 -0.62 5.48
N THR A 160 19.55 -0.63 6.42
CA THR A 160 19.59 0.31 7.53
C THR A 160 20.24 -0.38 8.71
N GLY A 161 20.57 -1.65 8.53
CA GLY A 161 21.18 -2.41 9.60
C GLY A 161 20.18 -2.91 10.65
N ASP A 162 18.89 -2.74 10.39
CA ASP A 162 17.89 -3.21 11.33
C ASP A 162 16.67 -3.81 10.63
N GLU A 163 15.61 -4.09 11.39
CA GLU A 163 14.43 -4.71 10.81
C GLU A 163 13.63 -3.86 9.83
N HIS A 164 13.82 -2.55 9.83
CA HIS A 164 13.06 -1.72 8.90
C HIS A 164 13.55 -1.87 7.45
N SER A 165 14.75 -2.42 7.30
CA SER A 165 15.35 -2.65 5.99
C SER A 165 16.60 -3.53 6.14
N ARG A 166 16.38 -4.80 6.44
CA ARG A 166 17.47 -5.75 6.62
C ARG A 166 18.51 -5.69 5.53
N GLY A 167 18.07 -5.96 4.31
CA GLY A 167 18.97 -5.94 3.17
C GLY A 167 19.06 -7.28 2.45
N ASN A 168 19.97 -7.38 1.51
CA ASN A 168 20.17 -8.61 0.74
C ASN A 168 19.00 -8.97 -0.15
N TRP A 169 18.20 -7.99 -0.52
CA TRP A 169 17.06 -8.23 -1.39
C TRP A 169 17.51 -9.06 -2.60
N GLY A 170 18.70 -8.74 -3.13
CA GLY A 170 19.23 -9.45 -4.28
C GLY A 170 19.42 -10.94 -4.06
N HIS A 171 20.02 -11.32 -2.93
CA HIS A 171 20.25 -12.72 -2.63
C HIS A 171 18.91 -13.41 -2.48
N LEU A 172 17.93 -12.69 -1.93
CA LEU A 172 16.60 -13.25 -1.75
C LEU A 172 15.97 -13.53 -3.11
N ASP A 173 16.23 -12.64 -4.06
CA ASP A 173 15.73 -12.81 -5.43
C ASP A 173 16.34 -14.08 -6.02
N GLN A 174 17.63 -14.28 -5.72
CA GLN A 174 18.32 -15.46 -6.20
C GLN A 174 17.65 -16.67 -5.58
N VAL A 175 17.54 -16.69 -4.26
CA VAL A 175 16.87 -17.82 -3.63
C VAL A 175 15.48 -18.00 -4.27
N ALA A 176 14.81 -16.89 -4.56
CA ALA A 176 13.48 -16.95 -5.18
C ALA A 176 13.46 -17.69 -6.51
N ALA A 177 14.47 -17.44 -7.35
CA ALA A 177 14.52 -18.09 -8.65
C ALA A 177 14.82 -19.59 -8.51
N LEU A 178 15.52 -19.97 -7.46
CA LEU A 178 15.85 -21.38 -7.25
C LEU A 178 14.58 -22.12 -6.88
N ARG A 179 13.68 -21.44 -6.17
CA ARG A 179 12.41 -22.05 -5.80
C ARG A 179 11.54 -22.13 -7.04
N TRP A 180 11.59 -21.12 -7.90
CA TRP A 180 10.79 -21.17 -9.10
C TRP A 180 11.22 -22.40 -9.88
N VAL A 181 12.53 -22.60 -9.99
CA VAL A 181 13.08 -23.74 -10.72
C VAL A 181 12.62 -25.06 -10.11
N GLN A 182 12.68 -25.16 -8.80
CA GLN A 182 12.25 -26.38 -8.13
C GLN A 182 10.79 -26.72 -8.48
N ASP A 183 9.99 -25.71 -8.72
CA ASP A 183 8.59 -25.94 -9.02
C ASP A 183 8.23 -26.00 -10.49
N ASN A 184 9.09 -25.48 -11.36
CA ASN A 184 8.78 -25.45 -12.78
C ASN A 184 9.76 -26.07 -13.77
N ILE A 185 11.02 -26.17 -13.40
CA ILE A 185 12.01 -26.68 -14.34
C ILE A 185 11.74 -28.05 -14.98
N ALA A 186 10.77 -28.80 -14.46
CA ALA A 186 10.47 -30.10 -15.04
C ALA A 186 9.69 -29.92 -16.32
N SER A 187 8.92 -28.84 -16.42
CA SER A 187 8.12 -28.57 -17.62
C SER A 187 9.03 -28.25 -18.81
N PHE A 188 10.30 -27.98 -18.52
CA PHE A 188 11.24 -27.66 -19.57
C PHE A 188 12.25 -28.78 -19.80
N GLY A 189 11.98 -29.96 -19.25
CA GLY A 189 12.88 -31.08 -19.45
C GLY A 189 13.97 -31.18 -18.40
N GLY A 190 13.86 -30.42 -17.33
CA GLY A 190 14.88 -30.48 -16.30
C GLY A 190 14.54 -31.42 -15.15
N ASN A 191 15.54 -31.76 -14.36
CA ASN A 191 15.36 -32.62 -13.20
C ASN A 191 15.56 -31.78 -11.95
N PRO A 192 14.46 -31.39 -11.28
CA PRO A 192 14.60 -30.58 -10.06
C PRO A 192 15.46 -31.23 -8.99
N GLY A 193 15.69 -32.53 -9.11
CA GLY A 193 16.49 -33.24 -8.14
C GLY A 193 17.96 -33.08 -8.35
N SER A 194 18.35 -32.42 -9.43
CA SER A 194 19.76 -32.21 -9.74
C SER A 194 20.04 -30.79 -10.30
N VAL A 195 19.93 -29.79 -9.42
CA VAL A 195 20.19 -28.42 -9.85
C VAL A 195 21.55 -27.93 -9.37
N THR A 196 22.36 -27.48 -10.32
CA THR A 196 23.70 -26.97 -10.05
C THR A 196 23.70 -25.46 -10.22
N ILE A 197 24.20 -24.73 -9.21
CA ILE A 197 24.25 -23.27 -9.31
C ILE A 197 25.70 -22.86 -9.52
N PHE A 198 25.92 -21.96 -10.47
CA PHE A 198 27.26 -21.48 -10.71
C PHE A 198 27.26 -20.02 -11.14
N GLY A 199 28.34 -19.32 -10.82
CA GLY A 199 28.44 -17.91 -11.16
C GLY A 199 29.87 -17.45 -11.08
N GLU A 200 30.14 -16.30 -11.70
CA GLU A 200 31.48 -15.73 -11.75
C GLU A 200 31.53 -14.36 -11.06
N SER A 201 32.62 -14.10 -10.36
CA SER A 201 32.82 -12.81 -9.69
C SER A 201 31.78 -12.60 -8.60
N ALA A 202 31.05 -11.50 -8.70
CA ALA A 202 30.00 -11.19 -7.73
C ALA A 202 29.05 -12.39 -7.71
N GLY A 203 28.88 -13.02 -8.87
CA GLY A 203 28.01 -14.18 -9.00
C GLY A 203 28.61 -15.37 -8.27
N GLY A 204 29.93 -15.46 -8.29
CA GLY A 204 30.59 -16.54 -7.59
C GLY A 204 30.44 -16.25 -6.11
N GLU A 205 30.46 -14.97 -5.77
CA GLU A 205 30.30 -14.51 -4.39
C GLU A 205 28.90 -14.90 -3.94
N SER A 206 27.95 -14.76 -4.84
CA SER A 206 26.57 -15.10 -4.55
C SER A 206 26.44 -16.61 -4.29
N VAL A 207 27.07 -17.42 -5.14
CA VAL A 207 27.00 -18.86 -4.96
C VAL A 207 27.56 -19.21 -3.59
N SER A 208 28.68 -18.59 -3.24
CA SER A 208 29.29 -18.85 -1.95
C SER A 208 28.33 -18.56 -0.79
N VAL A 209 27.70 -17.39 -0.85
CA VAL A 209 26.75 -16.95 0.18
C VAL A 209 25.60 -17.93 0.28
N LEU A 210 25.05 -18.35 -0.86
CA LEU A 210 23.96 -19.30 -0.87
C LEU A 210 24.37 -20.63 -0.25
N VAL A 211 25.63 -21.01 -0.42
CA VAL A 211 26.09 -22.26 0.15
C VAL A 211 26.11 -22.17 1.66
N LEU A 212 26.12 -20.95 2.20
CA LEU A 212 26.14 -20.76 3.64
C LEU A 212 24.79 -20.36 4.21
N SER A 213 23.77 -20.21 3.38
CA SER A 213 22.46 -19.79 3.86
C SER A 213 21.41 -20.88 3.98
N PRO A 214 20.70 -20.92 5.14
CA PRO A 214 19.65 -21.90 5.43
C PRO A 214 18.51 -21.73 4.45
N LEU A 215 18.38 -20.52 3.92
CA LEU A 215 17.32 -20.20 2.99
C LEU A 215 17.46 -20.93 1.67
N ALA A 216 18.70 -21.23 1.28
CA ALA A 216 18.92 -21.91 0.01
C ALA A 216 19.00 -23.43 0.19
N LYS A 217 19.02 -23.87 1.44
CA LYS A 217 19.09 -25.29 1.78
C LYS A 217 18.03 -26.08 1.01
N ASN A 218 18.47 -27.11 0.30
CA ASN A 218 17.56 -27.96 -0.48
C ASN A 218 17.00 -27.34 -1.75
N LEU A 219 17.71 -26.36 -2.32
CA LEU A 219 17.24 -25.75 -3.55
C LEU A 219 18.24 -26.02 -4.65
N PHE A 220 19.43 -26.47 -4.26
CA PHE A 220 20.49 -26.83 -5.20
C PHE A 220 21.22 -28.05 -4.68
N HIS A 221 21.96 -28.71 -5.57
CA HIS A 221 22.66 -29.93 -5.21
C HIS A 221 24.14 -29.94 -5.56
N ARG A 222 24.63 -28.83 -6.11
CA ARG A 222 26.02 -28.69 -6.47
C ARG A 222 26.27 -27.21 -6.62
N ALA A 223 27.54 -26.81 -6.57
CA ALA A 223 27.87 -25.39 -6.68
C ALA A 223 29.28 -25.17 -7.19
N ILE A 224 29.41 -24.17 -8.06
CA ILE A 224 30.70 -23.79 -8.64
C ILE A 224 30.89 -22.29 -8.47
N SER A 225 32.07 -21.88 -8.04
CA SER A 225 32.37 -20.45 -7.89
C SER A 225 33.53 -20.10 -8.81
N GLU A 226 33.27 -19.24 -9.79
CA GLU A 226 34.32 -18.84 -10.73
C GLU A 226 34.93 -17.48 -10.38
N SER A 227 36.06 -17.51 -9.68
CA SER A 227 36.74 -16.28 -9.33
C SER A 227 35.92 -15.39 -8.42
N GLY A 228 35.63 -15.86 -7.21
CA GLY A 228 34.86 -15.08 -6.25
C GLY A 228 34.20 -15.93 -5.17
N VAL A 229 34.40 -15.57 -3.89
CA VAL A 229 33.79 -16.29 -2.77
C VAL A 229 33.31 -15.38 -1.64
N ALA A 230 32.85 -15.99 -0.56
CA ALA A 230 32.30 -15.30 0.61
C ALA A 230 33.28 -14.44 1.39
N LEU A 231 34.46 -14.98 1.66
CA LEU A 231 35.47 -14.24 2.41
C LEU A 231 35.93 -13.00 1.63
N THR A 232 35.63 -12.97 0.32
CA THR A 232 35.96 -11.85 -0.57
C THR A 232 35.26 -10.60 0.00
N SER A 233 35.79 -10.23 1.15
CA SER A 233 35.39 -9.10 1.98
C SER A 233 34.68 -7.96 1.28
N VAL A 234 35.35 -7.35 0.31
CA VAL A 234 34.79 -6.22 -0.43
C VAL A 234 33.27 -6.21 -0.71
N LEU A 235 32.70 -7.38 -1.00
CA LEU A 235 31.26 -7.49 -1.29
C LEU A 235 30.41 -7.82 -0.07
N VAL A 236 31.07 -7.97 1.09
CA VAL A 236 30.39 -8.29 2.34
C VAL A 236 30.66 -7.23 3.41
N LYS A 237 29.75 -6.27 3.52
CA LYS A 237 29.86 -5.18 4.49
C LYS A 237 29.80 -5.71 5.91
N LYS A 238 30.71 -5.22 6.76
CA LYS A 238 30.75 -5.64 8.16
C LYS A 238 30.78 -4.39 9.06
N GLY A 239 30.29 -4.53 10.27
CA GLY A 239 30.24 -3.39 11.18
C GLY A 239 28.88 -2.76 11.09
N ASP A 240 28.76 -1.50 11.47
CA ASP A 240 27.46 -0.82 11.41
C ASP A 240 27.23 -0.26 9.99
N VAL A 241 26.11 -0.63 9.38
CA VAL A 241 25.80 -0.18 8.03
C VAL A 241 24.97 1.12 8.04
N LYS A 242 24.46 1.46 9.21
CA LYS A 242 23.65 2.66 9.40
C LYS A 242 24.27 3.91 8.77
N PRO A 243 25.56 4.15 9.03
CA PRO A 243 26.25 5.31 8.47
C PRO A 243 26.19 5.41 6.95
N LEU A 244 26.39 4.28 6.27
CA LEU A 244 26.35 4.25 4.81
C LEU A 244 24.92 4.49 4.35
N ALA A 245 23.96 3.93 5.08
CA ALA A 245 22.55 4.09 4.76
C ALA A 245 22.20 5.56 4.74
N GLU A 246 22.64 6.28 5.77
CA GLU A 246 22.42 7.72 5.91
C GLU A 246 23.12 8.49 4.81
N GLN A 247 24.37 8.15 4.55
CA GLN A 247 25.12 8.81 3.48
C GLN A 247 24.25 8.71 2.22
N ILE A 248 23.62 7.56 2.02
CA ILE A 248 22.79 7.34 0.85
C ILE A 248 21.49 8.14 0.91
N ALA A 249 20.85 8.13 2.07
CA ALA A 249 19.59 8.86 2.25
C ALA A 249 19.80 10.34 1.96
N ILE A 250 20.84 10.93 2.52
CA ILE A 250 21.09 12.35 2.28
C ILE A 250 21.32 12.63 0.80
N THR A 251 22.16 11.84 0.14
CA THR A 251 22.44 12.06 -1.27
C THR A 251 21.16 12.06 -2.11
N ALA A 252 20.20 11.22 -1.73
CA ALA A 252 18.95 11.10 -2.46
C ALA A 252 17.97 12.19 -2.10
N GLY A 253 18.33 13.01 -1.12
CA GLY A 253 17.47 14.11 -0.69
C GLY A 253 16.42 13.74 0.32
N CYS A 254 16.80 12.89 1.29
CA CYS A 254 15.90 12.41 2.34
C CYS A 254 16.31 12.84 3.76
N LYS A 255 15.38 12.72 4.70
CA LYS A 255 15.69 13.04 6.10
C LYS A 255 16.44 11.83 6.62
N THR A 256 16.83 11.85 7.89
CA THR A 256 17.53 10.71 8.45
C THR A 256 17.17 10.50 9.91
N THR A 257 15.99 11.00 10.29
CA THR A 257 15.49 10.92 11.65
C THR A 257 15.53 9.52 12.27
N THR A 258 15.00 8.53 11.57
CA THR A 258 15.03 7.14 12.05
C THR A 258 15.14 6.24 10.83
N SER A 259 15.57 5.00 11.05
CA SER A 259 15.71 4.06 9.95
C SER A 259 14.41 3.97 9.16
N ALA A 260 13.29 3.82 9.87
CA ALA A 260 11.99 3.71 9.25
C ALA A 260 11.73 4.93 8.37
N VAL A 261 12.14 6.09 8.84
CA VAL A 261 11.94 7.31 8.10
C VAL A 261 12.75 7.27 6.82
N MET A 262 14.02 6.86 6.91
CA MET A 262 14.86 6.79 5.72
C MET A 262 14.22 5.87 4.67
N VAL A 263 13.94 4.63 5.06
CA VAL A 263 13.34 3.67 4.14
C VAL A 263 12.04 4.19 3.56
N HIS A 264 11.18 4.75 4.40
CA HIS A 264 9.91 5.27 3.91
C HIS A 264 10.13 6.32 2.84
N CYS A 265 11.18 7.12 3.00
CA CYS A 265 11.52 8.20 2.06
C CYS A 265 12.11 7.70 0.74
N LEU A 266 13.06 6.77 0.80
CA LEU A 266 13.64 6.26 -0.42
C LEU A 266 12.59 5.47 -1.19
N ARG A 267 11.67 4.84 -0.47
CA ARG A 267 10.60 4.09 -1.12
C ARG A 267 9.78 5.00 -2.02
N GLN A 268 9.77 6.29 -1.70
CA GLN A 268 9.01 7.27 -2.45
C GLN A 268 9.73 7.89 -3.64
N LYS A 269 11.05 7.75 -3.69
CA LYS A 269 11.82 8.29 -4.81
C LYS A 269 11.48 7.54 -6.10
N THR A 270 11.86 8.11 -7.24
CA THR A 270 11.60 7.49 -8.53
C THR A 270 12.85 6.81 -9.04
N GLU A 271 12.67 5.86 -9.96
CA GLU A 271 13.80 5.13 -10.50
C GLU A 271 14.91 6.08 -10.91
N GLU A 272 14.55 7.14 -11.62
CA GLU A 272 15.57 8.08 -12.06
C GLU A 272 16.26 8.81 -10.91
N GLU A 273 15.55 9.09 -9.84
CA GLU A 273 16.16 9.79 -8.71
C GLU A 273 17.20 8.87 -8.04
N LEU A 274 16.82 7.60 -7.87
CA LEU A 274 17.71 6.63 -7.28
C LEU A 274 18.83 6.32 -8.24
N LEU A 275 18.53 6.37 -9.53
CA LEU A 275 19.57 6.12 -10.52
C LEU A 275 20.56 7.28 -10.49
N GLU A 276 20.06 8.51 -10.41
CA GLU A 276 20.95 9.65 -10.37
C GLU A 276 21.67 9.69 -9.03
N THR A 277 21.07 9.11 -7.99
CA THR A 277 21.72 9.08 -6.69
C THR A 277 22.88 8.09 -6.75
N THR A 278 22.64 6.98 -7.45
CA THR A 278 23.62 5.92 -7.64
C THR A 278 24.83 6.48 -8.38
N LEU A 279 24.56 7.23 -9.45
CA LEU A 279 25.62 7.83 -10.24
C LEU A 279 26.47 8.82 -9.44
N LYS A 280 25.89 9.48 -8.45
CA LYS A 280 26.64 10.43 -7.65
C LYS A 280 27.58 9.78 -6.65
N MET A 281 27.19 8.64 -6.09
CA MET A 281 28.02 7.95 -5.10
C MET A 281 29.31 7.40 -5.70
N LYS A 282 29.29 7.21 -7.03
CA LYS A 282 30.46 6.70 -7.75
C LYS A 282 31.01 5.46 -7.07
N PHE A 283 30.14 4.49 -6.81
CA PHE A 283 30.54 3.26 -6.16
C PHE A 283 31.64 2.53 -6.93
N LEU A 284 31.50 2.48 -8.25
CA LEU A 284 32.45 1.78 -9.11
C LEU A 284 33.89 2.31 -9.06
N SER A 285 34.10 3.58 -9.40
CA SER A 285 35.45 4.13 -9.41
C SER A 285 36.12 4.27 -8.05
N LEU A 286 37.45 4.22 -8.07
CA LEU A 286 38.28 4.34 -6.86
C LEU A 286 38.76 5.77 -6.67
N ASP A 287 38.42 6.36 -5.52
CA ASP A 287 38.82 7.72 -5.21
C ASP A 287 40.32 7.78 -4.90
N LEU A 288 41.04 8.64 -5.61
CA LEU A 288 42.47 8.75 -5.42
C LEU A 288 42.91 9.67 -4.28
N GLN A 289 42.11 10.66 -3.93
CA GLN A 289 42.52 11.58 -2.86
C GLN A 289 41.74 11.48 -1.56
N GLY A 290 42.13 12.29 -0.60
CA GLY A 290 41.50 12.29 0.70
C GLY A 290 41.99 11.08 1.46
N ASP A 291 41.60 10.97 2.72
CA ASP A 291 42.01 9.85 3.55
C ASP A 291 41.41 8.55 3.00
N PRO A 292 42.27 7.55 2.73
CA PRO A 292 41.90 6.23 2.19
C PRO A 292 40.74 5.49 2.89
N ARG A 293 40.96 5.15 4.17
CA ARG A 293 39.96 4.42 4.97
C ARG A 293 38.58 5.04 4.95
N GLU A 294 38.54 6.34 4.70
CA GLU A 294 37.25 7.03 4.64
C GLU A 294 36.57 6.77 3.32
N SER A 295 37.34 6.82 2.24
CA SER A 295 36.78 6.63 0.91
C SER A 295 35.51 5.79 0.92
N GLN A 296 34.53 6.32 0.21
CA GLN A 296 33.21 5.77 0.13
C GLN A 296 32.99 4.30 -0.16
N PRO A 297 32.23 3.67 0.74
CA PRO A 297 31.77 2.30 0.82
C PRO A 297 31.12 1.94 -0.47
N LEU A 298 30.46 0.83 -0.42
CA LEU A 298 29.73 0.30 -1.53
C LEU A 298 28.86 -0.52 -0.62
N LEU A 299 27.69 -0.88 -1.07
CA LEU A 299 26.82 -1.69 -0.24
C LEU A 299 26.93 -3.08 -0.81
N GLY A 300 26.49 -4.09 -0.08
CA GLY A 300 26.55 -5.44 -0.60
C GLY A 300 25.95 -6.40 0.40
N THR A 301 26.46 -7.61 0.40
CA THR A 301 25.98 -8.64 1.30
C THR A 301 26.14 -8.19 2.75
N VAL A 302 25.12 -8.41 3.57
CA VAL A 302 25.19 -8.04 4.98
C VAL A 302 24.73 -9.22 5.82
N ILE A 303 25.07 -9.21 7.11
CA ILE A 303 24.65 -10.28 8.01
C ILE A 303 23.30 -9.88 8.59
N ASP A 304 22.23 -10.17 7.84
CA ASP A 304 20.87 -9.80 8.23
C ASP A 304 20.13 -10.68 9.24
N GLY A 305 20.67 -11.86 9.54
CA GLY A 305 20.00 -12.72 10.48
C GLY A 305 18.84 -13.47 9.81
N MET A 306 18.81 -13.45 8.48
CA MET A 306 17.77 -14.15 7.74
C MET A 306 18.43 -14.96 6.62
N LEU A 307 19.38 -14.36 5.90
CA LEU A 307 20.07 -15.05 4.83
C LEU A 307 21.41 -15.55 5.38
N LEU A 308 22.07 -14.71 6.17
CA LEU A 308 23.33 -15.07 6.82
C LEU A 308 23.11 -14.77 8.31
N LEU A 309 23.38 -15.76 9.16
CA LEU A 309 23.19 -15.57 10.58
C LEU A 309 24.45 -15.06 11.25
N LYS A 310 25.54 -15.06 10.50
CA LYS A 310 26.81 -14.55 10.98
C LYS A 310 27.76 -14.45 9.80
N THR A 311 28.97 -13.96 10.03
CA THR A 311 29.93 -13.81 8.95
C THR A 311 30.33 -15.12 8.31
N PRO A 312 30.69 -15.08 7.02
CA PRO A 312 31.11 -16.30 6.32
C PRO A 312 32.30 -16.86 7.10
N GLU A 313 33.12 -15.94 7.60
CA GLU A 313 34.31 -16.28 8.37
C GLU A 313 33.94 -17.11 9.60
N GLU A 314 32.71 -16.92 10.10
CA GLU A 314 32.22 -17.65 11.27
C GLU A 314 31.48 -18.92 10.89
N LEU A 315 30.63 -18.84 9.87
CA LEU A 315 29.85 -19.98 9.42
C LEU A 315 30.66 -21.15 8.87
N GLN A 316 31.80 -20.88 8.25
CA GLN A 316 32.63 -21.93 7.70
C GLN A 316 33.31 -22.74 8.80
N ALA A 317 33.92 -22.04 9.75
CA ALA A 317 34.57 -22.72 10.85
C ALA A 317 33.48 -23.18 11.82
N GLU A 318 32.47 -23.91 11.35
CA GLU A 318 31.46 -24.31 12.25
C GLU A 318 30.42 -25.41 11.88
N ARG A 319 29.23 -24.94 11.48
CA ARG A 319 28.02 -25.78 11.46
C ARG A 319 27.89 -26.94 10.57
N ASN A 320 27.25 -27.96 11.15
CA ASN A 320 26.97 -29.32 10.68
C ASN A 320 25.88 -29.37 9.59
N PHE A 321 25.82 -28.32 8.79
CA PHE A 321 24.84 -28.18 7.72
C PHE A 321 24.69 -29.31 6.71
N HIS A 322 23.96 -28.98 5.64
CA HIS A 322 23.67 -29.85 4.49
C HIS A 322 24.66 -29.43 3.38
N THR A 323 25.78 -30.13 3.31
CA THR A 323 26.82 -29.83 2.33
C THR A 323 26.52 -30.34 0.93
N VAL A 324 27.31 -29.89 -0.04
CA VAL A 324 27.15 -30.32 -1.42
C VAL A 324 28.48 -30.18 -2.13
N PRO A 325 28.70 -30.95 -3.19
CA PRO A 325 29.97 -30.86 -3.90
C PRO A 325 30.18 -29.39 -4.26
N TYR A 326 31.38 -28.88 -4.05
CA TYR A 326 31.66 -27.48 -4.32
C TYR A 326 32.93 -27.34 -5.17
N MET A 327 32.84 -26.58 -6.25
CA MET A 327 33.99 -26.34 -7.12
C MET A 327 34.36 -24.85 -7.01
N VAL A 328 35.59 -24.58 -6.58
CA VAL A 328 36.07 -23.20 -6.44
C VAL A 328 37.31 -22.98 -7.31
N GLY A 329 37.29 -21.94 -8.12
CA GLY A 329 38.43 -21.68 -8.97
C GLY A 329 38.76 -20.23 -9.21
N ILE A 330 40.00 -20.00 -9.63
CA ILE A 330 40.49 -18.66 -9.91
C ILE A 330 41.20 -18.69 -11.26
N ASN A 331 41.50 -17.51 -11.79
CA ASN A 331 42.21 -17.43 -13.06
C ASN A 331 43.67 -17.12 -12.74
N LYS A 332 44.53 -17.16 -13.74
CA LYS A 332 45.96 -16.91 -13.53
C LYS A 332 46.27 -15.48 -13.12
N GLN A 333 45.69 -14.51 -13.81
CA GLN A 333 45.89 -13.11 -13.52
C GLN A 333 44.55 -12.39 -13.31
N GLU A 334 44.01 -12.50 -12.09
CA GLU A 334 42.72 -11.88 -11.76
C GLU A 334 42.67 -10.36 -11.87
N PHE A 335 43.77 -9.69 -11.52
CA PHE A 335 43.82 -8.23 -11.59
C PHE A 335 44.73 -7.78 -12.73
N GLY A 336 44.88 -8.66 -13.72
CA GLY A 336 45.73 -8.38 -14.86
C GLY A 336 45.37 -7.23 -15.78
N TRP A 337 44.10 -6.97 -16.02
CA TRP A 337 43.72 -5.88 -16.91
C TRP A 337 42.27 -5.37 -16.78
N LEU A 338 41.31 -6.25 -17.08
CA LEU A 338 39.88 -5.91 -17.05
C LEU A 338 39.43 -5.08 -15.85
N ILE A 339 39.73 -5.55 -14.65
CA ILE A 339 39.33 -4.81 -13.46
C ILE A 339 40.04 -3.46 -13.39
N PRO A 340 41.38 -3.46 -13.31
CA PRO A 340 42.09 -2.17 -13.24
C PRO A 340 41.65 -1.18 -14.32
N MET A 341 41.39 -1.69 -15.52
CA MET A 341 40.96 -0.86 -16.64
C MET A 341 39.62 -0.18 -16.34
N LEU A 342 38.73 -0.91 -15.70
CA LEU A 342 37.40 -0.39 -15.37
C LEU A 342 37.37 0.49 -14.13
N MET A 343 38.33 0.32 -13.22
CA MET A 343 38.35 1.14 -12.02
C MET A 343 39.21 2.37 -12.25
N SER A 344 39.79 2.45 -13.44
CA SER A 344 40.66 3.55 -13.82
C SER A 344 41.81 3.61 -12.83
N TYR A 345 42.42 2.45 -12.62
CA TYR A 345 43.54 2.36 -11.70
C TYR A 345 44.68 3.15 -12.33
N PRO A 346 45.38 3.97 -11.54
CA PRO A 346 46.51 4.78 -12.00
C PRO A 346 47.77 4.00 -12.37
N LEU A 347 47.84 3.56 -13.62
CA LEU A 347 48.99 2.79 -14.11
C LEU A 347 49.29 3.14 -15.56
N SER A 348 49.25 4.43 -15.87
CA SER A 348 49.51 4.91 -17.22
C SER A 348 51.00 4.86 -17.57
N GLU A 349 51.83 4.63 -16.57
CA GLU A 349 53.29 4.56 -16.75
C GLU A 349 53.78 3.21 -17.25
N GLY A 350 53.16 2.14 -16.80
CA GLY A 350 53.59 0.82 -17.19
C GLY A 350 54.71 0.40 -16.27
N GLN A 351 54.94 1.22 -15.24
CA GLN A 351 55.99 0.97 -14.26
C GLN A 351 55.65 1.52 -12.89
N LEU A 352 56.19 0.88 -11.85
CA LEU A 352 55.96 1.29 -10.47
C LEU A 352 57.25 1.07 -9.67
N ASP A 353 57.31 1.66 -8.47
CA ASP A 353 58.50 1.52 -7.62
C ASP A 353 58.12 1.33 -6.15
N GLN A 354 58.95 0.59 -5.42
CA GLN A 354 58.76 0.30 -4.01
C GLN A 354 58.00 1.36 -3.22
N LYS A 355 58.27 2.63 -3.52
CA LYS A 355 57.59 3.71 -2.81
C LYS A 355 56.17 3.91 -3.34
N THR A 356 56.04 4.24 -4.62
CA THR A 356 54.72 4.44 -5.20
C THR A 356 53.83 3.25 -4.91
N ALA A 357 54.44 2.08 -4.83
CA ALA A 357 53.70 0.87 -4.54
C ALA A 357 52.95 1.04 -3.22
N MET A 358 53.72 1.23 -2.15
CA MET A 358 53.15 1.41 -0.83
C MET A 358 52.16 2.56 -0.78
N SER A 359 52.33 3.53 -1.67
CA SER A 359 51.42 4.67 -1.71
C SER A 359 50.09 4.16 -2.27
N LEU A 360 50.16 3.50 -3.43
CA LEU A 360 48.98 2.95 -4.09
C LEU A 360 48.29 1.91 -3.21
N LEU A 361 49.05 0.93 -2.75
CA LEU A 361 48.49 -0.12 -1.90
C LEU A 361 47.75 0.41 -0.67
N TRP A 362 48.10 1.60 -0.21
CA TRP A 362 47.42 2.19 0.95
C TRP A 362 46.12 2.85 0.51
N LYS A 363 46.13 3.45 -0.67
CA LYS A 363 44.95 4.11 -1.19
C LYS A 363 43.98 3.05 -1.72
N SER A 364 44.51 1.86 -1.99
CA SER A 364 43.72 0.75 -2.50
C SER A 364 42.99 0.04 -1.37
N TYR A 365 43.08 0.61 -0.17
CA TYR A 365 42.44 0.03 1.00
C TYR A 365 41.03 -0.49 0.75
N PRO A 366 40.15 0.34 0.15
CA PRO A 366 38.77 -0.10 -0.11
C PRO A 366 38.66 -1.31 -1.05
N LEU A 367 39.81 -1.92 -1.37
CA LEU A 367 39.85 -3.08 -2.24
C LEU A 367 40.63 -4.22 -1.62
N VAL A 368 41.67 -3.90 -0.86
CA VAL A 368 42.48 -4.92 -0.22
C VAL A 368 42.29 -4.96 1.29
N CYS A 369 42.04 -3.79 1.88
CA CYS A 369 41.83 -3.69 3.31
C CYS A 369 43.05 -4.15 4.10
N ILE A 370 44.18 -3.52 3.83
CA ILE A 370 45.42 -3.85 4.52
C ILE A 370 45.85 -2.63 5.33
N ALA A 371 46.15 -2.83 6.61
CA ALA A 371 46.58 -1.73 7.47
C ALA A 371 47.84 -1.08 6.91
N LYS A 372 47.96 0.23 7.12
CA LYS A 372 49.11 0.98 6.61
C LYS A 372 50.44 0.55 7.23
N GLU A 373 50.39 -0.04 8.43
CA GLU A 373 51.62 -0.47 9.08
C GLU A 373 52.07 -1.83 8.54
N LEU A 374 51.16 -2.49 7.83
CA LEU A 374 51.46 -3.80 7.24
C LEU A 374 52.02 -3.65 5.84
N ILE A 375 51.56 -2.63 5.13
CA ILE A 375 51.96 -2.34 3.75
C ILE A 375 53.41 -2.67 3.38
N PRO A 376 54.38 -2.05 4.10
CA PRO A 376 55.80 -2.31 3.81
C PRO A 376 56.17 -3.79 3.78
N GLU A 377 55.76 -4.52 4.81
CA GLU A 377 56.06 -5.94 4.91
C GLU A 377 55.47 -6.67 3.71
N ALA A 378 54.20 -6.38 3.41
CA ALA A 378 53.50 -6.99 2.28
C ALA A 378 54.13 -6.57 0.96
N THR A 379 54.23 -5.26 0.73
CA THR A 379 54.81 -4.71 -0.48
C THR A 379 56.17 -5.34 -0.77
N GLU A 380 57.00 -5.42 0.26
CA GLU A 380 58.34 -5.98 0.15
C GLU A 380 58.30 -7.43 -0.34
N LYS A 381 57.45 -8.25 0.28
CA LYS A 381 57.32 -9.65 -0.06
C LYS A 381 57.20 -9.90 -1.56
N TYR A 382 56.28 -9.18 -2.20
CA TYR A 382 56.07 -9.34 -3.64
C TYR A 382 57.06 -8.56 -4.49
N LEU A 383 57.09 -7.24 -4.30
CA LEU A 383 57.95 -6.36 -5.08
C LEU A 383 59.43 -6.40 -4.72
N GLY A 384 59.78 -7.06 -3.62
CA GLY A 384 61.17 -7.14 -3.20
C GLY A 384 61.98 -8.14 -4.00
N GLY A 385 61.41 -8.64 -5.08
CA GLY A 385 62.11 -9.60 -5.91
C GLY A 385 63.29 -8.95 -6.62
N THR A 386 62.98 -8.14 -7.62
CA THR A 386 64.01 -7.45 -8.38
C THR A 386 63.82 -5.93 -8.32
N ASP A 387 64.60 -5.21 -9.13
CA ASP A 387 64.54 -3.76 -9.15
C ASP A 387 63.87 -3.23 -10.42
N ASP A 388 63.50 -4.15 -11.31
CA ASP A 388 62.85 -3.76 -12.56
C ASP A 388 61.58 -2.99 -12.24
N THR A 389 61.40 -1.83 -12.88
CA THR A 389 60.21 -1.02 -12.64
C THR A 389 58.97 -1.62 -13.32
N VAL A 390 59.20 -2.59 -14.19
CA VAL A 390 58.13 -3.28 -14.90
C VAL A 390 57.74 -4.50 -14.08
N LYS A 391 58.70 -5.38 -13.82
CA LYS A 391 58.42 -6.58 -13.03
C LYS A 391 57.69 -6.21 -11.74
N LYS A 392 57.86 -4.96 -11.30
CA LYS A 392 57.20 -4.49 -10.10
C LYS A 392 55.72 -4.32 -10.41
N LYS A 393 55.41 -3.42 -11.35
CA LYS A 393 54.04 -3.17 -11.75
C LYS A 393 53.24 -4.47 -11.76
N ASP A 394 53.77 -5.48 -12.45
CA ASP A 394 53.11 -6.78 -12.57
C ASP A 394 52.98 -7.50 -11.24
N LEU A 395 54.08 -7.69 -10.52
CA LEU A 395 54.03 -8.37 -9.24
C LEU A 395 53.06 -7.67 -8.29
N PHE A 396 52.89 -6.36 -8.49
CA PHE A 396 51.98 -5.58 -7.68
C PHE A 396 50.56 -6.05 -7.95
N LEU A 397 50.33 -6.44 -9.21
CA LEU A 397 49.01 -6.94 -9.63
C LEU A 397 48.74 -8.31 -9.01
N ASP A 398 49.76 -9.15 -8.94
CA ASP A 398 49.59 -10.46 -8.34
C ASP A 398 49.27 -10.23 -6.87
N LEU A 399 49.83 -9.16 -6.33
CA LEU A 399 49.60 -8.81 -4.94
C LEU A 399 48.10 -8.67 -4.77
N ILE A 400 47.54 -7.68 -5.45
CA ILE A 400 46.11 -7.42 -5.38
C ILE A 400 45.28 -8.67 -5.64
N ALA A 401 45.51 -9.31 -6.78
CA ALA A 401 44.76 -10.52 -7.14
C ALA A 401 44.78 -11.63 -6.09
N ASP A 402 45.88 -11.74 -5.36
CA ASP A 402 45.99 -12.77 -4.32
C ASP A 402 45.12 -12.48 -3.11
N VAL A 403 45.05 -11.21 -2.75
CA VAL A 403 44.25 -10.77 -1.60
C VAL A 403 42.75 -10.81 -1.88
N MET A 404 42.37 -10.61 -3.14
CA MET A 404 40.96 -10.59 -3.54
C MET A 404 40.33 -11.92 -4.02
N PHE A 405 41.15 -12.85 -4.52
CA PHE A 405 40.63 -14.11 -5.02
C PHE A 405 41.43 -15.33 -4.60
N GLY A 406 42.70 -15.32 -4.97
CA GLY A 406 43.59 -16.42 -4.66
C GLY A 406 43.50 -17.00 -3.27
N VAL A 407 43.97 -16.25 -2.26
CA VAL A 407 43.96 -16.77 -0.91
C VAL A 407 42.58 -17.12 -0.36
N PRO A 408 41.60 -16.20 -0.48
CA PRO A 408 40.23 -16.43 0.00
C PRO A 408 39.65 -17.69 -0.60
N SER A 409 39.86 -17.86 -1.90
CA SER A 409 39.36 -19.02 -2.59
C SER A 409 39.87 -20.32 -1.99
N VAL A 410 41.18 -20.42 -1.79
CA VAL A 410 41.78 -21.64 -1.23
C VAL A 410 41.36 -21.90 0.22
N ILE A 411 41.24 -20.83 1.00
CA ILE A 411 40.83 -20.99 2.39
C ILE A 411 39.46 -21.64 2.38
N VAL A 412 38.57 -21.05 1.58
CA VAL A 412 37.20 -21.56 1.44
C VAL A 412 37.23 -23.04 1.04
N ALA A 413 37.99 -23.35 -0.01
CA ALA A 413 38.11 -24.73 -0.47
C ALA A 413 38.49 -25.64 0.69
N ARG A 414 39.56 -25.28 1.38
CA ARG A 414 40.03 -26.07 2.51
C ARG A 414 38.91 -26.22 3.51
N ASN A 415 38.33 -25.10 3.94
CA ASN A 415 37.25 -25.12 4.90
C ASN A 415 36.12 -26.06 4.49
N HIS A 416 35.82 -26.08 3.21
CA HIS A 416 34.75 -26.93 2.70
C HIS A 416 35.23 -28.37 2.75
N ARG A 417 36.44 -28.59 2.27
CA ARG A 417 37.03 -29.93 2.28
C ARG A 417 36.96 -30.49 3.70
N ASP A 418 37.50 -29.72 4.65
CA ASP A 418 37.53 -30.10 6.06
C ASP A 418 36.13 -30.36 6.62
N ALA A 419 35.14 -29.65 6.09
CA ALA A 419 33.77 -29.84 6.54
C ALA A 419 33.36 -31.27 6.18
N GLY A 420 34.07 -31.85 5.23
CA GLY A 420 33.80 -33.22 4.81
C GLY A 420 32.94 -33.38 3.57
N ALA A 421 32.96 -32.39 2.69
CA ALA A 421 32.16 -32.46 1.49
C ALA A 421 33.05 -32.39 0.26
N PRO A 422 32.69 -33.13 -0.80
CA PRO A 422 33.48 -33.13 -2.03
C PRO A 422 33.97 -31.72 -2.31
N THR A 423 35.19 -31.60 -2.81
CA THR A 423 35.73 -30.28 -3.11
C THR A 423 36.67 -30.36 -4.30
N TYR A 424 36.55 -29.41 -5.22
CA TYR A 424 37.39 -29.38 -6.40
C TYR A 424 37.89 -27.96 -6.62
N MET A 425 39.12 -27.83 -7.11
CA MET A 425 39.67 -26.53 -7.40
C MET A 425 40.29 -26.52 -8.80
N TYR A 426 40.46 -25.33 -9.36
CA TYR A 426 41.04 -25.20 -10.68
C TYR A 426 41.70 -23.84 -10.84
N GLU A 427 42.54 -23.71 -11.85
CA GLU A 427 43.20 -22.45 -12.13
C GLU A 427 43.24 -22.30 -13.65
N PHE A 428 42.45 -21.38 -14.17
CA PHE A 428 42.35 -21.14 -15.60
C PHE A 428 43.43 -20.18 -16.09
N GLN A 429 44.31 -20.68 -16.94
CA GLN A 429 45.41 -19.90 -17.50
C GLN A 429 45.41 -19.98 -19.02
N TYR A 430 44.68 -19.07 -19.65
CA TYR A 430 44.57 -19.02 -21.12
C TYR A 430 44.06 -17.66 -21.56
N ARG A 431 44.58 -17.15 -22.67
CA ARG A 431 44.15 -15.85 -23.19
C ARG A 431 43.17 -16.02 -24.34
N PRO A 432 41.86 -15.86 -24.07
CA PRO A 432 40.93 -16.03 -25.17
C PRO A 432 41.22 -15.10 -26.34
N SER A 433 40.80 -15.53 -27.53
CA SER A 433 41.00 -14.74 -28.74
C SER A 433 39.85 -13.75 -28.88
N PHE A 434 38.94 -13.76 -27.90
CA PHE A 434 37.80 -12.86 -27.93
C PHE A 434 38.02 -11.69 -26.99
N SER A 435 39.24 -11.57 -26.47
CA SER A 435 39.59 -10.50 -25.55
C SER A 435 39.56 -9.16 -26.30
N SER A 436 39.44 -8.07 -25.54
CA SER A 436 39.39 -6.73 -26.13
C SER A 436 40.75 -6.32 -26.69
N ASP A 437 40.73 -5.50 -27.72
CA ASP A 437 41.95 -5.02 -28.35
C ASP A 437 42.87 -4.33 -27.34
N MET A 438 42.31 -3.35 -26.63
CA MET A 438 43.05 -2.56 -25.64
C MET A 438 43.74 -3.39 -24.56
N LYS A 439 43.63 -4.71 -24.65
CA LYS A 439 44.22 -5.61 -23.67
C LYS A 439 45.59 -6.10 -24.09
N PRO A 440 46.63 -5.79 -23.31
CA PRO A 440 47.98 -6.25 -23.66
C PRO A 440 47.98 -7.76 -23.85
N LYS A 441 48.88 -8.25 -24.70
CA LYS A 441 48.94 -9.68 -24.96
C LYS A 441 49.67 -10.46 -23.89
N THR A 442 50.38 -9.75 -23.02
CA THR A 442 51.13 -10.42 -21.98
C THR A 442 50.21 -10.97 -20.89
N VAL A 443 48.94 -10.58 -20.92
CA VAL A 443 47.97 -11.04 -19.92
C VAL A 443 47.34 -12.38 -20.28
N ILE A 444 47.28 -13.28 -19.30
CA ILE A 444 46.70 -14.60 -19.48
C ILE A 444 45.87 -14.98 -18.27
N GLY A 445 44.63 -15.38 -18.51
CA GLY A 445 43.76 -15.75 -17.41
C GLY A 445 43.32 -14.52 -16.64
N ASP A 446 42.87 -13.51 -17.38
CA ASP A 446 42.40 -12.26 -16.81
C ASP A 446 41.04 -12.53 -16.18
N HIS A 447 40.50 -11.54 -15.48
CA HIS A 447 39.20 -11.70 -14.87
C HIS A 447 38.19 -11.94 -16.01
N GLY A 448 37.31 -12.93 -15.82
CA GLY A 448 36.30 -13.24 -16.81
C GLY A 448 36.72 -14.08 -18.01
N ASP A 449 38.00 -14.37 -18.13
CA ASP A 449 38.53 -15.14 -19.26
C ASP A 449 37.98 -16.55 -19.42
N GLU A 450 37.79 -17.25 -18.32
CA GLU A 450 37.28 -18.62 -18.41
C GLU A 450 35.82 -18.64 -18.83
N LEU A 451 35.20 -17.47 -18.91
CA LEU A 451 33.80 -17.38 -19.29
C LEU A 451 33.52 -17.79 -20.73
N PHE A 452 34.44 -17.47 -21.65
CA PHE A 452 34.24 -17.83 -23.04
C PHE A 452 34.28 -19.34 -23.25
N SER A 453 35.09 -20.03 -22.45
CA SER A 453 35.19 -21.47 -22.55
C SER A 453 33.96 -22.12 -21.92
N VAL A 454 33.58 -21.64 -20.73
CA VAL A 454 32.42 -22.19 -20.04
C VAL A 454 31.12 -22.13 -20.83
N PHE A 455 30.83 -20.98 -21.46
CA PHE A 455 29.62 -20.87 -22.25
C PHE A 455 29.89 -21.03 -23.74
N GLY A 456 30.91 -21.81 -24.07
CA GLY A 456 31.24 -22.05 -25.46
C GLY A 456 31.17 -20.88 -26.44
N ALA A 457 31.96 -19.84 -26.19
CA ALA A 457 31.98 -18.70 -27.09
C ALA A 457 32.49 -19.15 -28.46
N PRO A 458 33.49 -20.06 -28.48
CA PRO A 458 34.02 -20.54 -29.76
C PRO A 458 32.97 -21.07 -30.74
N PHE A 459 31.77 -21.38 -30.25
CA PHE A 459 30.72 -21.91 -31.11
C PHE A 459 29.66 -20.89 -31.52
N LEU A 460 29.83 -19.67 -31.05
CA LEU A 460 28.90 -18.60 -31.36
C LEU A 460 29.68 -17.50 -32.04
N LYS A 461 30.81 -17.13 -31.44
CA LYS A 461 31.66 -16.10 -31.99
C LYS A 461 32.42 -16.67 -33.18
N GLU A 462 33.32 -15.89 -33.77
CA GLU A 462 34.05 -16.39 -34.92
C GLU A 462 35.56 -16.33 -34.82
N GLY A 463 36.22 -17.25 -35.51
CA GLY A 463 37.67 -17.27 -35.52
C GLY A 463 38.35 -18.15 -34.51
N ALA A 464 37.60 -18.79 -33.64
CA ALA A 464 38.22 -19.65 -32.66
C ALA A 464 39.17 -20.66 -33.34
N SER A 465 40.35 -20.86 -32.76
CA SER A 465 41.31 -21.81 -33.29
C SER A 465 40.93 -23.18 -32.76
N GLU A 466 41.35 -24.23 -33.46
CA GLU A 466 41.03 -25.58 -33.04
C GLU A 466 41.39 -25.86 -31.59
N GLU A 467 42.42 -25.18 -31.10
CA GLU A 467 42.87 -25.35 -29.72
C GLU A 467 41.90 -24.70 -28.73
N GLU A 468 41.39 -23.53 -29.12
CA GLU A 468 40.46 -22.79 -28.27
C GLU A 468 39.11 -23.50 -28.29
N ILE A 469 38.76 -24.06 -29.45
CA ILE A 469 37.53 -24.79 -29.59
C ILE A 469 37.58 -25.95 -28.62
N ARG A 470 38.70 -26.67 -28.65
CA ARG A 470 38.90 -27.80 -27.78
C ARG A 470 38.87 -27.45 -26.32
N LEU A 471 39.53 -26.36 -25.94
CA LEU A 471 39.53 -25.98 -24.53
C LEU A 471 38.10 -25.79 -24.05
N SER A 472 37.24 -25.29 -24.91
CA SER A 472 35.86 -25.07 -24.55
C SER A 472 35.08 -26.39 -24.42
N LYS A 473 35.23 -27.28 -25.39
CA LYS A 473 34.53 -28.56 -25.33
C LYS A 473 34.88 -29.24 -24.02
N MET A 474 36.14 -29.14 -23.66
CA MET A 474 36.68 -29.74 -22.45
C MET A 474 36.05 -29.16 -21.19
N VAL A 475 36.23 -27.86 -20.98
CA VAL A 475 35.69 -27.20 -19.80
C VAL A 475 34.21 -27.50 -19.62
N MET A 476 33.44 -27.42 -20.69
CA MET A 476 32.03 -27.68 -20.61
C MET A 476 31.76 -29.11 -20.12
N LYS A 477 32.44 -30.10 -20.69
CA LYS A 477 32.25 -31.47 -20.24
C LYS A 477 32.46 -31.56 -18.74
N PHE A 478 33.56 -30.97 -18.27
CA PHE A 478 33.90 -30.96 -16.86
C PHE A 478 32.80 -30.35 -16.03
N TRP A 479 32.35 -29.15 -16.40
CA TRP A 479 31.28 -28.49 -15.68
C TRP A 479 30.06 -29.40 -15.68
N ALA A 480 29.55 -29.70 -16.86
CA ALA A 480 28.39 -30.57 -16.99
C ALA A 480 28.55 -31.86 -16.18
N ASN A 481 29.69 -32.53 -16.32
CA ASN A 481 29.93 -33.76 -15.57
C ASN A 481 29.70 -33.51 -14.09
N PHE A 482 30.30 -32.44 -13.60
CA PHE A 482 30.19 -32.07 -12.19
C PHE A 482 28.72 -31.86 -11.86
N ALA A 483 27.99 -31.28 -12.80
CA ALA A 483 26.57 -30.99 -12.63
C ALA A 483 25.70 -32.25 -12.63
N ARG A 484 26.22 -33.33 -13.19
CA ARG A 484 25.49 -34.59 -13.26
C ARG A 484 25.80 -35.44 -12.06
N ASN A 485 27.09 -35.61 -11.78
CA ASN A 485 27.52 -36.44 -10.66
C ASN A 485 28.10 -35.69 -9.49
N GLY A 486 28.65 -34.52 -9.73
CA GLY A 486 29.25 -33.80 -8.63
C GLY A 486 30.71 -34.22 -8.63
N ASN A 487 31.18 -34.60 -9.81
CA ASN A 487 32.55 -35.02 -10.05
C ASN A 487 32.84 -34.65 -11.50
N PRO A 488 33.83 -33.79 -11.73
CA PRO A 488 34.15 -33.40 -13.11
C PRO A 488 34.66 -34.50 -14.01
N ASN A 489 35.32 -35.49 -13.43
CA ASN A 489 35.89 -36.59 -14.22
C ASN A 489 34.87 -37.33 -15.07
N GLY A 490 35.34 -37.93 -16.15
CA GLY A 490 34.50 -38.66 -17.09
C GLY A 490 35.37 -39.04 -18.26
N GLU A 491 34.93 -39.99 -19.09
CA GLU A 491 35.76 -40.41 -20.21
C GLU A 491 36.08 -39.37 -21.27
N GLY A 492 37.37 -39.38 -21.67
CA GLY A 492 37.86 -38.46 -22.68
C GLY A 492 38.43 -37.20 -22.06
N LEU A 493 38.62 -37.21 -20.74
CA LEU A 493 39.14 -36.04 -20.06
C LEU A 493 40.31 -36.35 -19.16
N PRO A 494 41.20 -35.36 -18.97
CA PRO A 494 42.38 -35.52 -18.12
C PRO A 494 41.86 -35.76 -16.70
N HIS A 495 42.57 -36.52 -15.89
CA HIS A 495 42.09 -36.74 -14.54
C HIS A 495 42.20 -35.49 -13.68
N TRP A 496 41.08 -35.12 -13.08
CA TRP A 496 40.98 -33.97 -12.19
C TRP A 496 40.88 -34.55 -10.78
N PRO A 497 41.95 -34.42 -9.98
CA PRO A 497 41.97 -34.95 -8.62
C PRO A 497 41.09 -34.15 -7.67
N GLU A 498 40.64 -34.78 -6.60
CA GLU A 498 39.82 -34.04 -5.66
C GLU A 498 40.71 -33.14 -4.83
N TYR A 499 40.16 -32.04 -4.34
CA TYR A 499 40.94 -31.14 -3.51
C TYR A 499 40.83 -31.66 -2.08
N ASN A 500 41.55 -32.75 -1.82
CA ASN A 500 41.58 -33.38 -0.50
C ASN A 500 42.82 -32.91 0.23
N GLN A 501 43.37 -33.79 1.07
CA GLN A 501 44.56 -33.48 1.84
C GLN A 501 45.78 -33.09 1.00
N LYS A 502 46.01 -33.79 -0.10
CA LYS A 502 47.16 -33.47 -0.96
C LYS A 502 46.98 -32.13 -1.66
N GLU A 503 45.75 -31.60 -1.57
CA GLU A 503 45.42 -30.32 -2.19
C GLU A 503 45.61 -30.32 -3.70
N GLY A 504 45.23 -31.41 -4.34
CA GLY A 504 45.36 -31.50 -5.78
C GLY A 504 44.32 -30.64 -6.48
N TYR A 505 44.67 -30.12 -7.64
CA TYR A 505 43.74 -29.30 -8.39
C TYR A 505 44.09 -29.40 -9.87
N LEU A 506 43.22 -28.86 -10.73
CA LEU A 506 43.45 -28.93 -12.16
C LEU A 506 43.92 -27.62 -12.76
N GLN A 507 45.00 -27.69 -13.52
CA GLN A 507 45.54 -26.53 -14.20
C GLN A 507 44.91 -26.61 -15.58
N ILE A 508 44.05 -25.65 -15.91
CA ILE A 508 43.38 -25.68 -17.19
C ILE A 508 43.95 -24.68 -18.16
N GLY A 509 44.16 -25.13 -19.39
CA GLY A 509 44.71 -24.27 -20.41
C GLY A 509 45.08 -25.08 -21.64
N ALA A 510 45.88 -24.50 -22.53
CA ALA A 510 46.29 -25.18 -23.75
C ALA A 510 46.87 -26.54 -23.41
N ASN A 511 47.36 -26.67 -22.19
CA ASN A 511 47.91 -27.92 -21.68
C ASN A 511 47.34 -28.09 -20.28
N THR A 512 46.26 -28.85 -20.19
CA THR A 512 45.60 -29.09 -18.92
C THR A 512 46.15 -30.31 -18.17
N GLN A 513 46.53 -30.11 -16.90
CA GLN A 513 47.04 -31.19 -16.07
C GLN A 513 46.84 -30.86 -14.59
N ALA A 514 46.99 -31.87 -13.73
CA ALA A 514 46.81 -31.68 -12.30
C ALA A 514 48.05 -31.16 -11.62
N ALA A 515 47.84 -30.49 -10.49
CA ALA A 515 48.93 -29.93 -9.70
C ALA A 515 48.54 -30.02 -8.23
N GLN A 516 49.35 -29.41 -7.36
CA GLN A 516 49.06 -29.44 -5.93
C GLN A 516 49.42 -28.14 -5.23
N LYS A 517 48.75 -27.90 -4.10
CA LYS A 517 48.98 -26.73 -3.27
C LYS A 517 48.81 -25.35 -3.91
N LEU A 518 47.70 -25.15 -4.60
CA LEU A 518 47.43 -23.86 -5.24
C LEU A 518 47.50 -22.72 -4.21
N LYS A 519 48.32 -21.71 -4.51
CA LYS A 519 48.47 -20.53 -3.65
C LYS A 519 48.90 -20.83 -2.20
N ASP A 520 49.26 -22.07 -1.94
CA ASP A 520 49.65 -22.50 -0.60
C ASP A 520 50.59 -21.52 0.11
N LYS A 521 51.61 -21.07 -0.62
CA LYS A 521 52.60 -20.12 -0.10
C LYS A 521 51.97 -18.80 0.35
N GLU A 522 51.15 -18.23 -0.52
CA GLU A 522 50.47 -16.96 -0.25
C GLU A 522 49.50 -17.08 0.92
N VAL A 523 48.62 -18.08 0.86
CA VAL A 523 47.65 -18.29 1.93
C VAL A 523 48.38 -18.12 3.25
N ALA A 524 49.49 -18.84 3.39
CA ALA A 524 50.30 -18.81 4.60
C ALA A 524 50.79 -17.41 4.94
N PHE A 525 51.49 -16.78 4.01
CA PHE A 525 52.01 -15.45 4.22
C PHE A 525 50.93 -14.47 4.68
N TRP A 526 49.81 -14.46 3.96
CA TRP A 526 48.73 -13.54 4.30
C TRP A 526 47.95 -13.84 5.57
N THR A 527 48.07 -15.08 6.07
CA THR A 527 47.37 -15.46 7.29
C THR A 527 48.07 -14.82 8.49
N ASN A 528 49.40 -14.80 8.46
CA ASN A 528 50.19 -14.21 9.53
C ASN A 528 50.12 -12.68 9.45
N LEU A 529 50.46 -12.14 8.27
CA LEU A 529 50.43 -10.70 8.07
C LEU A 529 49.10 -10.10 8.52
N PHE A 530 47.99 -10.74 8.18
CA PHE A 530 46.68 -10.25 8.57
C PHE A 530 46.39 -10.45 10.06
N ALA A 531 47.15 -11.35 10.69
CA ALA A 531 46.97 -11.59 12.12
C ALA A 531 47.84 -10.56 12.87
N LYS A 532 47.93 -9.36 12.31
CA LYS A 532 48.72 -8.27 12.87
C LYS A 532 50.10 -8.73 13.36
N SER B 1 -43.45 10.65 10.35
CA SER B 1 -42.91 9.38 9.88
C SER B 1 -41.47 9.22 10.37
N SER B 2 -41.18 8.08 11.02
CA SER B 2 -39.83 7.82 11.51
C SER B 2 -39.05 7.13 10.38
N PRO B 3 -37.91 7.71 9.97
CA PRO B 3 -37.05 7.19 8.91
C PRO B 3 -36.87 5.69 8.91
N PRO B 4 -36.91 5.06 7.72
CA PRO B 4 -36.75 3.61 7.63
C PRO B 4 -35.29 3.24 7.95
N VAL B 5 -35.09 2.39 8.95
CA VAL B 5 -33.73 1.98 9.28
C VAL B 5 -33.58 0.50 9.06
N VAL B 6 -32.68 0.13 8.15
CA VAL B 6 -32.44 -1.26 7.84
C VAL B 6 -31.09 -1.74 8.32
N ASP B 7 -31.07 -3.00 8.74
CA ASP B 7 -29.86 -3.63 9.24
C ASP B 7 -29.23 -4.47 8.13
N THR B 8 -27.99 -4.16 7.78
CA THR B 8 -27.29 -4.92 6.75
C THR B 8 -26.04 -5.50 7.39
N VAL B 9 -25.44 -6.48 6.74
CA VAL B 9 -24.23 -7.13 7.26
C VAL B 9 -23.21 -6.12 7.79
N HIS B 10 -22.86 -5.15 6.95
CA HIS B 10 -21.89 -4.14 7.31
C HIS B 10 -22.40 -3.12 8.33
N GLY B 11 -23.69 -3.16 8.63
CA GLY B 11 -24.24 -2.22 9.60
C GLY B 11 -25.59 -1.67 9.19
N LYS B 12 -26.10 -0.72 9.97
CA LYS B 12 -27.41 -0.11 9.74
C LYS B 12 -27.40 1.06 8.75
N VAL B 13 -28.53 1.20 8.05
CA VAL B 13 -28.71 2.28 7.08
C VAL B 13 -29.99 3.02 7.40
N LEU B 14 -29.94 4.34 7.24
CA LEU B 14 -31.08 5.21 7.49
C LEU B 14 -31.49 5.81 6.16
N GLY B 15 -32.78 5.71 5.84
CA GLY B 15 -33.28 6.27 4.59
C GLY B 15 -34.41 7.24 4.85
N LYS B 16 -35.21 7.50 3.82
CA LYS B 16 -36.35 8.40 3.97
C LYS B 16 -37.55 7.76 3.29
N PHE B 17 -38.75 8.11 3.74
CA PHE B 17 -39.98 7.59 3.15
C PHE B 17 -40.52 8.59 2.13
N VAL B 18 -40.94 8.08 0.97
CA VAL B 18 -41.51 8.93 -0.06
C VAL B 18 -42.78 8.26 -0.53
N SER B 19 -43.90 8.97 -0.48
CA SER B 19 -45.19 8.42 -0.92
C SER B 19 -45.47 8.84 -2.35
N LEU B 20 -46.14 7.98 -3.09
CA LEU B 20 -46.45 8.31 -4.47
C LEU B 20 -47.95 8.39 -4.68
N GLU B 21 -48.35 9.39 -5.46
CA GLU B 21 -49.73 9.64 -5.79
C GLU B 21 -50.48 8.32 -6.05
N GLY B 22 -51.43 8.02 -5.19
CA GLY B 22 -52.23 6.81 -5.37
C GLY B 22 -51.74 5.54 -4.69
N PHE B 23 -50.84 5.67 -3.72
CA PHE B 23 -50.35 4.48 -3.01
C PHE B 23 -50.26 4.67 -1.50
N ALA B 24 -50.92 3.75 -0.79
CA ALA B 24 -50.97 3.77 0.67
C ALA B 24 -49.59 3.72 1.33
N GLN B 25 -48.86 2.66 1.02
CA GLN B 25 -47.54 2.41 1.57
C GLN B 25 -46.42 3.27 0.94
N PRO B 26 -45.83 4.18 1.73
CA PRO B 26 -44.78 5.01 1.16
C PRO B 26 -43.57 4.12 0.86
N VAL B 27 -42.83 4.48 -0.19
CA VAL B 27 -41.67 3.70 -0.57
C VAL B 27 -40.45 4.11 0.25
N ALA B 28 -39.71 3.12 0.74
CA ALA B 28 -38.51 3.38 1.53
C ALA B 28 -37.36 3.54 0.53
N ILE B 29 -36.66 4.66 0.60
CA ILE B 29 -35.56 4.92 -0.33
C ILE B 29 -34.20 5.03 0.36
N PHE B 30 -33.16 4.53 -0.29
CA PHE B 30 -31.81 4.60 0.26
C PHE B 30 -30.83 5.07 -0.82
N LEU B 31 -30.05 6.09 -0.49
CA LEU B 31 -29.09 6.64 -1.46
C LEU B 31 -27.63 6.55 -1.03
N GLY B 32 -26.79 6.05 -1.91
CA GLY B 32 -25.37 5.95 -1.61
C GLY B 32 -24.94 4.92 -0.59
N ILE B 33 -25.44 3.71 -0.74
CA ILE B 33 -25.04 2.63 0.16
C ILE B 33 -23.84 2.03 -0.51
N PRO B 34 -22.70 1.97 0.19
CA PRO B 34 -21.48 1.40 -0.39
C PRO B 34 -21.57 -0.12 -0.52
N PHE B 35 -21.16 -0.65 -1.67
CA PHE B 35 -21.19 -2.11 -1.85
C PHE B 35 -19.78 -2.64 -2.06
N ALA B 36 -18.82 -1.72 -2.11
CA ALA B 36 -17.42 -2.08 -2.28
C ALA B 36 -16.55 -1.05 -1.58
N LYS B 37 -15.29 -1.39 -1.37
CA LYS B 37 -14.34 -0.48 -0.76
C LYS B 37 -13.91 0.49 -1.85
N PRO B 38 -13.79 1.79 -1.52
CA PRO B 38 -13.39 2.85 -2.46
C PRO B 38 -12.12 2.48 -3.22
N PRO B 39 -12.19 2.39 -4.57
CA PRO B 39 -11.05 2.03 -5.42
C PRO B 39 -10.00 3.11 -5.60
N LEU B 40 -9.39 3.53 -4.49
CA LEU B 40 -8.37 4.57 -4.53
C LEU B 40 -6.94 4.06 -4.37
N GLY B 41 -5.99 4.94 -4.67
CA GLY B 41 -4.61 4.57 -4.55
C GLY B 41 -4.30 3.25 -5.23
N PRO B 42 -3.67 2.31 -4.52
CA PRO B 42 -3.30 1.00 -5.05
C PRO B 42 -4.46 0.10 -5.50
N LEU B 43 -5.69 0.52 -5.21
CA LEU B 43 -6.87 -0.25 -5.60
C LEU B 43 -7.37 0.06 -7.01
N ARG B 44 -6.76 1.05 -7.64
CA ARG B 44 -7.08 1.45 -8.99
C ARG B 44 -6.58 0.34 -9.95
N PHE B 45 -7.44 -0.06 -10.89
CA PHE B 45 -7.14 -1.10 -11.86
C PHE B 45 -7.01 -2.46 -11.20
N THR B 46 -7.91 -2.76 -10.27
CA THR B 46 -7.89 -4.04 -9.57
C THR B 46 -9.34 -4.37 -9.27
N PRO B 47 -9.63 -5.64 -8.92
CA PRO B 47 -11.00 -6.04 -8.60
C PRO B 47 -11.54 -5.38 -7.34
N PRO B 48 -12.83 -5.04 -7.31
CA PRO B 48 -13.43 -4.39 -6.14
C PRO B 48 -13.43 -5.24 -4.88
N GLN B 49 -13.08 -4.60 -3.77
CA GLN B 49 -13.05 -5.30 -2.51
C GLN B 49 -14.23 -4.98 -1.62
N PRO B 50 -14.52 -5.86 -0.67
CA PRO B 50 -15.64 -5.66 0.26
C PRO B 50 -15.57 -4.31 0.96
N ALA B 51 -16.73 -3.77 1.29
CA ALA B 51 -16.81 -2.50 1.98
C ALA B 51 -16.47 -2.71 3.47
N GLU B 52 -15.84 -1.72 4.08
CA GLU B 52 -15.50 -1.81 5.50
C GLU B 52 -16.78 -1.55 6.28
N PRO B 53 -17.08 -2.37 7.28
CA PRO B 53 -18.28 -2.23 8.11
C PRO B 53 -18.30 -0.94 8.92
N TRP B 54 -19.49 -0.39 9.18
CA TRP B 54 -19.59 0.85 9.95
C TRP B 54 -20.17 0.71 11.36
N SER B 55 -19.59 1.47 12.28
CA SER B 55 -19.97 1.44 13.69
C SER B 55 -21.38 1.83 14.12
N PHE B 56 -21.92 2.93 13.61
CA PHE B 56 -23.26 3.30 14.06
C PHE B 56 -24.32 3.19 12.97
N VAL B 57 -25.15 4.23 12.85
CA VAL B 57 -26.20 4.24 11.83
C VAL B 57 -25.75 5.14 10.69
N LYS B 58 -25.64 4.58 9.49
CA LYS B 58 -25.22 5.34 8.30
C LYS B 58 -26.41 5.95 7.56
N ASN B 59 -26.35 7.26 7.34
CA ASN B 59 -27.43 7.98 6.65
C ASN B 59 -27.40 7.83 5.14
N ALA B 60 -28.04 6.81 4.60
CA ALA B 60 -28.06 6.66 3.15
C ALA B 60 -29.11 7.64 2.66
N THR B 61 -28.76 8.92 2.68
CA THR B 61 -29.71 9.96 2.27
C THR B 61 -29.16 11.05 1.38
N SER B 62 -28.09 10.77 0.65
CA SER B 62 -27.50 11.74 -0.26
C SER B 62 -27.03 11.06 -1.53
N TYR B 63 -27.51 11.54 -2.66
CA TYR B 63 -27.10 10.97 -3.92
C TYR B 63 -25.58 10.89 -3.94
N PRO B 64 -25.04 9.71 -4.27
CA PRO B 64 -23.59 9.52 -4.31
C PRO B 64 -22.99 10.09 -5.60
N PRO B 65 -21.67 10.29 -5.60
CA PRO B 65 -20.96 10.83 -6.76
C PRO B 65 -21.04 9.85 -7.92
N MET B 66 -20.94 10.37 -9.14
CA MET B 66 -20.93 9.50 -10.32
C MET B 66 -19.45 9.35 -10.66
N CYS B 67 -19.02 8.13 -10.99
CA CYS B 67 -17.62 7.89 -11.32
C CYS B 67 -17.03 8.92 -12.26
N THR B 68 -15.75 9.23 -12.08
CA THR B 68 -15.09 10.23 -12.92
C THR B 68 -15.34 9.98 -14.39
N GLN B 69 -15.82 10.99 -15.08
CA GLN B 69 -16.14 10.93 -16.50
C GLN B 69 -16.13 12.35 -17.01
N ASP B 70 -16.47 12.54 -18.28
CA ASP B 70 -16.53 13.89 -18.83
C ASP B 70 -17.75 14.49 -18.17
N PRO B 71 -17.57 15.44 -17.25
CA PRO B 71 -18.65 16.11 -16.52
C PRO B 71 -19.70 16.75 -17.42
N LYS B 72 -19.22 17.35 -18.50
CA LYS B 72 -20.07 18.00 -19.47
C LYS B 72 -20.92 16.91 -20.15
N ALA B 73 -20.24 15.96 -20.77
CA ALA B 73 -20.89 14.85 -21.44
C ALA B 73 -21.77 14.06 -20.47
N GLY B 74 -21.25 13.84 -19.26
CA GLY B 74 -21.99 13.12 -18.26
C GLY B 74 -23.31 13.79 -17.90
N GLN B 75 -23.26 15.05 -17.46
CA GLN B 75 -24.48 15.75 -17.09
C GLN B 75 -25.52 15.77 -18.21
N LEU B 76 -25.08 15.87 -19.45
CA LEU B 76 -25.99 15.91 -20.58
C LEU B 76 -26.83 14.65 -20.73
N LEU B 77 -26.16 13.49 -20.76
CA LEU B 77 -26.85 12.23 -20.89
C LEU B 77 -27.79 12.03 -19.71
N SER B 78 -27.38 12.51 -18.53
CA SER B 78 -28.20 12.38 -17.34
C SER B 78 -29.52 13.12 -17.57
N GLU B 79 -29.42 14.31 -18.16
CA GLU B 79 -30.59 15.12 -18.44
C GLU B 79 -31.50 14.43 -19.46
N LEU B 80 -30.95 14.06 -20.61
CA LEU B 80 -31.71 13.41 -21.66
C LEU B 80 -32.39 12.10 -21.23
N PHE B 81 -31.69 11.28 -20.45
CA PHE B 81 -32.23 9.99 -20.00
C PHE B 81 -33.02 10.04 -18.68
N THR B 82 -32.76 11.00 -17.81
CA THR B 82 -33.47 11.00 -16.54
C THR B 82 -34.97 10.86 -16.70
N ASN B 83 -35.64 10.38 -15.67
CA ASN B 83 -37.07 10.21 -15.72
C ASN B 83 -37.75 11.04 -14.64
N ARG B 84 -36.94 11.71 -13.82
CA ARG B 84 -37.48 12.53 -12.76
C ARG B 84 -37.76 13.95 -13.28
N LYS B 85 -38.64 14.66 -12.59
CA LYS B 85 -39.03 16.03 -12.92
C LYS B 85 -37.84 16.92 -13.22
N GLU B 86 -37.04 17.12 -12.19
CA GLU B 86 -35.86 17.95 -12.25
C GLU B 86 -34.65 17.03 -12.32
N ASN B 87 -33.65 17.39 -13.12
CA ASN B 87 -32.47 16.56 -13.20
C ASN B 87 -31.60 16.86 -11.99
N ILE B 88 -30.95 15.83 -11.46
CA ILE B 88 -30.09 15.98 -10.29
C ILE B 88 -28.62 16.09 -10.68
N PRO B 89 -28.02 17.26 -10.43
CA PRO B 89 -26.61 17.44 -10.77
C PRO B 89 -25.75 16.55 -9.88
N LEU B 90 -24.66 16.04 -10.42
CA LEU B 90 -23.82 15.16 -9.66
C LEU B 90 -22.34 15.52 -9.68
N LYS B 91 -21.65 15.08 -8.63
CA LYS B 91 -20.23 15.33 -8.49
C LYS B 91 -19.42 14.12 -8.98
N LEU B 92 -18.18 14.36 -9.38
CA LEU B 92 -17.31 13.29 -9.85
C LEU B 92 -16.47 12.78 -8.72
N SER B 93 -16.00 11.55 -8.86
CA SER B 93 -15.14 10.96 -7.85
C SER B 93 -14.82 9.52 -8.16
N GLU B 94 -13.61 9.12 -7.80
CA GLU B 94 -13.19 7.74 -7.99
C GLU B 94 -13.98 6.94 -6.97
N ASP B 95 -14.39 7.63 -5.91
CA ASP B 95 -15.18 7.07 -4.82
C ASP B 95 -16.62 7.11 -5.28
N CYS B 96 -17.02 6.09 -6.05
CA CYS B 96 -18.36 6.04 -6.64
C CYS B 96 -19.05 4.69 -6.62
N LEU B 97 -18.40 3.66 -6.08
CA LEU B 97 -19.02 2.35 -6.05
C LEU B 97 -20.17 2.26 -5.04
N TYR B 98 -21.29 2.89 -5.39
CA TYR B 98 -22.48 2.90 -4.54
C TYR B 98 -23.70 2.38 -5.31
N LEU B 99 -24.80 2.16 -4.60
CA LEU B 99 -26.04 1.71 -5.20
C LEU B 99 -27.22 2.31 -4.45
N ASN B 100 -28.29 2.60 -5.19
CA ASN B 100 -29.50 3.16 -4.58
C ASN B 100 -30.57 2.09 -4.52
N ILE B 101 -31.40 2.13 -3.49
CA ILE B 101 -32.47 1.14 -3.33
C ILE B 101 -33.85 1.80 -3.15
N TYR B 102 -34.84 1.23 -3.82
CA TYR B 102 -36.20 1.71 -3.75
C TYR B 102 -37.07 0.51 -3.42
N THR B 103 -37.46 0.38 -2.15
CA THR B 103 -38.29 -0.73 -1.74
C THR B 103 -39.69 -0.25 -1.34
N PRO B 104 -40.71 -0.93 -1.87
CA PRO B 104 -42.08 -0.54 -1.53
C PRO B 104 -42.58 -1.40 -0.37
N ALA B 105 -41.82 -2.45 -0.06
CA ALA B 105 -42.17 -3.39 1.00
C ALA B 105 -42.37 -2.74 2.35
N ASP B 106 -43.13 -3.40 3.20
CA ASP B 106 -43.39 -2.93 4.55
C ASP B 106 -42.31 -3.58 5.42
N LEU B 107 -41.20 -2.87 5.56
CA LEU B 107 -40.05 -3.34 6.32
C LEU B 107 -40.39 -3.90 7.70
N THR B 108 -41.54 -3.48 8.22
CA THR B 108 -41.99 -3.93 9.54
C THR B 108 -42.18 -5.44 9.60
N LYS B 109 -42.41 -6.06 8.45
CA LYS B 109 -42.60 -7.50 8.38
C LYS B 109 -41.74 -8.13 7.28
N LYS B 110 -41.74 -9.45 7.23
CA LYS B 110 -40.96 -10.19 6.26
C LYS B 110 -41.55 -10.00 4.85
N ASN B 111 -40.68 -9.89 3.86
CA ASN B 111 -41.10 -9.72 2.48
C ASN B 111 -40.04 -10.25 1.55
N ARG B 112 -40.47 -10.87 0.47
CA ARG B 112 -39.55 -11.40 -0.52
C ARG B 112 -40.04 -11.02 -1.90
N LEU B 113 -39.97 -9.72 -2.18
CA LEU B 113 -40.42 -9.18 -3.46
C LEU B 113 -39.36 -9.34 -4.53
N PRO B 114 -39.79 -9.58 -5.78
CA PRO B 114 -38.77 -9.72 -6.82
C PRO B 114 -37.90 -8.45 -6.87
N VAL B 115 -36.62 -8.63 -7.14
CA VAL B 115 -35.68 -7.51 -7.21
C VAL B 115 -35.25 -7.25 -8.64
N MET B 116 -35.16 -5.99 -9.01
CA MET B 116 -34.73 -5.61 -10.35
C MET B 116 -33.54 -4.68 -10.25
N VAL B 117 -32.37 -5.18 -10.65
CA VAL B 117 -31.13 -4.39 -10.59
C VAL B 117 -30.85 -3.75 -11.95
N TRP B 118 -30.72 -2.43 -11.96
CA TRP B 118 -30.50 -1.66 -13.19
C TRP B 118 -29.06 -1.22 -13.41
N ILE B 119 -28.58 -1.39 -14.64
CA ILE B 119 -27.22 -1.00 -15.01
C ILE B 119 -27.35 0.06 -16.09
N HIS B 120 -27.02 1.30 -15.75
CA HIS B 120 -27.15 2.40 -16.70
C HIS B 120 -26.22 2.30 -17.89
N GLY B 121 -26.60 2.99 -18.96
CA GLY B 121 -25.81 3.01 -20.18
C GLY B 121 -24.91 4.23 -20.18
N GLY B 122 -24.27 4.50 -21.32
CA GLY B 122 -23.37 5.63 -21.40
C GLY B 122 -22.06 5.17 -22.01
N GLY B 123 -22.14 4.06 -22.75
CA GLY B 123 -20.97 3.51 -23.41
C GLY B 123 -19.77 3.21 -22.55
N LEU B 124 -19.99 2.96 -21.27
CA LEU B 124 -18.90 2.65 -20.34
C LEU B 124 -17.95 3.82 -20.14
N MET B 125 -18.31 4.99 -20.67
CA MET B 125 -17.48 6.19 -20.56
C MET B 125 -18.11 7.24 -19.65
N VAL B 126 -19.45 7.20 -19.54
CA VAL B 126 -20.17 8.15 -18.72
C VAL B 126 -21.46 7.52 -18.16
N GLY B 127 -22.14 8.24 -17.29
CA GLY B 127 -23.37 7.72 -16.73
C GLY B 127 -23.39 7.64 -15.22
N ALA B 128 -24.58 7.46 -14.65
CA ALA B 128 -24.69 7.36 -13.21
C ALA B 128 -25.97 6.64 -12.85
N ALA B 129 -26.08 6.19 -11.60
CA ALA B 129 -27.26 5.48 -11.16
C ALA B 129 -28.37 6.43 -10.74
N SER B 130 -27.99 7.53 -10.12
CA SER B 130 -28.95 8.52 -9.64
C SER B 130 -29.81 9.12 -10.75
N THR B 131 -29.43 8.91 -12.00
CA THR B 131 -30.18 9.44 -13.15
C THR B 131 -31.57 8.79 -13.23
N TYR B 132 -31.68 7.58 -12.68
CA TYR B 132 -32.94 6.85 -12.73
C TYR B 132 -33.60 6.70 -11.36
N ASP B 133 -34.79 7.26 -11.22
CA ASP B 133 -35.52 7.18 -9.97
C ASP B 133 -36.43 5.96 -10.04
N GLY B 134 -36.22 5.02 -9.13
CA GLY B 134 -37.03 3.80 -9.13
C GLY B 134 -38.30 3.91 -8.30
N LEU B 135 -38.78 5.13 -8.09
CA LEU B 135 -39.97 5.34 -7.28
C LEU B 135 -41.23 4.74 -7.87
N ALA B 136 -41.60 5.18 -9.07
CA ALA B 136 -42.79 4.69 -9.75
C ALA B 136 -42.80 3.19 -9.92
N LEU B 137 -41.73 2.67 -10.50
CA LEU B 137 -41.59 1.24 -10.75
C LEU B 137 -41.87 0.41 -9.50
N ALA B 138 -41.23 0.78 -8.40
CA ALA B 138 -41.40 0.07 -7.13
C ALA B 138 -42.84 0.07 -6.65
N ALA B 139 -43.46 1.26 -6.60
CA ALA B 139 -44.82 1.41 -6.14
C ALA B 139 -45.84 0.78 -7.10
N HIS B 140 -45.70 1.10 -8.38
CA HIS B 140 -46.59 0.59 -9.41
C HIS B 140 -46.58 -0.92 -9.63
N GLU B 141 -45.42 -1.57 -9.48
CA GLU B 141 -45.34 -3.02 -9.72
C GLU B 141 -44.85 -3.83 -8.54
N ASN B 142 -44.81 -3.21 -7.37
CA ASN B 142 -44.37 -3.86 -6.16
C ASN B 142 -43.10 -4.71 -6.31
N VAL B 143 -42.01 -4.04 -6.71
CA VAL B 143 -40.73 -4.71 -6.88
C VAL B 143 -39.68 -3.83 -6.21
N VAL B 144 -38.55 -4.43 -5.86
CA VAL B 144 -37.46 -3.67 -5.25
C VAL B 144 -36.53 -3.21 -6.37
N VAL B 145 -36.45 -1.90 -6.60
CA VAL B 145 -35.59 -1.39 -7.66
C VAL B 145 -34.23 -0.96 -7.12
N VAL B 146 -33.17 -1.52 -7.68
CA VAL B 146 -31.83 -1.20 -7.25
C VAL B 146 -30.99 -0.65 -8.41
N THR B 147 -30.51 0.59 -8.29
CA THR B 147 -29.67 1.17 -9.33
C THR B 147 -28.23 1.17 -8.84
N ILE B 148 -27.35 0.53 -9.62
CA ILE B 148 -25.95 0.41 -9.25
C ILE B 148 -25.02 1.24 -10.12
N GLN B 149 -23.85 1.57 -9.57
CA GLN B 149 -22.85 2.32 -10.32
C GLN B 149 -21.60 1.48 -10.48
N TYR B 150 -20.84 1.73 -11.52
CA TYR B 150 -19.62 0.97 -11.79
C TYR B 150 -18.55 1.84 -12.43
N ARG B 151 -17.29 1.44 -12.27
CA ARG B 151 -16.17 2.19 -12.82
C ARG B 151 -16.22 2.37 -14.32
N LEU B 152 -16.02 3.61 -14.75
CA LEU B 152 -16.07 3.94 -16.17
C LEU B 152 -14.71 4.33 -16.73
N GLY B 153 -14.65 4.43 -18.06
CA GLY B 153 -13.43 4.83 -18.75
C GLY B 153 -12.16 4.10 -18.36
N ILE B 154 -11.07 4.84 -18.22
CA ILE B 154 -9.78 4.27 -17.85
C ILE B 154 -9.89 3.48 -16.54
N TRP B 155 -10.54 4.10 -15.57
CA TRP B 155 -10.72 3.48 -14.26
C TRP B 155 -11.36 2.09 -14.25
N GLY B 156 -12.24 1.82 -15.21
CA GLY B 156 -12.88 0.52 -15.20
C GLY B 156 -12.56 -0.42 -16.35
N PHE B 157 -11.83 0.07 -17.35
CA PHE B 157 -11.53 -0.78 -18.49
C PHE B 157 -10.11 -0.72 -19.06
N PHE B 158 -9.22 -0.01 -18.40
CA PHE B 158 -7.84 0.02 -18.87
C PHE B 158 -7.28 -1.40 -18.78
N SER B 159 -6.66 -1.86 -19.86
CA SER B 159 -6.12 -3.21 -19.86
C SER B 159 -4.81 -3.33 -20.61
N THR B 160 -3.87 -4.04 -20.01
CA THR B 160 -2.57 -4.25 -20.62
C THR B 160 -2.58 -5.57 -21.36
N GLY B 161 -3.72 -6.27 -21.29
CA GLY B 161 -3.84 -7.55 -21.95
C GLY B 161 -3.08 -8.68 -21.28
N ASP B 162 -2.62 -8.44 -20.05
CA ASP B 162 -1.92 -9.47 -19.30
C ASP B 162 -2.30 -9.45 -17.82
N GLU B 163 -1.62 -10.25 -17.01
CA GLU B 163 -1.95 -10.35 -15.59
C GLU B 163 -1.67 -9.11 -14.74
N HIS B 164 -1.07 -8.06 -15.32
CA HIS B 164 -0.78 -6.86 -14.55
C HIS B 164 -1.95 -5.91 -14.49
N SER B 165 -2.90 -6.09 -15.40
CA SER B 165 -4.09 -5.26 -15.47
C SER B 165 -5.04 -5.90 -16.50
N ARG B 166 -5.58 -7.07 -16.16
CA ARG B 166 -6.49 -7.76 -17.06
C ARG B 166 -7.53 -6.85 -17.68
N GLY B 167 -8.16 -6.05 -16.83
CA GLY B 167 -9.20 -5.12 -17.29
C GLY B 167 -10.56 -5.52 -16.77
N ASN B 168 -11.61 -4.96 -17.37
CA ASN B 168 -13.00 -5.24 -17.00
C ASN B 168 -13.34 -4.97 -15.54
N TRP B 169 -12.72 -3.96 -14.96
CA TRP B 169 -12.98 -3.64 -13.56
C TRP B 169 -14.41 -3.19 -13.42
N GLY B 170 -14.88 -2.41 -14.40
CA GLY B 170 -16.24 -1.94 -14.37
C GLY B 170 -17.21 -3.10 -14.25
N HIS B 171 -17.01 -4.12 -15.08
CA HIS B 171 -17.86 -5.31 -15.08
C HIS B 171 -17.75 -6.09 -13.78
N LEU B 172 -16.56 -6.09 -13.19
CA LEU B 172 -16.35 -6.81 -11.94
C LEU B 172 -17.11 -6.11 -10.82
N ASP B 173 -17.29 -4.79 -10.99
CA ASP B 173 -18.03 -3.99 -10.01
C ASP B 173 -19.50 -4.38 -10.07
N GLN B 174 -19.98 -4.69 -11.27
CA GLN B 174 -21.37 -5.10 -11.46
C GLN B 174 -21.61 -6.43 -10.73
N VAL B 175 -20.69 -7.36 -10.92
CA VAL B 175 -20.79 -8.66 -10.27
C VAL B 175 -20.61 -8.50 -8.76
N ALA B 176 -19.89 -7.46 -8.37
CA ALA B 176 -19.65 -7.21 -6.96
C ALA B 176 -20.92 -6.64 -6.35
N ALA B 177 -21.60 -5.78 -7.10
CA ALA B 177 -22.84 -5.17 -6.65
C ALA B 177 -23.91 -6.27 -6.54
N LEU B 178 -23.89 -7.21 -7.48
CA LEU B 178 -24.86 -8.29 -7.44
C LEU B 178 -24.72 -9.17 -6.20
N ARG B 179 -23.48 -9.45 -5.78
CA ARG B 179 -23.29 -10.27 -4.58
C ARG B 179 -23.85 -9.54 -3.37
N TRP B 180 -23.64 -8.23 -3.33
CA TRP B 180 -24.14 -7.43 -2.22
C TRP B 180 -25.66 -7.61 -2.10
N VAL B 181 -26.31 -7.63 -3.27
CA VAL B 181 -27.75 -7.81 -3.37
C VAL B 181 -28.10 -9.17 -2.75
N GLN B 182 -27.38 -10.20 -3.17
CA GLN B 182 -27.60 -11.55 -2.65
C GLN B 182 -27.45 -11.66 -1.14
N ASP B 183 -26.51 -10.92 -0.56
CA ASP B 183 -26.31 -11.00 0.89
C ASP B 183 -27.11 -10.02 1.72
N ASN B 184 -27.70 -9.00 1.09
CA ASN B 184 -28.42 -8.01 1.86
C ASN B 184 -29.86 -7.70 1.50
N ILE B 185 -30.18 -7.70 0.21
CA ILE B 185 -31.51 -7.34 -0.25
C ILE B 185 -32.70 -7.89 0.56
N ALA B 186 -32.52 -9.01 1.26
CA ALA B 186 -33.59 -9.59 2.06
C ALA B 186 -33.98 -8.65 3.19
N SER B 187 -33.07 -7.77 3.58
CA SER B 187 -33.31 -6.80 4.64
C SER B 187 -34.13 -5.63 4.14
N PHE B 188 -34.33 -5.55 2.83
CA PHE B 188 -35.12 -4.47 2.27
C PHE B 188 -36.42 -5.01 1.70
N GLY B 189 -36.76 -6.25 2.06
CA GLY B 189 -37.99 -6.86 1.58
C GLY B 189 -37.83 -7.55 0.24
N GLY B 190 -36.58 -7.71 -0.20
CA GLY B 190 -36.34 -8.35 -1.47
C GLY B 190 -36.11 -9.85 -1.37
N ASN B 191 -36.20 -10.52 -2.50
CA ASN B 191 -35.99 -11.95 -2.57
C ASN B 191 -34.70 -12.19 -3.34
N PRO B 192 -33.61 -12.48 -2.62
CA PRO B 192 -32.31 -12.74 -3.26
C PRO B 192 -32.45 -13.88 -4.25
N GLY B 193 -33.58 -14.56 -4.18
CA GLY B 193 -33.83 -15.68 -5.06
C GLY B 193 -34.56 -15.33 -6.34
N SER B 194 -34.93 -14.07 -6.49
CA SER B 194 -35.63 -13.64 -7.71
C SER B 194 -35.07 -12.30 -8.15
N VAL B 195 -33.79 -12.30 -8.51
CA VAL B 195 -33.15 -11.08 -8.95
C VAL B 195 -33.11 -11.02 -10.47
N THR B 196 -33.55 -9.89 -11.02
CA THR B 196 -33.54 -9.67 -12.45
C THR B 196 -32.62 -8.51 -12.80
N ILE B 197 -31.73 -8.71 -13.76
CA ILE B 197 -30.81 -7.65 -14.18
C ILE B 197 -31.26 -7.05 -15.50
N PHE B 198 -31.39 -5.73 -15.54
CA PHE B 198 -31.79 -5.06 -16.76
C PHE B 198 -31.07 -3.74 -16.95
N GLY B 199 -30.65 -3.49 -18.18
CA GLY B 199 -29.95 -2.25 -18.50
C GLY B 199 -30.22 -1.79 -19.93
N GLU B 200 -29.76 -0.59 -20.25
CA GLU B 200 -29.96 -0.01 -21.57
C GLU B 200 -28.62 0.37 -22.20
N SER B 201 -28.49 0.15 -23.49
CA SER B 201 -27.27 0.49 -24.21
C SER B 201 -26.08 -0.28 -23.61
N ALA B 202 -25.08 0.47 -23.13
CA ALA B 202 -23.89 -0.14 -22.54
C ALA B 202 -24.33 -1.04 -21.39
N GLY B 203 -25.42 -0.65 -20.73
CA GLY B 203 -25.95 -1.43 -19.63
C GLY B 203 -26.56 -2.67 -20.20
N GLY B 204 -27.09 -2.55 -21.42
CA GLY B 204 -27.69 -3.69 -22.08
C GLY B 204 -26.58 -4.65 -22.42
N GLU B 205 -25.47 -4.09 -22.90
CA GLU B 205 -24.29 -4.88 -23.24
C GLU B 205 -23.77 -5.56 -21.98
N SER B 206 -23.77 -4.85 -20.86
CA SER B 206 -23.31 -5.41 -19.60
C SER B 206 -24.14 -6.65 -19.22
N VAL B 207 -25.46 -6.52 -19.28
CA VAL B 207 -26.34 -7.64 -18.95
C VAL B 207 -26.03 -8.80 -19.88
N SER B 208 -25.70 -8.46 -21.14
CA SER B 208 -25.37 -9.45 -22.16
C SER B 208 -24.07 -10.15 -21.74
N VAL B 209 -23.12 -9.38 -21.25
CA VAL B 209 -21.84 -9.92 -20.82
C VAL B 209 -22.03 -10.81 -19.59
N LEU B 210 -22.78 -10.32 -18.61
CA LEU B 210 -23.02 -11.08 -17.39
C LEU B 210 -23.74 -12.39 -17.65
N VAL B 211 -24.65 -12.39 -18.60
CA VAL B 211 -25.40 -13.60 -18.93
C VAL B 211 -24.42 -14.64 -19.45
N LEU B 212 -23.25 -14.17 -19.88
CA LEU B 212 -22.19 -15.04 -20.40
C LEU B 212 -21.07 -15.35 -19.40
N SER B 213 -20.90 -14.52 -18.38
CA SER B 213 -19.80 -14.73 -17.42
C SER B 213 -20.00 -15.75 -16.29
N PRO B 214 -19.06 -16.70 -16.16
CA PRO B 214 -19.08 -17.74 -15.14
C PRO B 214 -19.02 -17.12 -13.74
N LEU B 215 -18.57 -15.86 -13.68
CA LEU B 215 -18.48 -15.15 -12.41
C LEU B 215 -19.83 -14.67 -11.91
N ALA B 216 -20.81 -14.62 -12.81
CA ALA B 216 -22.13 -14.15 -12.42
C ALA B 216 -23.09 -15.31 -12.15
N LYS B 217 -22.76 -16.49 -12.69
CA LYS B 217 -23.58 -17.67 -12.51
C LYS B 217 -24.23 -17.68 -11.12
N ASN B 218 -25.55 -17.73 -11.08
CA ASN B 218 -26.29 -17.77 -9.82
C ASN B 218 -26.45 -16.43 -9.12
N LEU B 219 -26.09 -15.33 -9.78
CA LEU B 219 -26.23 -14.02 -9.16
C LEU B 219 -27.51 -13.32 -9.60
N PHE B 220 -28.11 -13.82 -10.67
CA PHE B 220 -29.37 -13.28 -11.17
C PHE B 220 -30.22 -14.44 -11.70
N HIS B 221 -31.50 -14.17 -12.00
CA HIS B 221 -32.37 -15.23 -12.48
C HIS B 221 -33.09 -14.93 -13.78
N ARG B 222 -33.06 -13.67 -14.21
CA ARG B 222 -33.69 -13.23 -15.44
C ARG B 222 -32.90 -12.02 -15.92
N ALA B 223 -32.88 -11.77 -17.22
CA ALA B 223 -32.11 -10.64 -17.75
C ALA B 223 -32.82 -9.89 -18.88
N ILE B 224 -32.64 -8.57 -18.91
CA ILE B 224 -33.25 -7.78 -19.96
C ILE B 224 -32.19 -6.88 -20.57
N SER B 225 -32.02 -6.99 -21.89
CA SER B 225 -31.06 -6.15 -22.61
C SER B 225 -31.82 -5.19 -23.49
N GLU B 226 -31.78 -3.91 -23.15
CA GLU B 226 -32.47 -2.90 -23.92
C GLU B 226 -31.53 -2.16 -24.86
N SER B 227 -31.69 -2.40 -26.16
CA SER B 227 -30.86 -1.73 -27.15
C SER B 227 -29.37 -1.87 -26.82
N GLY B 228 -28.89 -3.11 -26.82
CA GLY B 228 -27.47 -3.35 -26.54
C GLY B 228 -27.15 -4.79 -26.16
N VAL B 229 -26.21 -5.40 -26.89
CA VAL B 229 -25.80 -6.77 -26.59
C VAL B 229 -24.28 -6.91 -26.67
N ALA B 230 -23.77 -8.14 -26.50
CA ALA B 230 -22.34 -8.39 -26.54
C ALA B 230 -21.74 -8.57 -27.93
N LEU B 231 -22.54 -9.06 -28.88
CA LEU B 231 -22.04 -9.24 -30.25
C LEU B 231 -21.76 -7.85 -30.86
N THR B 232 -22.19 -6.81 -30.14
CA THR B 232 -22.01 -5.41 -30.55
C THR B 232 -20.54 -5.05 -30.37
N SER B 233 -19.74 -5.53 -31.31
CA SER B 233 -18.30 -5.34 -31.32
C SER B 233 -17.77 -3.99 -30.81
N VAL B 234 -18.49 -2.90 -31.07
CA VAL B 234 -18.02 -1.59 -30.64
C VAL B 234 -17.54 -1.55 -29.19
N LEU B 235 -18.30 -2.17 -28.29
CA LEU B 235 -17.95 -2.18 -26.88
C LEU B 235 -17.01 -3.31 -26.47
N VAL B 236 -16.79 -4.28 -27.36
CA VAL B 236 -15.91 -5.40 -27.07
C VAL B 236 -14.62 -5.36 -27.89
N LYS B 237 -13.52 -5.13 -27.18
CA LYS B 237 -12.19 -5.03 -27.75
C LYS B 237 -11.50 -6.37 -27.94
N LYS B 238 -11.70 -6.98 -29.10
CA LYS B 238 -11.06 -8.25 -29.41
C LYS B 238 -9.68 -7.94 -30.00
N GLY B 239 -8.81 -8.94 -30.02
CA GLY B 239 -7.47 -8.72 -30.53
C GLY B 239 -6.56 -8.23 -29.43
N ASP B 240 -5.31 -7.97 -29.79
CA ASP B 240 -4.30 -7.50 -28.85
C ASP B 240 -4.58 -6.06 -28.39
N VAL B 241 -4.88 -5.90 -27.09
CA VAL B 241 -5.20 -4.58 -26.53
C VAL B 241 -3.97 -3.79 -26.09
N LYS B 242 -2.85 -4.48 -25.97
CA LYS B 242 -1.61 -3.86 -25.53
C LYS B 242 -1.30 -2.50 -26.19
N PRO B 243 -1.42 -2.42 -27.53
CA PRO B 243 -1.15 -1.16 -28.21
C PRO B 243 -1.97 0.01 -27.71
N LEU B 244 -3.28 -0.20 -27.51
CA LEU B 244 -4.12 0.87 -27.03
C LEU B 244 -3.68 1.30 -25.62
N ALA B 245 -3.23 0.34 -24.82
CA ALA B 245 -2.78 0.60 -23.46
C ALA B 245 -1.57 1.53 -23.45
N GLU B 246 -0.60 1.21 -24.28
CA GLU B 246 0.60 2.02 -24.36
C GLU B 246 0.25 3.43 -24.82
N GLN B 247 -0.69 3.52 -25.75
CA GLN B 247 -1.08 4.83 -26.25
C GLN B 247 -1.55 5.70 -25.08
N ILE B 248 -2.42 5.15 -24.24
CA ILE B 248 -2.95 5.86 -23.08
C ILE B 248 -1.83 6.27 -22.11
N ALA B 249 -0.93 5.32 -21.85
CA ALA B 249 0.18 5.57 -20.95
C ALA B 249 1.00 6.78 -21.41
N ILE B 250 1.38 6.80 -22.69
CA ILE B 250 2.15 7.92 -23.22
C ILE B 250 1.42 9.26 -23.11
N THR B 251 0.13 9.26 -23.42
CA THR B 251 -0.65 10.49 -23.35
C THR B 251 -0.62 11.01 -21.92
N ALA B 252 -0.63 10.09 -20.97
CA ALA B 252 -0.61 10.46 -19.56
C ALA B 252 0.81 10.76 -19.10
N GLY B 253 1.78 10.44 -19.95
CA GLY B 253 3.17 10.71 -19.62
C GLY B 253 3.87 9.61 -18.85
N CYS B 254 3.78 8.38 -19.35
CA CYS B 254 4.41 7.25 -18.68
C CYS B 254 5.25 6.42 -19.63
N LYS B 255 6.30 5.80 -19.11
CA LYS B 255 7.16 4.93 -19.89
C LYS B 255 6.36 3.69 -20.26
N THR B 256 6.71 3.00 -21.34
CA THR B 256 5.98 1.79 -21.72
C THR B 256 6.93 0.61 -21.71
N THR B 257 7.98 0.72 -20.88
CA THR B 257 9.00 -0.31 -20.75
C THR B 257 8.41 -1.70 -20.65
N THR B 258 7.51 -1.88 -19.69
CA THR B 258 6.84 -3.16 -19.48
C THR B 258 5.43 -2.86 -18.99
N SER B 259 4.53 -3.84 -19.10
CA SER B 259 3.17 -3.61 -18.65
C SER B 259 3.18 -3.12 -17.20
N ALA B 260 3.78 -3.92 -16.33
CA ALA B 260 3.86 -3.60 -14.91
C ALA B 260 4.32 -2.18 -14.63
N VAL B 261 5.13 -1.63 -15.53
CA VAL B 261 5.62 -0.28 -15.32
C VAL B 261 4.53 0.72 -15.68
N MET B 262 3.79 0.43 -16.74
CA MET B 262 2.71 1.30 -17.16
C MET B 262 1.67 1.40 -16.05
N VAL B 263 1.22 0.24 -15.59
CA VAL B 263 0.22 0.21 -14.54
C VAL B 263 0.68 0.98 -13.31
N HIS B 264 1.89 0.70 -12.85
CA HIS B 264 2.43 1.37 -11.67
C HIS B 264 2.38 2.88 -11.86
N CYS B 265 2.74 3.33 -13.06
CA CYS B 265 2.75 4.75 -13.37
C CYS B 265 1.37 5.38 -13.41
N LEU B 266 0.41 4.68 -14.00
CA LEU B 266 -0.95 5.17 -14.07
C LEU B 266 -1.56 5.23 -12.67
N ARG B 267 -1.12 4.34 -11.78
CA ARG B 267 -1.63 4.34 -10.40
C ARG B 267 -1.12 5.57 -9.68
N GLN B 268 -0.03 6.15 -10.20
CA GLN B 268 0.60 7.33 -9.63
C GLN B 268 -0.10 8.63 -9.97
N LYS B 269 -0.77 8.67 -11.11
CA LYS B 269 -1.45 9.87 -11.55
C LYS B 269 -2.67 10.23 -10.70
N THR B 270 -3.05 11.49 -10.74
CA THR B 270 -4.21 11.93 -9.98
C THR B 270 -5.46 11.83 -10.84
N GLU B 271 -6.61 11.84 -10.18
CA GLU B 271 -7.89 11.77 -10.88
C GLU B 271 -7.87 12.81 -11.99
N GLU B 272 -7.53 14.05 -11.63
CA GLU B 272 -7.50 15.13 -12.60
C GLU B 272 -6.61 14.83 -13.81
N GLU B 273 -5.48 14.18 -13.58
CA GLU B 273 -4.56 13.85 -14.67
C GLU B 273 -5.15 12.81 -15.61
N LEU B 274 -5.81 11.81 -15.05
CA LEU B 274 -6.42 10.79 -15.88
C LEU B 274 -7.64 11.34 -16.61
N LEU B 275 -8.31 12.33 -16.03
CA LEU B 275 -9.48 12.91 -16.68
C LEU B 275 -9.03 13.71 -17.88
N GLU B 276 -7.95 14.49 -17.72
CA GLU B 276 -7.43 15.29 -18.82
C GLU B 276 -7.03 14.36 -19.94
N THR B 277 -6.35 13.28 -19.57
CA THR B 277 -5.94 12.31 -20.56
C THR B 277 -7.21 11.74 -21.18
N THR B 278 -8.19 11.44 -20.33
CA THR B 278 -9.46 10.91 -20.80
C THR B 278 -10.06 11.81 -21.87
N LEU B 279 -9.85 13.12 -21.72
CA LEU B 279 -10.40 14.08 -22.65
C LEU B 279 -9.55 14.34 -23.88
N LYS B 280 -8.23 14.25 -23.76
CA LYS B 280 -7.38 14.46 -24.92
C LYS B 280 -7.70 13.36 -25.91
N MET B 281 -7.96 12.18 -25.37
CA MET B 281 -8.28 11.01 -26.18
C MET B 281 -9.56 11.15 -27.00
N LYS B 282 -10.44 12.07 -26.59
CA LYS B 282 -11.72 12.29 -27.30
C LYS B 282 -12.39 10.98 -27.71
N PHE B 283 -12.62 10.11 -26.72
CA PHE B 283 -13.22 8.79 -26.91
C PHE B 283 -14.68 8.77 -27.39
N LEU B 284 -15.45 9.75 -26.93
CA LEU B 284 -16.88 9.83 -27.27
C LEU B 284 -17.21 10.45 -28.63
N SER B 285 -16.29 11.26 -29.15
CA SER B 285 -16.51 11.92 -30.45
C SER B 285 -15.87 11.11 -31.58
N LEU B 286 -16.49 11.17 -32.76
CA LEU B 286 -16.02 10.45 -33.93
C LEU B 286 -15.05 11.29 -34.78
N ASP B 287 -13.89 10.72 -35.09
CA ASP B 287 -12.89 11.43 -35.88
C ASP B 287 -13.19 11.31 -37.37
N LEU B 288 -13.57 12.43 -37.98
CA LEU B 288 -13.89 12.47 -39.42
C LEU B 288 -12.69 12.19 -40.31
N GLN B 289 -11.64 13.00 -40.20
CA GLN B 289 -10.44 12.85 -41.02
C GLN B 289 -9.57 11.71 -40.53
N GLY B 290 -8.48 11.44 -41.25
CA GLY B 290 -7.60 10.36 -40.88
C GLY B 290 -8.03 9.07 -41.51
N ASP B 291 -7.43 7.96 -41.08
CA ASP B 291 -7.76 6.65 -41.61
C ASP B 291 -8.81 5.98 -40.74
N PRO B 292 -9.87 5.45 -41.36
CA PRO B 292 -10.95 4.77 -40.63
C PRO B 292 -10.44 3.71 -39.66
N ARG B 293 -9.47 2.93 -40.10
CA ARG B 293 -8.88 1.87 -39.28
C ARG B 293 -7.89 2.39 -38.23
N GLU B 294 -7.31 3.57 -38.48
CA GLU B 294 -6.38 4.15 -37.53
C GLU B 294 -7.07 4.91 -36.42
N SER B 295 -7.95 5.86 -36.79
CA SER B 295 -8.68 6.67 -35.83
C SER B 295 -8.86 5.92 -34.52
N GLN B 296 -8.03 6.27 -33.55
CA GLN B 296 -8.05 5.62 -32.24
C GLN B 296 -9.46 5.19 -31.83
N PRO B 297 -9.61 3.91 -31.48
CA PRO B 297 -10.88 3.32 -31.06
C PRO B 297 -11.30 3.85 -29.69
N LEU B 298 -11.11 3.00 -28.67
CA LEU B 298 -11.45 3.32 -27.28
C LEU B 298 -11.10 2.15 -26.42
N LEU B 299 -11.76 2.02 -25.27
CA LEU B 299 -11.45 0.92 -24.37
C LEU B 299 -12.74 0.45 -23.74
N GLY B 300 -12.90 -0.85 -23.66
CA GLY B 300 -14.11 -1.41 -23.11
C GLY B 300 -13.88 -2.85 -22.69
N THR B 301 -14.92 -3.67 -22.82
CA THR B 301 -14.82 -5.07 -22.44
C THR B 301 -13.70 -5.75 -23.20
N VAL B 302 -13.00 -6.65 -22.53
CA VAL B 302 -11.90 -7.39 -23.15
C VAL B 302 -12.10 -8.84 -22.77
N ILE B 303 -11.31 -9.75 -23.32
CA ILE B 303 -11.45 -11.14 -22.94
C ILE B 303 -10.35 -11.43 -21.93
N ASP B 304 -10.64 -11.16 -20.66
CA ASP B 304 -9.67 -11.34 -19.57
C ASP B 304 -9.41 -12.77 -19.12
N GLY B 305 -10.31 -13.68 -19.42
CA GLY B 305 -10.11 -15.06 -18.99
C GLY B 305 -10.53 -15.21 -17.55
N MET B 306 -11.34 -14.28 -17.08
CA MET B 306 -11.86 -14.30 -15.73
C MET B 306 -13.37 -14.09 -15.84
N LEU B 307 -13.75 -12.91 -16.34
CA LEU B 307 -15.17 -12.58 -16.54
C LEU B 307 -15.64 -13.21 -17.84
N LEU B 308 -14.74 -13.26 -18.81
CA LEU B 308 -15.03 -13.84 -20.12
C LEU B 308 -13.88 -14.72 -20.52
N LEU B 309 -14.16 -16.01 -20.73
CA LEU B 309 -13.12 -16.93 -21.12
C LEU B 309 -12.84 -16.88 -22.62
N LYS B 310 -13.67 -16.14 -23.34
CA LYS B 310 -13.51 -15.98 -24.78
C LYS B 310 -14.57 -15.07 -25.39
N THR B 311 -14.29 -14.55 -26.58
CA THR B 311 -15.21 -13.67 -27.28
C THR B 311 -16.63 -14.19 -27.21
N PRO B 312 -17.62 -13.26 -27.17
CA PRO B 312 -19.07 -13.53 -27.11
C PRO B 312 -19.57 -14.34 -28.30
N GLU B 313 -19.05 -14.01 -29.48
CA GLU B 313 -19.44 -14.70 -30.71
C GLU B 313 -19.21 -16.19 -30.48
N GLU B 314 -18.07 -16.53 -29.88
CA GLU B 314 -17.73 -17.91 -29.59
C GLU B 314 -18.63 -18.47 -28.49
N LEU B 315 -18.53 -17.89 -27.31
CA LEU B 315 -19.31 -18.32 -26.15
C LEU B 315 -20.77 -18.68 -26.42
N GLN B 316 -21.47 -17.83 -27.15
CA GLN B 316 -22.87 -18.09 -27.44
C GLN B 316 -23.12 -19.35 -28.26
N ALA B 317 -22.07 -19.91 -28.83
CA ALA B 317 -22.17 -21.13 -29.62
C ALA B 317 -21.82 -22.32 -28.72
N GLU B 318 -22.09 -22.15 -27.43
CA GLU B 318 -21.79 -23.19 -26.44
C GLU B 318 -22.92 -23.36 -25.42
N ARG B 319 -23.80 -24.31 -25.68
CA ARG B 319 -24.93 -24.59 -24.80
C ARG B 319 -24.55 -25.50 -23.63
N ASN B 320 -23.63 -25.04 -22.79
CA ASN B 320 -23.22 -25.82 -21.62
C ASN B 320 -23.07 -24.88 -20.42
N PHE B 321 -23.59 -23.67 -20.59
CA PHE B 321 -23.53 -22.67 -19.53
C PHE B 321 -24.91 -22.54 -18.90
N HIS B 322 -24.96 -22.09 -17.65
CA HIS B 322 -26.22 -21.91 -16.92
C HIS B 322 -27.14 -20.88 -17.61
N THR B 323 -28.37 -21.29 -17.93
CA THR B 323 -29.30 -20.39 -18.61
C THR B 323 -30.46 -19.85 -17.80
N VAL B 324 -30.99 -18.72 -18.25
CA VAL B 324 -32.11 -18.06 -17.58
C VAL B 324 -32.95 -17.29 -18.58
N PRO B 325 -34.23 -17.04 -18.25
CA PRO B 325 -35.14 -16.29 -19.12
C PRO B 325 -34.42 -15.03 -19.56
N TYR B 326 -34.50 -14.70 -20.84
CA TYR B 326 -33.79 -13.53 -21.35
C TYR B 326 -34.62 -12.71 -22.33
N MET B 327 -34.82 -11.44 -22.03
CA MET B 327 -35.58 -10.55 -22.91
C MET B 327 -34.61 -9.62 -23.65
N VAL B 328 -34.67 -9.63 -24.97
CA VAL B 328 -33.81 -8.76 -25.78
C VAL B 328 -34.69 -7.92 -26.69
N GLY B 329 -34.43 -6.61 -26.75
CA GLY B 329 -35.25 -5.75 -27.59
C GLY B 329 -34.59 -4.49 -28.10
N ILE B 330 -35.13 -3.95 -29.19
CA ILE B 330 -34.59 -2.72 -29.77
C ILE B 330 -35.66 -1.69 -30.07
N ASN B 331 -35.23 -0.48 -30.41
CA ASN B 331 -36.12 0.61 -30.73
C ASN B 331 -36.18 0.77 -32.23
N LYS B 332 -37.21 1.45 -32.72
CA LYS B 332 -37.42 1.66 -34.16
C LYS B 332 -36.26 2.37 -34.85
N GLN B 333 -35.85 3.51 -34.31
CA GLN B 333 -34.76 4.27 -34.89
C GLN B 333 -33.67 4.44 -33.85
N GLU B 334 -32.84 3.42 -33.67
CA GLU B 334 -31.76 3.47 -32.70
C GLU B 334 -30.79 4.60 -32.99
N PHE B 335 -30.56 4.85 -34.28
CA PHE B 335 -29.63 5.90 -34.70
C PHE B 335 -30.38 7.14 -35.18
N GLY B 336 -31.62 7.30 -34.71
CA GLY B 336 -32.42 8.43 -35.10
C GLY B 336 -31.82 9.79 -34.78
N TRP B 337 -31.92 10.24 -33.54
CA TRP B 337 -31.39 11.53 -33.16
C TRP B 337 -30.28 11.53 -32.09
N LEU B 338 -30.63 11.08 -30.89
CA LEU B 338 -29.70 11.07 -29.76
C LEU B 338 -28.25 10.75 -30.06
N ILE B 339 -27.96 9.50 -30.42
CA ILE B 339 -26.59 9.09 -30.70
C ILE B 339 -25.83 9.97 -31.70
N PRO B 340 -26.35 10.12 -32.93
CA PRO B 340 -25.66 10.95 -33.92
C PRO B 340 -25.31 12.31 -33.36
N MET B 341 -26.31 12.94 -32.74
CA MET B 341 -26.15 14.26 -32.14
C MET B 341 -25.01 14.29 -31.12
N LEU B 342 -25.03 13.36 -30.17
CA LEU B 342 -23.98 13.30 -29.15
C LEU B 342 -22.60 13.00 -29.72
N MET B 343 -22.54 12.40 -30.90
CA MET B 343 -21.26 12.08 -31.53
C MET B 343 -20.88 13.17 -32.51
N SER B 344 -21.80 14.10 -32.74
CA SER B 344 -21.56 15.21 -33.66
C SER B 344 -21.50 14.69 -35.09
N TYR B 345 -22.27 13.65 -35.38
CA TYR B 345 -22.31 13.04 -36.70
C TYR B 345 -22.52 14.10 -37.81
N PRO B 346 -21.79 13.96 -38.93
CA PRO B 346 -21.86 14.88 -40.07
C PRO B 346 -23.17 14.81 -40.86
N LEU B 347 -24.22 15.39 -40.28
CA LEU B 347 -25.52 15.41 -40.93
C LEU B 347 -26.13 16.82 -40.83
N SER B 348 -25.41 17.79 -41.36
CA SER B 348 -25.85 19.18 -41.35
C SER B 348 -26.86 19.43 -42.47
N GLU B 349 -26.63 18.80 -43.61
CA GLU B 349 -27.49 18.93 -44.78
C GLU B 349 -28.87 18.31 -44.64
N GLY B 350 -28.95 17.15 -44.01
CA GLY B 350 -30.23 16.48 -43.86
C GLY B 350 -30.59 15.75 -45.14
N GLN B 351 -29.58 15.53 -45.97
CA GLN B 351 -29.73 14.85 -47.25
C GLN B 351 -28.45 14.06 -47.54
N LEU B 352 -28.47 13.25 -48.60
CA LEU B 352 -27.28 12.46 -48.92
C LEU B 352 -27.28 11.93 -50.36
N ASP B 353 -26.16 11.34 -50.75
CA ASP B 353 -26.00 10.79 -52.09
C ASP B 353 -25.14 9.52 -52.03
N GLN B 354 -25.35 8.63 -52.98
CA GLN B 354 -24.62 7.37 -53.06
C GLN B 354 -23.12 7.49 -52.82
N LYS B 355 -22.56 8.66 -53.09
CA LYS B 355 -21.14 8.88 -52.89
C LYS B 355 -20.84 9.09 -51.41
N THR B 356 -21.25 10.26 -50.90
CA THR B 356 -21.04 10.61 -49.50
C THR B 356 -21.39 9.40 -48.63
N ALA B 357 -22.49 8.74 -48.98
CA ALA B 357 -22.95 7.56 -48.26
C ALA B 357 -21.81 6.58 -48.10
N MET B 358 -21.21 6.22 -49.23
CA MET B 358 -20.09 5.28 -49.23
C MET B 358 -18.89 5.87 -48.51
N SER B 359 -18.89 7.19 -48.33
CA SER B 359 -17.79 7.88 -47.66
C SER B 359 -18.02 8.00 -46.14
N LEU B 360 -19.25 8.32 -45.76
CA LEU B 360 -19.59 8.45 -44.36
C LEU B 360 -19.55 7.09 -43.68
N LEU B 361 -20.04 6.07 -44.37
CA LEU B 361 -20.05 4.72 -43.83
C LEU B 361 -18.62 4.22 -43.61
N TRP B 362 -17.73 4.53 -44.55
CA TRP B 362 -16.34 4.11 -44.44
C TRP B 362 -15.71 4.76 -43.23
N LYS B 363 -15.87 6.07 -43.11
CA LYS B 363 -15.32 6.81 -41.98
C LYS B 363 -16.00 6.34 -40.70
N SER B 364 -17.22 5.81 -40.83
CA SER B 364 -17.97 5.30 -39.69
C SER B 364 -17.50 3.89 -39.37
N TYR B 365 -16.34 3.53 -39.91
CA TYR B 365 -15.76 2.20 -39.70
C TYR B 365 -15.59 1.88 -38.22
N PRO B 366 -15.19 2.86 -37.40
CA PRO B 366 -15.02 2.56 -35.97
C PRO B 366 -16.35 2.30 -35.26
N LEU B 367 -17.45 2.35 -36.00
CA LEU B 367 -18.78 2.12 -35.44
C LEU B 367 -19.51 0.90 -36.05
N VAL B 368 -19.47 0.80 -37.36
CA VAL B 368 -20.14 -0.29 -38.07
C VAL B 368 -19.20 -1.33 -38.64
N CYS B 369 -17.89 -1.11 -38.46
CA CYS B 369 -16.87 -2.03 -38.96
C CYS B 369 -17.24 -2.68 -40.29
N ILE B 370 -17.12 -1.90 -41.36
CA ILE B 370 -17.44 -2.41 -42.68
C ILE B 370 -16.26 -2.17 -43.61
N ALA B 371 -15.75 -3.24 -44.20
CA ALA B 371 -14.63 -3.17 -45.13
C ALA B 371 -14.99 -2.30 -46.31
N LYS B 372 -14.04 -1.50 -46.77
CA LYS B 372 -14.28 -0.61 -47.89
C LYS B 372 -14.77 -1.36 -49.13
N GLU B 373 -14.19 -2.53 -49.39
CA GLU B 373 -14.57 -3.33 -50.54
C GLU B 373 -16.01 -3.83 -50.38
N LEU B 374 -16.58 -3.59 -49.20
CA LEU B 374 -17.94 -4.01 -48.90
C LEU B 374 -18.88 -2.80 -48.92
N ILE B 375 -18.33 -1.64 -48.59
CA ILE B 375 -19.09 -0.37 -48.55
C ILE B 375 -20.20 -0.29 -49.60
N PRO B 376 -19.85 -0.41 -50.89
CA PRO B 376 -20.85 -0.34 -51.96
C PRO B 376 -22.06 -1.26 -51.77
N GLU B 377 -21.82 -2.57 -51.84
CA GLU B 377 -22.88 -3.56 -51.69
C GLU B 377 -23.84 -3.18 -50.57
N ALA B 378 -23.28 -2.74 -49.45
CA ALA B 378 -24.08 -2.33 -48.31
C ALA B 378 -24.84 -1.04 -48.64
N THR B 379 -24.12 -0.02 -49.09
CA THR B 379 -24.74 1.25 -49.42
C THR B 379 -25.89 1.07 -50.40
N GLU B 380 -25.71 0.18 -51.36
CA GLU B 380 -26.73 -0.08 -52.37
C GLU B 380 -27.99 -0.71 -51.81
N LYS B 381 -27.84 -1.88 -51.19
CA LYS B 381 -28.97 -2.60 -50.62
C LYS B 381 -29.93 -1.70 -49.84
N TYR B 382 -29.39 -0.66 -49.20
CA TYR B 382 -30.20 0.28 -48.40
C TYR B 382 -30.63 1.55 -49.12
N LEU B 383 -29.65 2.36 -49.52
CA LEU B 383 -29.91 3.63 -50.19
C LEU B 383 -30.24 3.51 -51.69
N GLY B 384 -30.55 2.29 -52.13
CA GLY B 384 -30.88 2.10 -53.53
C GLY B 384 -32.35 2.26 -53.86
N GLY B 385 -33.17 2.46 -52.83
CA GLY B 385 -34.61 2.62 -53.03
C GLY B 385 -34.96 3.69 -54.04
N THR B 386 -35.05 4.94 -53.59
CA THR B 386 -35.36 6.06 -54.48
C THR B 386 -34.12 6.93 -54.64
N ASP B 387 -34.28 8.04 -55.34
CA ASP B 387 -33.18 8.96 -55.57
C ASP B 387 -33.22 10.12 -54.57
N ASP B 388 -34.32 10.21 -53.82
CA ASP B 388 -34.53 11.25 -52.82
C ASP B 388 -33.32 11.39 -51.89
N THR B 389 -32.64 12.54 -51.95
CA THR B 389 -31.48 12.77 -51.09
C THR B 389 -31.87 12.71 -49.62
N VAL B 390 -33.13 13.05 -49.32
CA VAL B 390 -33.63 13.03 -47.95
C VAL B 390 -33.99 11.60 -47.55
N LYS B 391 -34.72 10.90 -48.40
CA LYS B 391 -35.07 9.51 -48.10
C LYS B 391 -33.80 8.73 -47.85
N LYS B 392 -32.71 9.16 -48.47
CA LYS B 392 -31.42 8.51 -48.33
C LYS B 392 -30.86 8.63 -46.91
N LYS B 393 -30.69 9.87 -46.45
CA LYS B 393 -30.17 10.09 -45.10
C LYS B 393 -30.82 9.11 -44.14
N ASP B 394 -32.15 9.08 -44.18
CA ASP B 394 -32.94 8.22 -43.32
C ASP B 394 -32.62 6.74 -43.43
N LEU B 395 -32.50 6.23 -44.64
CA LEU B 395 -32.19 4.83 -44.83
C LEU B 395 -30.77 4.56 -44.33
N PHE B 396 -29.92 5.57 -44.44
CA PHE B 396 -28.54 5.44 -43.99
C PHE B 396 -28.52 5.23 -42.48
N LEU B 397 -29.37 5.99 -41.78
CA LEU B 397 -29.48 5.88 -40.33
C LEU B 397 -30.00 4.50 -39.99
N ASP B 398 -30.84 3.96 -40.86
CA ASP B 398 -31.37 2.62 -40.64
C ASP B 398 -30.20 1.66 -40.84
N LEU B 399 -29.45 1.89 -41.91
CA LEU B 399 -28.29 1.07 -42.24
C LEU B 399 -27.50 0.84 -40.95
N ILE B 400 -27.04 1.94 -40.36
CA ILE B 400 -26.26 1.89 -39.13
C ILE B 400 -27.04 1.31 -37.96
N ALA B 401 -28.28 1.75 -37.81
CA ALA B 401 -29.13 1.27 -36.73
C ALA B 401 -29.30 -0.26 -36.74
N ASP B 402 -29.11 -0.87 -37.90
CA ASP B 402 -29.25 -2.31 -38.01
C ASP B 402 -27.95 -3.03 -37.66
N VAL B 403 -26.84 -2.37 -37.96
CA VAL B 403 -25.53 -2.93 -37.69
C VAL B 403 -25.19 -2.93 -36.21
N MET B 404 -25.40 -1.80 -35.54
CA MET B 404 -25.09 -1.70 -34.12
C MET B 404 -26.07 -2.38 -33.20
N PHE B 405 -27.37 -2.27 -33.50
CA PHE B 405 -28.35 -2.87 -32.61
C PHE B 405 -29.25 -3.94 -33.21
N GLY B 406 -29.80 -3.66 -34.38
CA GLY B 406 -30.70 -4.60 -35.03
C GLY B 406 -30.22 -6.05 -35.16
N VAL B 407 -29.34 -6.29 -36.12
CA VAL B 407 -28.83 -7.62 -36.37
C VAL B 407 -28.28 -8.32 -35.12
N PRO B 408 -27.31 -7.69 -34.41
CA PRO B 408 -26.73 -8.30 -33.21
C PRO B 408 -27.81 -8.84 -32.27
N SER B 409 -28.74 -7.95 -31.89
CA SER B 409 -29.83 -8.28 -30.98
C SER B 409 -30.61 -9.52 -31.39
N VAL B 410 -31.15 -9.53 -32.60
CA VAL B 410 -31.93 -10.67 -33.05
C VAL B 410 -31.09 -11.95 -33.03
N ILE B 411 -29.83 -11.82 -33.47
CA ILE B 411 -28.93 -12.97 -33.48
C ILE B 411 -28.82 -13.53 -32.07
N VAL B 412 -28.44 -12.67 -31.12
CA VAL B 412 -28.31 -13.09 -29.73
C VAL B 412 -29.55 -13.84 -29.26
N ALA B 413 -30.72 -13.26 -29.53
CA ALA B 413 -31.99 -13.87 -29.13
C ALA B 413 -32.13 -15.25 -29.75
N ARG B 414 -31.78 -15.37 -31.03
CA ARG B 414 -31.87 -16.65 -31.72
C ARG B 414 -31.02 -17.69 -31.01
N ASN B 415 -29.74 -17.40 -30.85
CA ASN B 415 -28.83 -18.33 -30.18
C ASN B 415 -29.35 -18.71 -28.80
N HIS B 416 -29.77 -17.71 -28.02
CA HIS B 416 -30.28 -17.99 -26.69
C HIS B 416 -31.47 -18.94 -26.80
N ARG B 417 -32.28 -18.72 -27.82
CA ARG B 417 -33.45 -19.55 -28.08
C ARG B 417 -32.95 -20.96 -28.33
N ASP B 418 -32.10 -21.09 -29.35
CA ASP B 418 -31.54 -22.38 -29.72
C ASP B 418 -30.84 -23.05 -28.56
N ALA B 419 -30.30 -22.25 -27.64
CA ALA B 419 -29.63 -22.79 -26.46
C ALA B 419 -30.64 -23.51 -25.57
N GLY B 420 -31.93 -23.36 -25.88
CA GLY B 420 -32.97 -24.01 -25.11
C GLY B 420 -33.55 -23.15 -23.99
N ALA B 421 -33.08 -21.91 -23.88
CA ALA B 421 -33.56 -21.01 -22.85
C ALA B 421 -34.69 -20.08 -23.28
N PRO B 422 -35.60 -19.79 -22.34
CA PRO B 422 -36.75 -18.90 -22.58
C PRO B 422 -36.31 -17.55 -23.14
N THR B 423 -36.80 -17.22 -24.34
CA THR B 423 -36.40 -15.96 -24.97
C THR B 423 -37.59 -15.11 -25.44
N TYR B 424 -37.46 -13.80 -25.25
CA TYR B 424 -38.49 -12.83 -25.66
C TYR B 424 -37.84 -11.64 -26.34
N MET B 425 -38.47 -11.13 -27.39
CA MET B 425 -37.95 -9.95 -28.09
C MET B 425 -39.05 -8.89 -28.24
N TYR B 426 -38.66 -7.66 -28.55
CA TYR B 426 -39.63 -6.57 -28.73
C TYR B 426 -39.02 -5.42 -29.50
N GLU B 427 -39.87 -4.62 -30.13
CA GLU B 427 -39.39 -3.46 -30.84
C GLU B 427 -40.22 -2.27 -30.40
N PHE B 428 -39.61 -1.39 -29.62
CA PHE B 428 -40.29 -0.20 -29.11
C PHE B 428 -40.33 0.88 -30.18
N GLN B 429 -41.54 1.36 -30.46
CA GLN B 429 -41.74 2.39 -31.47
C GLN B 429 -42.72 3.45 -30.98
N TYR B 430 -42.23 4.38 -30.17
CA TYR B 430 -43.05 5.45 -29.63
C TYR B 430 -42.20 6.70 -29.48
N ARG B 431 -42.84 7.86 -29.42
CA ARG B 431 -42.11 9.12 -29.25
C ARG B 431 -42.61 9.83 -27.99
N PRO B 432 -41.85 9.70 -26.89
CA PRO B 432 -42.24 10.33 -25.63
C PRO B 432 -42.26 11.85 -25.71
N SER B 433 -43.17 12.46 -24.96
CA SER B 433 -43.31 13.89 -24.92
C SER B 433 -42.13 14.51 -24.17
N PHE B 434 -41.37 13.65 -23.49
CA PHE B 434 -40.22 14.09 -22.73
C PHE B 434 -38.96 14.13 -23.61
N SER B 435 -39.14 14.27 -24.92
CA SER B 435 -38.01 14.31 -25.84
C SER B 435 -37.42 15.72 -25.84
N SER B 436 -36.20 15.85 -26.34
CA SER B 436 -35.53 17.14 -26.41
C SER B 436 -36.17 17.98 -27.51
N ASP B 437 -36.22 19.28 -27.31
CA ASP B 437 -36.82 20.18 -28.29
C ASP B 437 -36.09 20.15 -29.64
N MET B 438 -34.79 19.94 -29.58
CA MET B 438 -33.98 19.91 -30.79
C MET B 438 -34.10 18.60 -31.55
N LYS B 439 -35.06 17.78 -31.15
CA LYS B 439 -35.30 16.48 -31.77
C LYS B 439 -36.42 16.55 -32.81
N PRO B 440 -36.10 16.27 -34.09
CA PRO B 440 -37.11 16.31 -35.14
C PRO B 440 -38.29 15.43 -34.79
N LYS B 441 -39.48 16.02 -34.82
CA LYS B 441 -40.70 15.32 -34.47
C LYS B 441 -40.99 14.04 -35.26
N THR B 442 -40.27 13.83 -36.37
CA THR B 442 -40.49 12.64 -37.17
C THR B 442 -39.77 11.42 -36.58
N VAL B 443 -38.74 11.68 -35.79
CA VAL B 443 -37.98 10.60 -35.17
C VAL B 443 -38.80 9.94 -34.08
N ILE B 444 -39.12 8.66 -34.28
CA ILE B 444 -39.92 7.89 -33.33
C ILE B 444 -39.16 6.65 -32.93
N GLY B 445 -39.18 6.31 -31.64
CA GLY B 445 -38.47 5.13 -31.20
C GLY B 445 -36.96 5.30 -31.31
N ASP B 446 -36.50 6.46 -30.87
CA ASP B 446 -35.08 6.80 -30.88
C ASP B 446 -34.38 6.09 -29.71
N HIS B 447 -33.05 6.10 -29.72
CA HIS B 447 -32.24 5.46 -28.68
C HIS B 447 -32.59 5.94 -27.27
N GLY B 448 -33.06 5.02 -26.43
CA GLY B 448 -33.40 5.35 -25.06
C GLY B 448 -34.84 5.75 -24.80
N ASP B 449 -35.61 5.96 -25.87
CA ASP B 449 -37.00 6.37 -25.73
C ASP B 449 -37.85 5.48 -24.82
N GLU B 450 -37.60 4.18 -24.83
CA GLU B 450 -38.38 3.28 -23.99
C GLU B 450 -38.09 3.47 -22.51
N LEU B 451 -37.01 4.19 -22.18
CA LEU B 451 -36.63 4.41 -20.79
C LEU B 451 -37.72 5.10 -19.99
N PHE B 452 -38.37 6.09 -20.59
CA PHE B 452 -39.43 6.84 -19.92
C PHE B 452 -40.64 5.97 -19.58
N SER B 453 -40.94 4.99 -20.43
CA SER B 453 -42.06 4.10 -20.19
C SER B 453 -41.68 3.01 -19.17
N VAL B 454 -40.43 2.56 -19.22
CA VAL B 454 -39.97 1.53 -18.29
C VAL B 454 -39.83 2.09 -16.87
N PHE B 455 -39.31 3.30 -16.75
CA PHE B 455 -39.15 3.88 -15.43
C PHE B 455 -40.27 4.81 -15.05
N GLY B 456 -41.36 4.74 -15.81
CA GLY B 456 -42.52 5.56 -15.52
C GLY B 456 -42.35 7.06 -15.35
N ALA B 457 -41.70 7.70 -16.33
CA ALA B 457 -41.50 9.13 -16.31
C ALA B 457 -42.87 9.83 -16.20
N PRO B 458 -43.92 9.22 -16.77
CA PRO B 458 -45.25 9.84 -16.70
C PRO B 458 -45.76 10.12 -15.27
N PHE B 459 -45.32 9.33 -14.30
CA PHE B 459 -45.77 9.53 -12.92
C PHE B 459 -44.83 10.37 -12.06
N LEU B 460 -43.86 11.02 -12.70
CA LEU B 460 -42.90 11.86 -11.98
C LEU B 460 -42.75 13.18 -12.72
N LYS B 461 -43.00 13.16 -14.02
CA LYS B 461 -42.90 14.35 -14.83
C LYS B 461 -44.30 14.91 -15.16
N GLU B 462 -44.36 15.94 -15.98
CA GLU B 462 -45.63 16.57 -16.33
C GLU B 462 -45.92 16.64 -17.82
N GLY B 463 -47.20 16.61 -18.18
CA GLY B 463 -47.59 16.71 -19.58
C GLY B 463 -47.85 15.40 -20.29
N ALA B 464 -47.68 14.29 -19.59
CA ALA B 464 -47.91 12.98 -20.18
C ALA B 464 -49.40 12.77 -20.45
N SER B 465 -49.73 12.55 -21.72
CA SER B 465 -51.11 12.33 -22.14
C SER B 465 -51.60 11.00 -21.58
N GLU B 466 -52.90 10.78 -21.57
CA GLU B 466 -53.43 9.53 -21.04
C GLU B 466 -52.82 8.35 -21.79
N GLU B 467 -52.61 8.52 -23.10
CA GLU B 467 -52.03 7.48 -23.94
C GLU B 467 -50.67 7.06 -23.36
N GLU B 468 -49.79 8.04 -23.22
CA GLU B 468 -48.46 7.83 -22.68
C GLU B 468 -48.52 7.24 -21.29
N ILE B 469 -49.35 7.82 -20.43
CA ILE B 469 -49.48 7.34 -19.07
C ILE B 469 -49.80 5.85 -19.02
N ARG B 470 -50.68 5.41 -19.92
CA ARG B 470 -51.07 4.01 -19.95
C ARG B 470 -50.04 3.13 -20.67
N LEU B 471 -49.30 3.72 -21.60
CA LEU B 471 -48.26 2.97 -22.30
C LEU B 471 -47.23 2.58 -21.24
N SER B 472 -46.92 3.51 -20.35
CA SER B 472 -45.95 3.26 -19.29
C SER B 472 -46.44 2.17 -18.34
N LYS B 473 -47.65 2.32 -17.84
CA LYS B 473 -48.21 1.33 -16.93
C LYS B 473 -48.06 -0.04 -17.55
N MET B 474 -48.48 -0.13 -18.81
CA MET B 474 -48.44 -1.35 -19.60
C MET B 474 -47.04 -1.96 -19.58
N VAL B 475 -46.04 -1.17 -19.95
CA VAL B 475 -44.67 -1.65 -19.98
C VAL B 475 -44.15 -2.15 -18.64
N MET B 476 -44.36 -1.38 -17.58
CA MET B 476 -43.89 -1.79 -16.26
C MET B 476 -44.47 -3.16 -15.89
N LYS B 477 -45.74 -3.39 -16.23
CA LYS B 477 -46.39 -4.67 -15.97
C LYS B 477 -45.52 -5.74 -16.61
N PHE B 478 -45.37 -5.64 -17.94
CA PHE B 478 -44.56 -6.56 -18.70
C PHE B 478 -43.23 -6.82 -18.00
N TRP B 479 -42.42 -5.77 -17.84
CA TRP B 479 -41.13 -5.91 -17.19
C TRP B 479 -41.26 -6.59 -15.82
N ALA B 480 -42.10 -6.03 -14.94
CA ALA B 480 -42.29 -6.61 -13.61
C ALA B 480 -42.76 -8.07 -13.69
N ASN B 481 -43.66 -8.35 -14.62
CA ASN B 481 -44.14 -9.72 -14.78
C ASN B 481 -42.95 -10.62 -15.10
N PHE B 482 -42.17 -10.22 -16.10
CA PHE B 482 -41.00 -10.99 -16.50
C PHE B 482 -40.14 -11.22 -15.27
N ALA B 483 -39.91 -10.15 -14.51
CA ALA B 483 -39.11 -10.22 -13.30
C ALA B 483 -39.68 -11.27 -12.37
N ARG B 484 -41.00 -11.31 -12.27
CA ARG B 484 -41.65 -12.28 -11.40
C ARG B 484 -41.59 -13.72 -11.92
N ASN B 485 -41.96 -13.95 -13.18
CA ASN B 485 -41.98 -15.33 -13.70
C ASN B 485 -41.16 -15.67 -14.93
N GLY B 486 -40.29 -14.76 -15.37
CA GLY B 486 -39.53 -15.08 -16.55
C GLY B 486 -40.49 -15.17 -17.72
N ASN B 487 -41.60 -14.47 -17.60
CA ASN B 487 -42.62 -14.43 -18.65
C ASN B 487 -43.39 -13.12 -18.53
N PRO B 488 -43.25 -12.23 -19.52
CA PRO B 488 -43.92 -10.92 -19.53
C PRO B 488 -45.44 -10.88 -19.49
N ASN B 489 -46.08 -12.02 -19.71
CA ASN B 489 -47.53 -12.06 -19.73
C ASN B 489 -48.21 -11.89 -18.38
N GLY B 490 -49.45 -11.41 -18.45
CA GLY B 490 -50.26 -11.18 -17.27
C GLY B 490 -51.66 -10.77 -17.68
N GLU B 491 -52.65 -11.05 -16.84
CA GLU B 491 -54.03 -10.68 -17.14
C GLU B 491 -54.19 -9.19 -17.33
N GLY B 492 -54.87 -8.82 -18.41
CA GLY B 492 -55.12 -7.43 -18.70
C GLY B 492 -54.08 -6.84 -19.64
N LEU B 493 -53.18 -7.69 -20.14
CA LEU B 493 -52.11 -7.25 -21.04
C LEU B 493 -52.13 -7.97 -22.37
N PRO B 494 -51.71 -7.29 -23.46
CA PRO B 494 -51.70 -7.95 -24.77
C PRO B 494 -50.83 -9.20 -24.63
N HIS B 495 -51.07 -10.20 -25.47
CA HIS B 495 -50.26 -11.41 -25.37
C HIS B 495 -48.91 -11.28 -26.06
N TRP B 496 -47.87 -11.61 -25.32
CA TRP B 496 -46.50 -11.53 -25.80
C TRP B 496 -46.01 -12.93 -26.15
N PRO B 497 -45.90 -13.22 -27.44
CA PRO B 497 -45.45 -14.53 -27.94
C PRO B 497 -44.02 -14.81 -27.51
N GLU B 498 -43.72 -16.06 -27.26
CA GLU B 498 -42.36 -16.43 -26.87
C GLU B 498 -41.55 -16.45 -28.15
N TYR B 499 -40.29 -16.03 -28.08
CA TYR B 499 -39.45 -16.02 -29.26
C TYR B 499 -38.90 -17.43 -29.43
N ASN B 500 -39.47 -18.14 -30.42
CA ASN B 500 -39.05 -19.49 -30.74
C ASN B 500 -38.79 -19.56 -32.24
N GLN B 501 -39.17 -20.68 -32.87
CA GLN B 501 -38.99 -20.83 -34.31
C GLN B 501 -39.83 -19.84 -35.10
N LYS B 502 -41.07 -19.60 -34.66
CA LYS B 502 -41.94 -18.64 -35.35
C LYS B 502 -41.36 -17.25 -35.26
N GLU B 503 -40.44 -17.07 -34.31
CA GLU B 503 -39.81 -15.79 -34.08
C GLU B 503 -40.83 -14.69 -33.79
N GLY B 504 -41.79 -15.00 -32.92
CA GLY B 504 -42.79 -14.02 -32.57
C GLY B 504 -42.21 -13.03 -31.57
N TYR B 505 -42.42 -11.74 -31.83
CA TYR B 505 -41.93 -10.69 -30.94
C TYR B 505 -43.03 -9.67 -30.73
N LEU B 506 -42.85 -8.77 -29.79
CA LEU B 506 -43.87 -7.77 -29.50
C LEU B 506 -43.50 -6.36 -29.89
N GLN B 507 -44.40 -5.72 -30.65
CA GLN B 507 -44.20 -4.34 -31.06
C GLN B 507 -44.92 -3.52 -30.01
N ILE B 508 -44.21 -2.58 -29.40
CA ILE B 508 -44.79 -1.73 -28.35
C ILE B 508 -44.89 -0.28 -28.79
N GLY B 509 -46.05 0.32 -28.50
CA GLY B 509 -46.27 1.71 -28.87
C GLY B 509 -47.71 2.13 -28.70
N ALA B 510 -48.18 3.03 -29.56
CA ALA B 510 -49.55 3.51 -29.52
C ALA B 510 -50.47 2.29 -29.52
N ASN B 511 -50.17 1.38 -30.44
CA ASN B 511 -50.91 0.14 -30.57
C ASN B 511 -49.88 -0.97 -30.33
N THR B 512 -50.00 -1.63 -29.18
CA THR B 512 -49.09 -2.72 -28.82
C THR B 512 -49.64 -4.04 -29.32
N GLN B 513 -49.03 -4.60 -30.36
CA GLN B 513 -49.49 -5.86 -30.94
C GLN B 513 -48.33 -6.79 -31.28
N ALA B 514 -48.60 -8.10 -31.22
CA ALA B 514 -47.58 -9.10 -31.52
C ALA B 514 -47.31 -9.24 -33.02
N ALA B 515 -46.07 -9.59 -33.35
CA ALA B 515 -45.66 -9.79 -34.74
C ALA B 515 -44.64 -10.93 -34.80
N GLN B 516 -43.98 -11.08 -35.94
CA GLN B 516 -42.99 -12.14 -36.10
C GLN B 516 -41.87 -11.78 -37.06
N LYS B 517 -40.77 -12.54 -36.98
CA LYS B 517 -39.60 -12.34 -37.82
C LYS B 517 -39.05 -10.91 -37.80
N LEU B 518 -38.39 -10.58 -36.70
CA LEU B 518 -37.79 -9.27 -36.49
C LEU B 518 -36.45 -9.13 -37.21
N LYS B 519 -36.32 -8.09 -38.03
CA LYS B 519 -35.09 -7.82 -38.79
C LYS B 519 -34.55 -9.05 -39.48
N ASP B 520 -35.44 -9.99 -39.81
CA ASP B 520 -35.07 -11.23 -40.47
C ASP B 520 -34.33 -10.98 -41.79
N LYS B 521 -34.89 -10.15 -42.65
CA LYS B 521 -34.23 -9.84 -43.91
C LYS B 521 -32.87 -9.26 -43.58
N GLU B 522 -32.89 -8.22 -42.75
CA GLU B 522 -31.70 -7.52 -42.31
C GLU B 522 -30.58 -8.44 -41.83
N VAL B 523 -30.90 -9.35 -40.91
CA VAL B 523 -29.91 -10.28 -40.39
C VAL B 523 -29.31 -11.08 -41.55
N ALA B 524 -30.17 -11.49 -42.47
CA ALA B 524 -29.76 -12.27 -43.63
C ALA B 524 -28.75 -11.52 -44.49
N PHE B 525 -29.18 -10.38 -45.02
CA PHE B 525 -28.29 -9.58 -45.86
C PHE B 525 -26.90 -9.38 -45.25
N TRP B 526 -26.84 -9.00 -43.98
CA TRP B 526 -25.58 -8.76 -43.31
C TRP B 526 -24.76 -9.99 -42.95
N THR B 527 -25.42 -11.08 -42.61
CA THR B 527 -24.68 -12.29 -42.27
C THR B 527 -23.79 -12.66 -43.45
N ASN B 528 -24.27 -12.36 -44.65
CA ASN B 528 -23.55 -12.65 -45.89
C ASN B 528 -22.47 -11.63 -46.23
N LEU B 529 -22.87 -10.38 -46.41
CA LEU B 529 -21.93 -9.32 -46.73
C LEU B 529 -20.66 -9.43 -45.89
N PHE B 530 -20.83 -9.65 -44.59
CA PHE B 530 -19.71 -9.77 -43.67
C PHE B 530 -18.86 -11.01 -43.89
N ALA B 531 -19.47 -12.07 -44.40
CA ALA B 531 -18.74 -13.30 -44.67
C ALA B 531 -17.90 -13.05 -45.92
N LYS B 532 -17.94 -11.81 -46.39
CA LYS B 532 -17.20 -11.37 -47.58
C LYS B 532 -17.70 -12.10 -48.81
N SER C 1 27.54 -3.41 35.84
CA SER C 1 28.65 -2.74 35.17
C SER C 1 28.56 -2.90 33.65
N SER C 2 28.00 -4.02 33.21
CA SER C 2 27.86 -4.29 31.78
C SER C 2 26.44 -3.90 31.36
N PRO C 3 26.27 -3.37 30.13
CA PRO C 3 24.96 -2.96 29.63
C PRO C 3 23.87 -4.01 29.84
N PRO C 4 22.71 -3.60 30.39
CA PRO C 4 21.60 -4.52 30.64
C PRO C 4 21.10 -5.04 29.30
N VAL C 5 20.58 -6.27 29.28
CA VAL C 5 20.04 -6.83 28.04
C VAL C 5 18.84 -7.69 28.35
N VAL C 6 17.65 -7.20 28.01
CA VAL C 6 16.42 -7.94 28.25
C VAL C 6 15.84 -8.46 26.95
N ASP C 7 15.29 -9.67 26.98
CA ASP C 7 14.68 -10.24 25.78
C ASP C 7 13.19 -9.94 25.77
N THR C 8 12.71 -9.28 24.72
CA THR C 8 11.28 -8.98 24.63
C THR C 8 10.69 -9.94 23.61
N VAL C 9 9.42 -9.75 23.30
CA VAL C 9 8.76 -10.64 22.35
C VAL C 9 9.29 -10.45 20.94
N HIS C 10 9.63 -9.23 20.58
CA HIS C 10 10.13 -8.99 19.24
C HIS C 10 11.65 -8.86 19.13
N GLY C 11 12.35 -9.21 20.21
CA GLY C 11 13.81 -9.13 20.16
C GLY C 11 14.49 -8.65 21.43
N LYS C 12 15.82 -8.55 21.37
CA LYS C 12 16.60 -8.12 22.52
C LYS C 12 16.85 -6.61 22.52
N VAL C 13 16.79 -6.01 23.71
CA VAL C 13 17.03 -4.59 23.88
C VAL C 13 18.20 -4.38 24.82
N LEU C 14 19.05 -3.44 24.46
CA LEU C 14 20.24 -3.11 25.23
C LEU C 14 20.04 -1.74 25.85
N GLY C 15 20.06 -1.67 27.18
CA GLY C 15 19.89 -0.40 27.85
C GLY C 15 21.14 0.00 28.60
N LYS C 16 21.01 0.97 29.49
CA LYS C 16 22.15 1.42 30.29
C LYS C 16 21.75 1.49 31.76
N PHE C 17 22.73 1.40 32.65
CA PHE C 17 22.51 1.48 34.09
C PHE C 17 22.76 2.92 34.56
N VAL C 18 22.01 3.37 35.55
CA VAL C 18 22.21 4.73 36.04
C VAL C 18 22.01 4.74 37.55
N SER C 19 22.90 5.40 38.28
CA SER C 19 22.78 5.45 39.75
C SER C 19 22.33 6.79 40.29
N LEU C 20 21.37 6.75 41.21
CA LEU C 20 20.85 7.95 41.84
C LEU C 20 21.57 8.15 43.17
N GLU C 21 21.80 9.41 43.51
CA GLU C 21 22.48 9.81 44.74
C GLU C 21 22.96 8.73 45.72
N GLY C 22 22.10 8.27 46.62
CA GLY C 22 22.55 7.26 47.57
C GLY C 22 22.06 5.84 47.41
N PHE C 23 21.55 5.50 46.23
CA PHE C 23 21.04 4.16 46.02
C PHE C 23 22.09 3.19 45.50
N ALA C 24 22.21 2.05 46.18
CA ALA C 24 23.17 1.03 45.80
C ALA C 24 22.72 0.23 44.57
N GLN C 25 21.42 0.00 44.45
CA GLN C 25 20.89 -0.74 43.31
C GLN C 25 20.72 0.22 42.14
N PRO C 26 21.49 0.03 41.07
CA PRO C 26 21.32 0.96 39.95
C PRO C 26 19.99 0.70 39.25
N VAL C 27 19.60 1.63 38.39
CA VAL C 27 18.36 1.51 37.65
C VAL C 27 18.70 1.34 36.18
N ALA C 28 18.08 0.36 35.54
CA ALA C 28 18.30 0.11 34.13
C ALA C 28 17.37 1.00 33.32
N ILE C 29 17.91 1.67 32.31
CA ILE C 29 17.10 2.57 31.50
C ILE C 29 17.11 2.23 30.02
N PHE C 30 15.91 2.07 29.46
CA PHE C 30 15.75 1.77 28.05
C PHE C 30 14.99 2.91 27.40
N LEU C 31 15.54 3.43 26.31
CA LEU C 31 14.92 4.54 25.62
C LEU C 31 14.54 4.23 24.18
N GLY C 32 13.29 4.48 23.83
CA GLY C 32 12.84 4.24 22.47
C GLY C 32 12.51 2.82 22.08
N ILE C 33 11.92 2.07 23.00
CA ILE C 33 11.53 0.71 22.68
C ILE C 33 10.24 0.87 21.89
N PRO C 34 10.21 0.36 20.65
CA PRO C 34 9.00 0.47 19.83
C PRO C 34 7.92 -0.49 20.33
N PHE C 35 6.68 -0.03 20.35
CA PHE C 35 5.58 -0.89 20.79
C PHE C 35 4.59 -1.05 19.65
N ALA C 36 4.98 -0.57 18.48
CA ALA C 36 4.14 -0.67 17.29
C ALA C 36 4.94 -0.41 16.02
N LYS C 37 4.32 -0.66 14.88
CA LYS C 37 4.94 -0.45 13.59
C LYS C 37 4.83 1.04 13.25
N PRO C 38 5.90 1.66 12.75
CA PRO C 38 5.84 3.08 12.41
C PRO C 38 4.58 3.39 11.57
N PRO C 39 3.66 4.21 12.11
CA PRO C 39 2.40 4.60 11.44
C PRO C 39 2.59 5.52 10.24
N LEU C 40 3.32 5.03 9.23
CA LEU C 40 3.61 5.80 8.03
C LEU C 40 2.82 5.34 6.80
N GLY C 41 2.92 6.15 5.74
CA GLY C 41 2.24 5.85 4.50
C GLY C 41 0.78 5.53 4.74
N PRO C 42 0.29 4.41 4.21
CA PRO C 42 -1.11 4.03 4.38
C PRO C 42 -1.52 3.78 5.84
N LEU C 43 -0.55 3.49 6.70
CA LEU C 43 -0.86 3.23 8.11
C LEU C 43 -1.34 4.47 8.86
N ARG C 44 -1.24 5.64 8.22
CA ARG C 44 -1.69 6.88 8.83
C ARG C 44 -3.22 6.89 8.94
N PHE C 45 -3.74 7.33 10.09
CA PHE C 45 -5.18 7.37 10.35
C PHE C 45 -5.74 5.95 10.44
N THR C 46 -4.91 5.02 10.88
CA THR C 46 -5.36 3.63 11.04
C THR C 46 -4.86 3.16 12.41
N PRO C 47 -5.53 2.19 13.02
CA PRO C 47 -5.11 1.68 14.32
C PRO C 47 -3.65 1.29 14.26
N PRO C 48 -2.94 1.34 15.40
CA PRO C 48 -1.52 0.98 15.42
C PRO C 48 -1.39 -0.51 15.21
N GLN C 49 -0.30 -0.92 14.58
CA GLN C 49 -0.09 -2.34 14.36
C GLN C 49 1.14 -2.83 15.08
N PRO C 50 1.21 -4.14 15.31
CA PRO C 50 2.35 -4.73 16.00
C PRO C 50 3.66 -4.33 15.35
N ALA C 51 4.75 -4.37 16.10
CA ALA C 51 6.05 -3.99 15.58
C ALA C 51 6.74 -5.19 14.95
N GLU C 52 7.55 -4.94 13.93
CA GLU C 52 8.28 -5.99 13.25
C GLU C 52 9.45 -6.46 14.10
N PRO C 53 9.53 -7.78 14.34
CA PRO C 53 10.60 -8.40 15.14
C PRO C 53 11.99 -8.17 14.57
N TRP C 54 12.93 -7.80 15.43
CA TRP C 54 14.30 -7.57 15.00
C TRP C 54 15.17 -8.78 15.27
N SER C 55 16.27 -8.90 14.52
CA SER C 55 17.15 -10.05 14.60
C SER C 55 18.26 -10.12 15.63
N PHE C 56 18.95 -9.02 15.91
CA PHE C 56 20.03 -9.12 16.89
C PHE C 56 19.68 -8.38 18.17
N VAL C 57 20.58 -7.54 18.67
CA VAL C 57 20.28 -6.79 19.87
C VAL C 57 19.99 -5.35 19.47
N LYS C 58 18.85 -4.83 19.87
CA LYS C 58 18.47 -3.46 19.54
C LYS C 58 18.88 -2.50 20.67
N ASN C 59 19.64 -1.48 20.30
CA ASN C 59 20.11 -0.49 21.27
C ASN C 59 19.09 0.58 21.65
N ALA C 60 18.46 0.39 22.81
CA ALA C 60 17.47 1.33 23.31
C ALA C 60 18.18 2.38 24.14
N THR C 61 19.00 3.21 23.48
CA THR C 61 19.76 4.23 24.21
C THR C 61 19.71 5.66 23.70
N SER C 62 18.66 6.01 22.98
CA SER C 62 18.51 7.37 22.47
C SER C 62 17.06 7.79 22.59
N TYR C 63 16.85 8.99 23.14
CA TYR C 63 15.49 9.47 23.27
C TYR C 63 14.83 9.35 21.90
N PRO C 64 13.63 8.75 21.85
CA PRO C 64 12.98 8.63 20.55
C PRO C 64 12.50 10.02 20.14
N PRO C 65 11.93 10.12 18.94
CA PRO C 65 11.44 11.41 18.47
C PRO C 65 10.06 11.62 19.06
N MET C 66 9.66 12.87 19.29
CA MET C 66 8.33 13.11 19.80
C MET C 66 7.47 13.23 18.55
N CYS C 67 6.23 12.77 18.62
CA CYS C 67 5.31 12.81 17.49
C CYS C 67 5.17 14.22 16.94
N THR C 68 4.94 14.35 15.64
CA THR C 68 4.82 15.66 14.99
C THR C 68 3.89 16.59 15.76
N GLN C 69 4.37 17.81 15.97
CA GLN C 69 3.64 18.84 16.70
C GLN C 69 4.31 20.18 16.42
N ASP C 70 3.76 21.24 17.00
CA ASP C 70 4.33 22.58 16.85
C ASP C 70 5.66 22.52 17.60
N PRO C 71 6.77 22.63 16.86
CA PRO C 71 8.06 22.58 17.56
C PRO C 71 8.28 23.68 18.60
N LYS C 72 7.76 24.87 18.35
CA LYS C 72 7.93 25.96 19.31
C LYS C 72 7.20 25.59 20.59
N ALA C 73 5.89 25.44 20.47
CA ALA C 73 5.03 25.09 21.60
C ALA C 73 5.50 23.81 22.28
N GLY C 74 5.89 22.84 21.49
CA GLY C 74 6.36 21.57 22.01
C GLY C 74 7.58 21.73 22.88
N GLN C 75 8.57 22.47 22.40
CA GLN C 75 9.78 22.66 23.19
C GLN C 75 9.42 23.38 24.48
N LEU C 76 8.60 24.42 24.35
CA LEU C 76 8.19 25.21 25.49
C LEU C 76 7.55 24.40 26.62
N LEU C 77 6.57 23.56 26.27
CA LEU C 77 5.89 22.75 27.28
C LEU C 77 6.88 21.80 27.94
N SER C 78 7.72 21.17 27.13
CA SER C 78 8.72 20.24 27.65
C SER C 78 9.66 20.94 28.63
N GLU C 79 9.98 22.21 28.36
CA GLU C 79 10.89 22.93 29.23
C GLU C 79 10.22 23.31 30.54
N LEU C 80 8.92 23.62 30.47
CA LEU C 80 8.14 24.01 31.65
C LEU C 80 7.80 22.85 32.58
N PHE C 81 7.59 21.67 32.01
CA PHE C 81 7.23 20.47 32.79
C PHE C 81 8.33 19.49 33.15
N THR C 82 9.44 19.51 32.43
CA THR C 82 10.51 18.57 32.72
C THR C 82 10.98 18.61 34.16
N ASN C 83 11.37 17.46 34.68
CA ASN C 83 11.82 17.37 36.05
C ASN C 83 13.30 17.08 36.11
N ARG C 84 13.95 17.03 34.95
CA ARG C 84 15.38 16.77 34.88
C ARG C 84 16.13 18.11 34.90
N LYS C 85 17.39 18.09 35.30
CA LYS C 85 18.21 19.31 35.37
C LYS C 85 18.20 20.11 34.07
N GLU C 86 18.71 19.50 33.01
CA GLU C 86 18.79 20.13 31.71
C GLU C 86 17.67 19.59 30.80
N ASN C 87 17.09 20.46 29.99
CA ASN C 87 16.03 20.01 29.10
C ASN C 87 16.66 19.33 27.89
N ILE C 88 16.03 18.26 27.43
CA ILE C 88 16.52 17.49 26.29
C ILE C 88 15.88 17.90 24.97
N PRO C 89 16.69 18.40 24.02
CA PRO C 89 16.16 18.81 22.73
C PRO C 89 15.63 17.57 22.01
N LEU C 90 14.47 17.71 21.37
CA LEU C 90 13.89 16.56 20.68
C LEU C 90 13.74 16.81 19.18
N LYS C 91 13.45 15.74 18.46
CA LYS C 91 13.27 15.78 17.02
C LYS C 91 11.82 15.38 16.75
N LEU C 92 11.27 15.85 15.63
CA LEU C 92 9.90 15.53 15.26
C LEU C 92 9.84 14.41 14.24
N SER C 93 8.88 13.52 14.39
CA SER C 93 8.72 12.44 13.43
C SER C 93 7.41 11.75 13.57
N GLU C 94 6.92 11.22 12.46
CA GLU C 94 5.67 10.50 12.47
C GLU C 94 6.06 9.18 13.10
N ASP C 95 7.34 8.87 13.02
CA ASP C 95 7.89 7.66 13.60
C ASP C 95 8.11 7.98 15.08
N CYS C 96 7.11 7.69 15.91
CA CYS C 96 7.21 8.01 17.31
C CYS C 96 6.53 7.05 18.28
N LEU C 97 5.98 5.94 17.79
CA LEU C 97 5.31 5.04 18.72
C LEU C 97 6.31 4.19 19.55
N TYR C 98 6.96 4.88 20.49
CA TYR C 98 7.95 4.30 21.38
C TYR C 98 7.59 4.57 22.85
N LEU C 99 8.30 3.91 23.76
CA LEU C 99 8.11 4.10 25.20
C LEU C 99 9.46 3.97 25.89
N ASN C 100 9.61 4.56 27.07
CA ASN C 100 10.87 4.48 27.82
C ASN C 100 10.65 3.68 29.09
N ILE C 101 11.61 2.85 29.47
CA ILE C 101 11.46 2.07 30.70
C ILE C 101 12.52 2.41 31.76
N TYR C 102 12.07 2.53 33.01
CA TYR C 102 12.94 2.82 34.17
C TYR C 102 12.66 1.74 35.23
N THR C 103 13.47 0.69 35.24
CA THR C 103 13.24 -0.36 36.20
C THR C 103 14.32 -0.48 37.26
N PRO C 104 13.91 -0.47 38.53
CA PRO C 104 14.83 -0.57 39.67
C PRO C 104 15.10 -2.02 40.08
N ALA C 105 14.41 -2.96 39.44
CA ALA C 105 14.56 -4.37 39.76
C ALA C 105 15.91 -4.95 39.37
N ASP C 106 16.34 -6.00 40.06
CA ASP C 106 17.59 -6.67 39.71
C ASP C 106 17.18 -7.62 38.58
N LEU C 107 17.62 -7.32 37.37
CA LEU C 107 17.24 -8.13 36.23
C LEU C 107 17.77 -9.55 36.27
N THR C 108 18.85 -9.78 37.00
CA THR C 108 19.42 -11.12 37.10
C THR C 108 18.51 -12.12 37.80
N LYS C 109 17.71 -11.64 38.75
CA LYS C 109 16.79 -12.50 39.48
C LYS C 109 15.36 -12.15 39.11
N LYS C 110 14.44 -13.08 39.29
CA LYS C 110 13.04 -12.82 38.96
C LYS C 110 12.60 -11.63 39.79
N ASN C 111 11.65 -10.86 39.26
CA ASN C 111 11.17 -9.69 39.97
C ASN C 111 9.86 -9.22 39.38
N ARG C 112 8.85 -9.05 40.23
CA ARG C 112 7.55 -8.58 39.76
C ARG C 112 7.08 -7.37 40.53
N LEU C 113 7.81 -6.27 40.38
CA LEU C 113 7.52 -5.00 41.02
C LEU C 113 6.30 -4.37 40.35
N PRO C 114 5.59 -3.48 41.07
CA PRO C 114 4.41 -2.84 40.47
C PRO C 114 4.80 -1.93 39.30
N VAL C 115 3.94 -1.83 38.30
CA VAL C 115 4.25 -1.02 37.13
C VAL C 115 3.41 0.25 37.06
N MET C 116 4.06 1.39 36.82
CA MET C 116 3.37 2.67 36.69
C MET C 116 3.57 3.29 35.32
N VAL C 117 2.55 3.18 34.47
CA VAL C 117 2.61 3.72 33.12
C VAL C 117 2.13 5.18 33.07
N TRP C 118 2.97 6.07 32.55
CA TRP C 118 2.64 7.51 32.48
C TRP C 118 2.24 8.06 31.13
N ILE C 119 1.10 8.72 31.08
CA ILE C 119 0.60 9.33 29.85
C ILE C 119 0.73 10.86 29.94
N HIS C 120 1.69 11.41 29.20
CA HIS C 120 1.93 12.84 29.21
C HIS C 120 0.73 13.65 28.74
N GLY C 121 0.71 14.93 29.14
CA GLY C 121 -0.36 15.82 28.74
C GLY C 121 0.13 16.74 27.62
N GLY C 122 -0.70 17.72 27.25
CA GLY C 122 -0.33 18.62 26.17
C GLY C 122 -1.51 18.82 25.23
N GLY C 123 -2.71 18.90 25.81
CA GLY C 123 -3.93 19.10 25.04
C GLY C 123 -4.15 18.18 23.84
N LEU C 124 -3.43 17.06 23.83
CA LEU C 124 -3.50 16.10 22.74
C LEU C 124 -2.88 16.67 21.47
N MET C 125 -2.37 17.90 21.55
CA MET C 125 -1.75 18.58 20.42
C MET C 125 -0.22 18.50 20.50
N VAL C 126 0.33 18.62 21.70
CA VAL C 126 1.78 18.58 21.91
C VAL C 126 2.19 17.68 23.08
N GLY C 127 3.49 17.60 23.33
CA GLY C 127 4.00 16.77 24.41
C GLY C 127 4.81 15.58 23.93
N ALA C 128 5.62 15.04 24.82
CA ALA C 128 6.46 13.89 24.52
C ALA C 128 6.73 13.14 25.81
N ALA C 129 7.06 11.87 25.70
CA ALA C 129 7.33 11.04 26.87
C ALA C 129 8.67 11.30 27.55
N SER C 130 9.70 11.59 26.76
CA SER C 130 11.03 11.83 27.28
C SER C 130 11.16 13.00 28.26
N THR C 131 10.17 13.89 28.25
CA THR C 131 10.18 15.03 29.15
C THR C 131 10.28 14.54 30.59
N TYR C 132 9.53 13.48 30.90
CA TYR C 132 9.48 12.89 32.23
C TYR C 132 10.50 11.80 32.49
N ASP C 133 11.46 12.09 33.37
CA ASP C 133 12.51 11.13 33.73
C ASP C 133 12.00 10.31 34.91
N GLY C 134 12.05 8.99 34.77
CA GLY C 134 11.56 8.12 35.83
C GLY C 134 12.56 7.61 36.85
N LEU C 135 13.79 8.10 36.79
CA LEU C 135 14.84 7.66 37.72
C LEU C 135 14.53 7.81 39.21
N ALA C 136 14.15 9.00 39.64
CA ALA C 136 13.86 9.22 41.05
C ALA C 136 12.72 8.34 41.54
N LEU C 137 11.56 8.45 40.91
CA LEU C 137 10.39 7.66 41.30
C LEU C 137 10.69 6.17 41.32
N ALA C 138 11.43 5.71 40.32
CA ALA C 138 11.77 4.29 40.22
C ALA C 138 12.62 3.84 41.39
N ALA C 139 13.67 4.60 41.71
CA ALA C 139 14.54 4.27 42.81
C ALA C 139 13.87 4.51 44.18
N HIS C 140 13.30 5.69 44.35
CA HIS C 140 12.66 6.07 45.60
C HIS C 140 11.45 5.25 46.06
N GLU C 141 10.71 4.60 45.17
CA GLU C 141 9.55 3.82 45.61
C GLU C 141 9.52 2.37 45.11
N ASN C 142 10.62 1.96 44.49
CA ASN C 142 10.79 0.60 43.98
C ASN C 142 9.67 0.09 43.10
N VAL C 143 9.41 0.83 42.03
CA VAL C 143 8.39 0.52 41.04
C VAL C 143 9.01 0.71 39.68
N VAL C 144 8.37 0.16 38.66
CA VAL C 144 8.88 0.31 37.30
C VAL C 144 8.11 1.46 36.66
N VAL C 145 8.83 2.47 36.18
CA VAL C 145 8.16 3.61 35.56
C VAL C 145 8.17 3.50 34.04
N VAL C 146 6.99 3.61 33.42
CA VAL C 146 6.86 3.54 31.97
C VAL C 146 6.22 4.79 31.39
N THR C 147 6.98 5.52 30.58
CA THR C 147 6.49 6.74 29.92
C THR C 147 6.26 6.39 28.45
N ILE C 148 5.03 6.56 27.99
CA ILE C 148 4.69 6.25 26.61
C ILE C 148 4.26 7.45 25.78
N GLN C 149 4.31 7.29 24.47
CA GLN C 149 3.91 8.35 23.56
C GLN C 149 2.73 7.89 22.72
N TYR C 150 2.09 8.83 22.04
CA TYR C 150 0.94 8.50 21.21
C TYR C 150 0.74 9.64 20.23
N ARG C 151 0.22 9.32 19.06
CA ARG C 151 -0.02 10.31 18.01
C ARG C 151 -0.79 11.54 18.49
N LEU C 152 -0.41 12.69 17.97
CA LEU C 152 -1.05 13.93 18.37
C LEU C 152 -1.72 14.64 17.21
N GLY C 153 -2.55 15.62 17.56
CA GLY C 153 -3.24 16.41 16.56
C GLY C 153 -3.87 15.65 15.40
N ILE C 154 -3.63 16.15 14.20
CA ILE C 154 -4.21 15.55 13.02
C ILE C 154 -3.91 14.06 12.90
N TRP C 155 -2.65 13.70 13.08
CA TRP C 155 -2.21 12.31 12.97
C TRP C 155 -2.90 11.37 13.95
N GLY C 156 -3.15 11.85 15.16
CA GLY C 156 -3.78 10.99 16.15
C GLY C 156 -5.25 11.23 16.43
N PHE C 157 -5.86 12.26 15.87
CA PHE C 157 -7.27 12.51 16.17
C PHE C 157 -8.21 12.93 15.05
N PHE C 158 -7.71 12.89 13.83
CA PHE C 158 -8.54 13.24 12.67
C PHE C 158 -9.62 12.17 12.47
N SER C 159 -10.87 12.63 12.44
CA SER C 159 -12.02 11.72 12.27
C SER C 159 -13.06 12.24 11.27
N THR C 160 -13.56 11.38 10.40
CA THR C 160 -14.59 11.82 9.48
C THR C 160 -15.96 11.40 9.97
N GLY C 161 -16.02 10.91 11.20
CA GLY C 161 -17.29 10.49 11.77
C GLY C 161 -17.77 9.14 11.26
N ASP C 162 -17.09 8.59 10.25
CA ASP C 162 -17.48 7.30 9.70
C ASP C 162 -16.34 6.28 9.68
N GLU C 163 -16.58 5.14 9.05
CA GLU C 163 -15.60 4.07 9.00
C GLU C 163 -14.32 4.38 8.26
N HIS C 164 -14.34 5.40 7.41
CA HIS C 164 -13.15 5.74 6.64
C HIS C 164 -12.06 6.38 7.50
N SER C 165 -12.43 6.84 8.70
CA SER C 165 -11.49 7.44 9.64
C SER C 165 -12.20 7.73 10.97
N ARG C 166 -12.56 6.65 11.67
CA ARG C 166 -13.26 6.73 12.96
C ARG C 166 -12.63 7.74 13.92
N GLY C 167 -11.33 7.61 14.13
CA GLY C 167 -10.63 8.52 15.03
C GLY C 167 -10.01 7.85 16.25
N ASN C 168 -9.64 8.67 17.23
CA ASN C 168 -9.02 8.21 18.47
C ASN C 168 -7.79 7.35 18.25
N TRP C 169 -7.04 7.60 17.18
CA TRP C 169 -5.84 6.79 16.93
C TRP C 169 -4.93 6.90 18.16
N GLY C 170 -4.85 8.12 18.69
CA GLY C 170 -4.03 8.39 19.86
C GLY C 170 -4.40 7.57 21.07
N HIS C 171 -5.70 7.34 21.25
CA HIS C 171 -6.14 6.55 22.38
C HIS C 171 -5.86 5.09 22.08
N LEU C 172 -5.92 4.71 20.81
CA LEU C 172 -5.63 3.34 20.45
C LEU C 172 -4.13 3.07 20.62
N ASP C 173 -3.31 4.12 20.44
CA ASP C 173 -1.87 4.01 20.62
C ASP C 173 -1.56 3.75 22.09
N GLN C 174 -2.34 4.37 22.97
CA GLN C 174 -2.13 4.19 24.39
C GLN C 174 -2.49 2.74 24.73
N VAL C 175 -3.63 2.28 24.23
CA VAL C 175 -4.06 0.91 24.49
C VAL C 175 -3.04 -0.10 24.00
N ALA C 176 -2.40 0.22 22.87
CA ALA C 176 -1.41 -0.67 22.30
C ALA C 176 -0.20 -0.78 23.22
N ALA C 177 0.31 0.35 23.70
CA ALA C 177 1.45 0.34 24.61
C ALA C 177 1.12 -0.46 25.87
N LEU C 178 -0.11 -0.31 26.37
CA LEU C 178 -0.53 -1.05 27.56
C LEU C 178 -0.45 -2.55 27.28
N ARG C 179 -0.87 -2.95 26.09
CA ARG C 179 -0.79 -4.35 25.71
C ARG C 179 0.69 -4.75 25.68
N TRP C 180 1.54 -3.84 25.23
CA TRP C 180 2.96 -4.15 25.18
C TRP C 180 3.53 -4.37 26.57
N VAL C 181 3.00 -3.61 27.53
CA VAL C 181 3.44 -3.76 28.91
C VAL C 181 3.03 -5.14 29.40
N GLN C 182 1.78 -5.52 29.16
CA GLN C 182 1.28 -6.83 29.57
C GLN C 182 2.14 -8.00 29.08
N ASP C 183 2.58 -7.93 27.83
CA ASP C 183 3.36 -9.02 27.27
C ASP C 183 4.85 -8.97 27.52
N ASN C 184 5.36 -7.87 28.05
CA ASN C 184 6.81 -7.79 28.23
C ASN C 184 7.33 -7.38 29.59
N ILE C 185 6.66 -6.44 30.24
CA ILE C 185 7.11 -5.89 31.51
C ILE C 185 7.80 -6.88 32.46
N ALA C 186 7.27 -8.09 32.59
CA ALA C 186 7.88 -9.08 33.49
C ALA C 186 9.36 -9.27 33.19
N SER C 187 9.72 -9.14 31.92
CA SER C 187 11.10 -9.29 31.47
C SER C 187 11.91 -8.15 32.04
N PHE C 188 11.22 -7.09 32.46
CA PHE C 188 11.89 -5.93 33.02
C PHE C 188 11.74 -5.86 34.52
N GLY C 189 11.22 -6.94 35.11
CA GLY C 189 11.05 -6.97 36.55
C GLY C 189 9.77 -6.32 37.01
N GLY C 190 8.79 -6.29 36.11
CA GLY C 190 7.50 -5.70 36.43
C GLY C 190 6.40 -6.74 36.46
N ASN C 191 5.40 -6.52 37.30
CA ASN C 191 4.31 -7.46 37.41
C ASN C 191 3.13 -7.03 36.54
N PRO C 192 2.91 -7.74 35.43
CA PRO C 192 1.82 -7.44 34.50
C PRO C 192 0.45 -7.47 35.13
N GLY C 193 0.37 -8.00 36.34
CA GLY C 193 -0.91 -8.09 37.02
C GLY C 193 -1.18 -6.91 37.93
N SER C 194 -0.24 -5.96 38.00
CA SER C 194 -0.38 -4.78 38.85
C SER C 194 0.12 -3.53 38.12
N VAL C 195 -0.53 -3.19 37.02
CA VAL C 195 -0.16 -2.00 36.27
C VAL C 195 -1.10 -0.84 36.60
N THR C 196 -0.50 0.31 36.90
CA THR C 196 -1.23 1.53 37.25
C THR C 196 -1.01 2.56 36.15
N ILE C 197 -2.07 3.21 35.68
CA ILE C 197 -1.91 4.24 34.66
C ILE C 197 -2.27 5.57 35.26
N PHE C 198 -1.41 6.54 35.05
CA PHE C 198 -1.63 7.89 35.54
C PHE C 198 -1.11 8.91 34.52
N GLY C 199 -1.83 10.02 34.37
CA GLY C 199 -1.42 11.05 33.42
C GLY C 199 -1.87 12.41 33.91
N GLU C 200 -1.41 13.46 33.24
CA GLU C 200 -1.77 14.81 33.65
C GLU C 200 -2.46 15.57 32.53
N SER C 201 -3.43 16.40 32.91
CA SER C 201 -4.21 17.20 31.97
C SER C 201 -4.78 16.31 30.86
N ALA C 202 -4.28 16.48 29.64
CA ALA C 202 -4.77 15.66 28.54
C ALA C 202 -4.46 14.19 28.88
N GLY C 203 -3.31 13.98 29.52
CA GLY C 203 -2.89 12.65 29.90
C GLY C 203 -3.85 12.17 30.97
N GLY C 204 -4.41 13.13 31.68
CA GLY C 204 -5.37 12.82 32.72
C GLY C 204 -6.67 12.43 32.05
N GLU C 205 -7.02 13.14 30.98
CA GLU C 205 -8.24 12.85 30.24
C GLU C 205 -8.17 11.45 29.62
N SER C 206 -6.98 11.07 29.17
CA SER C 206 -6.77 9.77 28.56
C SER C 206 -6.98 8.68 29.58
N VAL C 207 -6.41 8.86 30.77
CA VAL C 207 -6.58 7.88 31.83
C VAL C 207 -8.09 7.72 32.09
N SER C 208 -8.79 8.84 32.17
CA SER C 208 -10.23 8.83 32.41
C SER C 208 -10.99 8.10 31.30
N VAL C 209 -10.50 8.20 30.07
CA VAL C 209 -11.13 7.56 28.90
C VAL C 209 -10.87 6.06 28.89
N LEU C 210 -9.67 5.66 29.28
CA LEU C 210 -9.31 4.26 29.34
C LEU C 210 -10.18 3.61 30.41
N VAL C 211 -10.51 4.38 31.45
CA VAL C 211 -11.33 3.88 32.54
C VAL C 211 -12.72 3.49 32.07
N LEU C 212 -13.19 4.12 30.99
CA LEU C 212 -14.54 3.85 30.45
C LEU C 212 -14.51 3.03 29.17
N SER C 213 -13.32 2.67 28.72
CA SER C 213 -13.18 1.92 27.48
C SER C 213 -13.15 0.41 27.62
N PRO C 214 -14.09 -0.28 26.96
CA PRO C 214 -14.20 -1.74 26.98
C PRO C 214 -12.94 -2.42 26.46
N LEU C 215 -12.28 -1.75 25.52
CA LEU C 215 -11.08 -2.29 24.93
C LEU C 215 -9.97 -2.43 25.96
N ALA C 216 -9.81 -1.40 26.79
CA ALA C 216 -8.75 -1.36 27.80
C ALA C 216 -8.97 -2.19 29.06
N LYS C 217 -10.17 -2.74 29.23
CA LYS C 217 -10.44 -3.56 30.40
C LYS C 217 -9.37 -4.66 30.46
N ASN C 218 -8.73 -4.81 31.63
CA ASN C 218 -7.70 -5.84 31.83
C ASN C 218 -6.28 -5.40 31.45
N LEU C 219 -6.11 -4.14 31.11
CA LEU C 219 -4.80 -3.65 30.73
C LEU C 219 -4.18 -2.84 31.86
N PHE C 220 -4.97 -2.65 32.91
CA PHE C 220 -4.54 -1.91 34.08
C PHE C 220 -5.38 -2.32 35.29
N HIS C 221 -4.91 -1.96 36.47
CA HIS C 221 -5.58 -2.34 37.70
C HIS C 221 -5.83 -1.19 38.67
N ARG C 222 -5.29 -0.02 38.32
CA ARG C 222 -5.44 1.20 39.15
C ARG C 222 -5.25 2.39 38.22
N ALA C 223 -5.94 3.49 38.49
CA ALA C 223 -5.83 4.67 37.64
C ALA C 223 -5.78 6.01 38.38
N ILE C 224 -4.92 6.91 37.89
CA ILE C 224 -4.75 8.24 38.49
C ILE C 224 -4.94 9.34 37.46
N SER C 225 -5.92 10.20 37.69
CA SER C 225 -6.18 11.33 36.81
C SER C 225 -5.78 12.60 37.55
N GLU C 226 -4.78 13.30 37.01
CA GLU C 226 -4.27 14.54 37.59
C GLU C 226 -4.66 15.77 36.74
N SER C 227 -5.64 16.53 37.21
CA SER C 227 -6.10 17.72 36.50
C SER C 227 -6.61 17.38 35.11
N GLY C 228 -7.69 16.60 35.04
CA GLY C 228 -8.24 16.24 33.75
C GLY C 228 -9.00 14.91 33.71
N VAL C 229 -10.25 14.97 33.29
CA VAL C 229 -11.09 13.78 33.21
C VAL C 229 -11.85 13.78 31.89
N ALA C 230 -12.61 12.71 31.63
CA ALA C 230 -13.36 12.59 30.38
C ALA C 230 -14.51 13.56 30.25
N LEU C 231 -15.03 14.06 31.36
CA LEU C 231 -16.12 15.04 31.32
C LEU C 231 -15.55 16.42 30.95
N THR C 232 -14.23 16.59 31.05
CA THR C 232 -13.55 17.84 30.69
C THR C 232 -13.81 18.04 29.19
N SER C 233 -15.03 18.46 28.90
CA SER C 233 -15.53 18.69 27.55
C SER C 233 -14.48 19.05 26.51
N VAL C 234 -13.89 20.24 26.65
CA VAL C 234 -12.90 20.76 25.71
C VAL C 234 -12.11 19.72 24.92
N LEU C 235 -11.92 18.52 25.45
CA LEU C 235 -11.16 17.51 24.74
C LEU C 235 -11.94 16.39 24.05
N VAL C 236 -13.26 16.34 24.25
CA VAL C 236 -14.09 15.30 23.62
C VAL C 236 -15.15 15.94 22.70
N LYS C 237 -14.89 15.96 21.40
CA LYS C 237 -15.82 16.57 20.45
C LYS C 237 -17.03 15.68 20.20
N LYS C 238 -18.17 16.08 20.76
CA LYS C 238 -19.40 15.31 20.56
C LYS C 238 -20.10 15.89 19.32
N GLY C 239 -21.26 15.37 18.99
CA GLY C 239 -21.98 15.86 17.83
C GLY C 239 -21.32 15.41 16.54
N ASP C 240 -21.73 15.99 15.42
CA ASP C 240 -21.16 15.62 14.11
C ASP C 240 -19.79 16.25 13.93
N VAL C 241 -18.79 15.41 13.73
CA VAL C 241 -17.43 15.91 13.57
C VAL C 241 -17.09 16.19 12.11
N LYS C 242 -17.94 15.68 11.22
CA LYS C 242 -17.75 15.84 9.77
C LYS C 242 -17.28 17.26 9.36
N PRO C 243 -17.88 18.30 9.93
CA PRO C 243 -17.47 19.66 9.57
C PRO C 243 -16.01 19.98 9.87
N LEU C 244 -15.57 19.76 11.10
CA LEU C 244 -14.19 20.06 11.46
C LEU C 244 -13.23 19.32 10.51
N ALA C 245 -13.70 18.20 9.97
CA ALA C 245 -12.90 17.40 9.06
C ALA C 245 -12.78 18.13 7.72
N GLU C 246 -13.93 18.55 7.20
CA GLU C 246 -13.97 19.27 5.95
C GLU C 246 -13.09 20.52 6.06
N GLN C 247 -13.17 21.18 7.20
CA GLN C 247 -12.38 22.37 7.44
C GLN C 247 -10.89 22.03 7.38
N ILE C 248 -10.48 20.99 8.10
CA ILE C 248 -9.08 20.59 8.06
C ILE C 248 -8.72 20.18 6.63
N ALA C 249 -9.60 19.39 6.01
CA ALA C 249 -9.39 18.95 4.64
C ALA C 249 -9.08 20.13 3.71
N ILE C 250 -9.98 21.11 3.72
CA ILE C 250 -9.82 22.29 2.89
C ILE C 250 -8.55 23.06 3.20
N THR C 251 -8.29 23.30 4.48
CA THR C 251 -7.09 24.02 4.89
C THR C 251 -5.83 23.33 4.40
N ALA C 252 -5.86 22.00 4.37
CA ALA C 252 -4.72 21.23 3.91
C ALA C 252 -4.77 21.23 2.39
N GLY C 253 -5.86 21.77 1.87
CA GLY C 253 -6.02 21.83 0.42
C GLY C 253 -6.46 20.51 -0.19
N CYS C 254 -7.58 19.98 0.29
CA CYS C 254 -8.07 18.73 -0.24
C CYS C 254 -9.54 18.84 -0.59
N LYS C 255 -9.97 18.12 -1.62
CA LYS C 255 -11.37 18.12 -2.02
C LYS C 255 -12.14 17.57 -0.83
N THR C 256 -13.43 17.88 -0.75
CA THR C 256 -14.21 17.36 0.37
C THR C 256 -15.39 16.57 -0.18
N THR C 257 -15.24 16.05 -1.39
CA THR C 257 -16.30 15.29 -2.02
C THR C 257 -16.90 14.21 -1.12
N THR C 258 -16.06 13.37 -0.52
CA THR C 258 -16.53 12.31 0.39
C THR C 258 -15.46 12.02 1.45
N SER C 259 -15.85 11.40 2.55
CA SER C 259 -14.91 11.06 3.61
C SER C 259 -13.69 10.31 3.07
N ALA C 260 -13.95 9.23 2.35
CA ALA C 260 -12.91 8.42 1.75
C ALA C 260 -11.99 9.29 0.88
N VAL C 261 -12.59 10.25 0.18
CA VAL C 261 -11.80 11.15 -0.66
C VAL C 261 -10.87 11.99 0.24
N MET C 262 -11.43 12.57 1.28
CA MET C 262 -10.64 13.37 2.21
C MET C 262 -9.50 12.55 2.81
N VAL C 263 -9.85 11.45 3.46
CA VAL C 263 -8.86 10.59 4.09
C VAL C 263 -7.72 10.23 3.12
N HIS C 264 -8.09 9.92 1.89
CA HIS C 264 -7.12 9.54 0.88
C HIS C 264 -6.18 10.67 0.49
N CYS C 265 -6.70 11.89 0.46
CA CYS C 265 -5.90 13.05 0.11
C CYS C 265 -4.94 13.40 1.24
N LEU C 266 -5.44 13.40 2.48
CA LEU C 266 -4.58 13.70 3.60
C LEU C 266 -3.48 12.66 3.78
N ARG C 267 -3.74 11.41 3.40
CA ARG C 267 -2.70 10.39 3.56
C ARG C 267 -1.59 10.61 2.54
N GLN C 268 -1.89 11.37 1.50
CA GLN C 268 -0.92 11.64 0.45
C GLN C 268 -0.05 12.84 0.78
N LYS C 269 -0.46 13.66 1.75
CA LYS C 269 0.32 14.84 2.14
C LYS C 269 1.56 14.47 2.94
N THR C 270 2.61 15.28 2.84
CA THR C 270 3.84 15.02 3.57
C THR C 270 3.65 15.42 5.01
N GLU C 271 4.46 14.85 5.91
CA GLU C 271 4.38 15.18 7.33
C GLU C 271 4.49 16.70 7.48
N GLU C 272 5.44 17.31 6.77
CA GLU C 272 5.65 18.74 6.83
C GLU C 272 4.43 19.54 6.40
N GLU C 273 3.74 19.07 5.38
CA GLU C 273 2.56 19.77 4.89
C GLU C 273 1.45 19.76 5.95
N LEU C 274 1.24 18.60 6.58
CA LEU C 274 0.22 18.48 7.62
C LEU C 274 0.56 19.32 8.85
N LEU C 275 1.85 19.62 9.05
CA LEU C 275 2.26 20.43 10.18
C LEU C 275 1.96 21.89 9.84
N GLU C 276 2.21 22.28 8.59
CA GLU C 276 1.91 23.64 8.17
C GLU C 276 0.41 23.86 8.30
N THR C 277 -0.37 22.86 7.90
CA THR C 277 -1.82 22.93 8.02
C THR C 277 -2.12 23.11 9.51
N THR C 278 -1.38 22.40 10.36
CA THR C 278 -1.58 22.50 11.80
C THR C 278 -1.27 23.89 12.34
N LEU C 279 -0.32 24.60 11.73
CA LEU C 279 0.00 25.94 12.21
C LEU C 279 -1.04 26.95 11.73
N LYS C 280 -1.50 26.75 10.51
CA LYS C 280 -2.51 27.64 9.95
C LYS C 280 -3.74 27.56 10.84
N MET C 281 -4.10 26.35 11.27
CA MET C 281 -5.27 26.17 12.13
C MET C 281 -5.24 27.13 13.32
N LYS C 282 -4.12 27.15 14.04
CA LYS C 282 -3.95 28.02 15.22
C LYS C 282 -4.81 27.49 16.37
N PHE C 283 -4.58 26.24 16.76
CA PHE C 283 -5.35 25.60 17.82
C PHE C 283 -5.14 26.12 19.24
N LEU C 284 -3.93 25.93 19.78
CA LEU C 284 -3.60 26.32 21.15
C LEU C 284 -3.81 27.78 21.54
N SER C 285 -4.26 28.61 20.61
CA SER C 285 -4.49 30.02 20.91
C SER C 285 -5.96 30.39 20.89
N LEU C 286 -6.44 31.00 21.98
CA LEU C 286 -7.84 31.43 22.07
C LEU C 286 -8.07 32.64 21.18
N ASP C 287 -9.08 32.55 20.31
CA ASP C 287 -9.37 33.65 19.40
C ASP C 287 -10.33 34.65 20.04
N LEU C 288 -10.02 35.93 19.88
CA LEU C 288 -10.83 37.03 20.43
C LEU C 288 -11.81 37.57 19.39
N GLN C 289 -11.35 37.71 18.14
CA GLN C 289 -12.18 38.24 17.05
C GLN C 289 -13.04 37.13 16.44
N GLY C 290 -14.25 37.49 16.01
CA GLY C 290 -15.16 36.53 15.42
C GLY C 290 -16.24 36.04 16.37
N ASP C 291 -17.04 35.09 15.92
CA ASP C 291 -18.12 34.52 16.72
C ASP C 291 -17.50 33.51 17.69
N PRO C 292 -17.81 33.63 19.00
CA PRO C 292 -17.31 32.75 20.06
C PRO C 292 -17.52 31.27 19.77
N ARG C 293 -18.72 30.92 19.33
CA ARG C 293 -19.08 29.54 19.02
C ARG C 293 -18.39 29.04 17.74
N GLU C 294 -18.39 29.87 16.71
CA GLU C 294 -17.76 29.49 15.46
C GLU C 294 -16.25 29.29 15.63
N SER C 295 -15.66 30.05 16.55
CA SER C 295 -14.23 29.95 16.83
C SER C 295 -13.88 28.52 17.21
N GLN C 296 -13.66 27.69 16.20
CA GLN C 296 -13.31 26.30 16.37
C GLN C 296 -12.44 25.97 17.57
N PRO C 297 -12.89 25.04 18.41
CA PRO C 297 -12.19 24.58 19.62
C PRO C 297 -10.88 23.83 19.26
N LEU C 298 -11.01 22.56 18.94
CA LEU C 298 -9.89 21.70 18.57
C LEU C 298 -10.44 20.50 17.80
N LEU C 299 -9.88 19.34 18.13
CA LEU C 299 -10.28 18.07 17.58
C LEU C 299 -9.60 17.11 18.52
N GLY C 300 -10.34 16.14 19.02
CA GLY C 300 -9.75 15.20 19.94
C GLY C 300 -10.47 13.88 20.07
N THR C 301 -10.89 13.58 21.29
CA THR C 301 -11.60 12.35 21.57
C THR C 301 -12.98 12.41 20.96
N VAL C 302 -13.36 11.36 20.24
CA VAL C 302 -14.67 11.29 19.65
C VAL C 302 -15.24 9.96 20.06
N ILE C 303 -16.52 9.75 19.76
CA ILE C 303 -17.18 8.50 20.10
C ILE C 303 -17.08 7.65 18.84
N ASP C 304 -16.05 6.82 18.76
CA ASP C 304 -15.86 6.03 17.55
C ASP C 304 -16.67 4.76 17.40
N GLY C 305 -17.06 4.15 18.51
CA GLY C 305 -17.81 2.91 18.45
C GLY C 305 -16.90 1.71 18.61
N MET C 306 -15.65 1.98 19.00
CA MET C 306 -14.65 0.93 19.21
C MET C 306 -13.91 1.13 20.54
N LEU C 307 -13.53 2.37 20.83
CA LEU C 307 -12.85 2.68 22.09
C LEU C 307 -13.92 3.21 23.05
N LEU C 308 -14.80 4.05 22.53
CA LEU C 308 -15.91 4.62 23.31
C LEU C 308 -17.17 4.37 22.53
N LEU C 309 -18.18 3.80 23.18
CA LEU C 309 -19.45 3.50 22.53
C LEU C 309 -20.54 4.54 22.77
N LYS C 310 -20.27 5.50 23.64
CA LYS C 310 -21.21 6.58 23.94
C LYS C 310 -20.45 7.65 24.68
N THR C 311 -21.01 8.86 24.73
CA THR C 311 -20.35 9.96 25.42
C THR C 311 -20.04 9.58 26.85
N PRO C 312 -18.93 10.10 27.39
CA PRO C 312 -18.53 9.81 28.77
C PRO C 312 -19.69 10.02 29.73
N GLU C 313 -20.48 11.04 29.45
CA GLU C 313 -21.63 11.37 30.27
C GLU C 313 -22.57 10.16 30.40
N GLU C 314 -22.91 9.54 29.28
CA GLU C 314 -23.81 8.37 29.30
C GLU C 314 -23.16 7.14 29.92
N LEU C 315 -21.86 6.96 29.69
CA LEU C 315 -21.14 5.81 30.22
C LEU C 315 -21.05 5.75 31.73
N GLN C 316 -20.81 6.89 32.36
CA GLN C 316 -20.69 6.93 33.81
C GLN C 316 -21.95 6.48 34.53
N ALA C 317 -23.09 6.75 33.93
CA ALA C 317 -24.36 6.38 34.52
C ALA C 317 -24.64 4.88 34.31
N GLU C 318 -23.58 4.11 34.08
CA GLU C 318 -23.70 2.66 33.85
C GLU C 318 -22.74 1.84 34.70
N ARG C 319 -23.21 1.39 35.86
CA ARG C 319 -22.39 0.57 36.76
C ARG C 319 -22.35 -0.87 36.25
N ASN C 320 -22.05 -1.06 34.96
CA ASN C 320 -21.99 -2.40 34.40
C ASN C 320 -20.70 -2.68 33.65
N PHE C 321 -19.65 -1.92 34.00
CA PHE C 321 -18.36 -2.08 33.39
C PHE C 321 -17.41 -2.60 34.47
N HIS C 322 -16.13 -2.65 34.16
CA HIS C 322 -15.11 -3.09 35.11
C HIS C 322 -14.71 -1.89 35.97
N THR C 323 -14.64 -2.08 37.29
CA THR C 323 -14.29 -0.99 38.20
C THR C 323 -12.96 -1.23 38.90
N VAL C 324 -12.15 -0.18 39.01
CA VAL C 324 -10.85 -0.29 39.68
C VAL C 324 -10.55 0.91 40.57
N PRO C 325 -9.58 0.79 41.50
CA PRO C 325 -9.24 1.91 42.39
C PRO C 325 -8.88 3.09 41.51
N TYR C 326 -9.59 4.20 41.72
CA TYR C 326 -9.36 5.40 40.91
C TYR C 326 -9.08 6.63 41.76
N MET C 327 -7.91 7.25 41.56
CA MET C 327 -7.56 8.48 42.30
C MET C 327 -7.73 9.66 41.32
N VAL C 328 -8.50 10.68 41.73
CA VAL C 328 -8.74 11.86 40.90
C VAL C 328 -8.34 13.10 41.68
N GLY C 329 -7.78 14.10 41.02
CA GLY C 329 -7.40 15.28 41.77
C GLY C 329 -7.19 16.54 40.97
N ILE C 330 -7.21 17.68 41.67
CA ILE C 330 -7.02 18.97 41.03
C ILE C 330 -5.97 19.78 41.79
N ASN C 331 -5.71 21.00 41.30
CA ASN C 331 -4.74 21.90 41.92
C ASN C 331 -5.49 23.18 42.28
N LYS C 332 -5.09 23.79 43.39
CA LYS C 332 -5.71 25.02 43.87
C LYS C 332 -5.99 26.07 42.79
N GLN C 333 -5.00 26.33 41.95
CA GLN C 333 -5.11 27.34 40.89
C GLN C 333 -4.83 26.81 39.47
N GLU C 334 -5.74 25.96 38.99
CA GLU C 334 -5.63 25.33 37.66
C GLU C 334 -5.46 26.31 36.51
N PHE C 335 -6.08 27.48 36.61
CA PHE C 335 -6.01 28.45 35.55
C PHE C 335 -5.25 29.68 36.04
N GLY C 336 -4.36 29.46 36.99
CA GLY C 336 -3.59 30.55 37.56
C GLY C 336 -2.53 31.23 36.72
N TRP C 337 -1.92 30.51 35.77
CA TRP C 337 -0.89 31.12 34.95
C TRP C 337 -0.55 30.36 33.65
N LEU C 338 0.06 29.18 33.82
CA LEU C 338 0.52 28.36 32.70
C LEU C 338 -0.45 28.31 31.54
N ILE C 339 -1.70 27.96 31.82
CA ILE C 339 -2.68 27.87 30.75
C ILE C 339 -3.05 29.22 30.15
N PRO C 340 -3.39 30.22 30.98
CA PRO C 340 -3.75 31.51 30.41
C PRO C 340 -2.58 32.12 29.64
N MET C 341 -1.37 31.73 30.01
CA MET C 341 -0.17 32.23 29.36
C MET C 341 -0.01 31.58 27.97
N LEU C 342 0.14 30.26 27.95
CA LEU C 342 0.32 29.52 26.71
C LEU C 342 -0.74 29.84 25.64
N MET C 343 -1.88 30.38 26.06
CA MET C 343 -2.95 30.71 25.13
C MET C 343 -3.07 32.20 24.87
N SER C 344 -2.19 32.98 25.47
CA SER C 344 -2.18 34.42 25.27
C SER C 344 -3.48 35.07 25.72
N TYR C 345 -4.00 34.63 26.86
CA TYR C 345 -5.23 35.20 27.40
C TYR C 345 -5.02 36.70 27.62
N PRO C 346 -6.00 37.52 27.22
CA PRO C 346 -5.92 38.99 27.38
C PRO C 346 -6.09 39.44 28.83
N LEU C 347 -5.01 39.36 29.61
CA LEU C 347 -5.04 39.76 31.02
C LEU C 347 -3.69 40.35 31.43
N SER C 348 -3.27 41.37 30.69
CA SER C 348 -2.01 42.04 30.94
C SER C 348 -2.15 43.12 32.02
N GLU C 349 -3.20 43.93 31.90
CA GLU C 349 -3.48 45.00 32.86
C GLU C 349 -3.76 44.46 34.25
N GLY C 350 -3.58 43.15 34.41
CA GLY C 350 -3.79 42.49 35.69
C GLY C 350 -5.09 42.72 36.43
N GLN C 351 -6.14 43.14 35.72
CA GLN C 351 -7.42 43.35 36.38
C GLN C 351 -8.60 43.26 35.42
N LEU C 352 -9.78 43.09 35.99
CA LEU C 352 -11.01 42.94 35.21
C LEU C 352 -12.20 43.54 35.93
N ASP C 353 -13.31 43.68 35.21
CA ASP C 353 -14.54 44.24 35.76
C ASP C 353 -15.74 43.45 35.20
N GLN C 354 -16.81 43.40 35.98
CA GLN C 354 -18.02 42.68 35.58
C GLN C 354 -18.32 42.64 34.09
N LYS C 355 -18.26 43.79 33.42
CA LYS C 355 -18.54 43.85 31.99
C LYS C 355 -17.50 43.11 31.15
N THR C 356 -16.23 43.49 31.28
CA THR C 356 -15.16 42.86 30.51
C THR C 356 -15.08 41.37 30.82
N ALA C 357 -15.61 41.00 31.98
CA ALA C 357 -15.62 39.61 32.42
C ALA C 357 -16.68 38.82 31.64
N MET C 358 -17.93 39.29 31.69
CA MET C 358 -19.01 38.64 30.98
C MET C 358 -18.64 38.50 29.51
N SER C 359 -18.02 39.56 28.98
CA SER C 359 -17.60 39.61 27.58
C SER C 359 -16.43 38.67 27.34
N LEU C 360 -15.52 38.61 28.29
CA LEU C 360 -14.37 37.74 28.17
C LEU C 360 -14.88 36.31 28.18
N LEU C 361 -15.76 36.03 29.15
CA LEU C 361 -16.36 34.70 29.31
C LEU C 361 -17.02 34.21 28.02
N TRP C 362 -17.80 35.07 27.39
CA TRP C 362 -18.47 34.69 26.16
C TRP C 362 -17.45 34.29 25.09
N LYS C 363 -16.35 35.05 24.98
CA LYS C 363 -15.31 34.76 23.98
C LYS C 363 -14.60 33.45 24.28
N SER C 364 -14.53 33.11 25.56
CA SER C 364 -13.85 31.90 25.98
C SER C 364 -14.73 30.67 25.76
N TYR C 365 -15.91 30.87 25.18
CA TYR C 365 -16.86 29.79 24.91
C TYR C 365 -16.21 28.48 24.50
N PRO C 366 -15.28 28.51 23.53
CA PRO C 366 -14.62 27.28 23.11
C PRO C 366 -13.62 26.79 24.15
N LEU C 367 -14.01 26.89 25.42
CA LEU C 367 -13.16 26.47 26.53
C LEU C 367 -13.98 26.00 27.73
N VAL C 368 -15.01 26.77 28.07
CA VAL C 368 -15.86 26.46 29.20
C VAL C 368 -17.30 26.22 28.77
N CYS C 369 -17.57 26.51 27.50
CA CYS C 369 -18.90 26.32 26.93
C CYS C 369 -19.99 26.81 27.86
N ILE C 370 -20.33 28.08 27.76
CA ILE C 370 -21.37 28.63 28.62
C ILE C 370 -22.34 29.41 27.75
N ALA C 371 -23.58 28.95 27.70
CA ALA C 371 -24.59 29.64 26.90
C ALA C 371 -24.54 31.11 27.25
N LYS C 372 -24.59 31.97 26.25
CA LYS C 372 -24.53 33.40 26.46
C LYS C 372 -25.55 33.90 27.48
N GLU C 373 -26.76 33.36 27.42
CA GLU C 373 -27.83 33.73 28.34
C GLU C 373 -27.53 33.36 29.79
N LEU C 374 -26.45 32.61 30.01
CA LEU C 374 -26.07 32.20 31.36
C LEU C 374 -24.98 33.09 31.95
N ILE C 375 -24.08 33.55 31.10
CA ILE C 375 -22.96 34.40 31.51
C ILE C 375 -23.22 35.29 32.73
N PRO C 376 -24.20 36.22 32.65
CA PRO C 376 -24.49 37.10 33.77
C PRO C 376 -24.62 36.40 35.11
N GLU C 377 -25.50 35.40 35.16
CA GLU C 377 -25.70 34.68 36.42
C GLU C 377 -24.39 34.07 36.90
N ALA C 378 -23.65 33.47 35.96
CA ALA C 378 -22.39 32.84 36.29
C ALA C 378 -21.38 33.87 36.80
N THR C 379 -21.20 34.95 36.05
CA THR C 379 -20.26 35.99 36.43
C THR C 379 -20.66 36.67 37.71
N GLU C 380 -21.97 36.78 37.94
CA GLU C 380 -22.46 37.41 39.15
C GLU C 380 -22.21 36.53 40.37
N LYS C 381 -21.98 35.24 40.14
CA LYS C 381 -21.74 34.30 41.22
C LYS C 381 -20.31 34.34 41.76
N TYR C 382 -19.34 34.41 40.86
CA TYR C 382 -17.94 34.44 41.24
C TYR C 382 -17.40 35.84 41.46
N LEU C 383 -17.72 36.75 40.55
CA LEU C 383 -17.23 38.11 40.66
C LEU C 383 -18.11 39.03 41.50
N GLY C 384 -19.26 38.53 41.93
CA GLY C 384 -20.15 39.33 42.74
C GLY C 384 -19.48 39.73 44.05
N GLY C 385 -18.31 39.14 44.32
CA GLY C 385 -17.56 39.42 45.53
C GLY C 385 -17.22 40.89 45.73
N THR C 386 -15.99 41.19 46.11
CA THR C 386 -15.62 42.58 46.33
C THR C 386 -15.65 43.35 45.01
N ASP C 387 -15.41 44.65 45.11
CA ASP C 387 -15.40 45.56 43.97
C ASP C 387 -13.94 45.66 43.54
N ASP C 388 -13.09 44.95 44.27
CA ASP C 388 -11.66 44.91 44.00
C ASP C 388 -11.52 44.35 42.60
N THR C 389 -11.09 45.18 41.65
CA THR C 389 -10.95 44.73 40.28
C THR C 389 -9.86 43.68 40.10
N VAL C 390 -8.97 43.57 41.08
CA VAL C 390 -7.92 42.56 40.98
C VAL C 390 -8.47 41.22 41.48
N LYS C 391 -9.28 41.25 42.53
CA LYS C 391 -9.85 40.02 43.03
C LYS C 391 -10.71 39.40 41.94
N LYS C 392 -11.42 40.27 41.20
CA LYS C 392 -12.28 39.79 40.12
C LYS C 392 -11.50 39.00 39.07
N LYS C 393 -10.26 39.38 38.83
CA LYS C 393 -9.46 38.66 37.84
C LYS C 393 -9.17 37.26 38.38
N ASP C 394 -8.75 37.19 39.65
CA ASP C 394 -8.44 35.92 40.28
C ASP C 394 -9.69 35.04 40.34
N LEU C 395 -10.79 35.62 40.81
CA LEU C 395 -12.06 34.90 40.89
C LEU C 395 -12.54 34.44 39.53
N PHE C 396 -12.18 35.18 38.50
CA PHE C 396 -12.55 34.85 37.13
C PHE C 396 -11.71 33.65 36.70
N LEU C 397 -10.47 33.62 37.18
CA LEU C 397 -9.57 32.53 36.87
C LEU C 397 -9.99 31.30 37.66
N ASP C 398 -10.83 31.50 38.67
CA ASP C 398 -11.35 30.41 39.48
C ASP C 398 -12.55 29.88 38.70
N LEU C 399 -13.39 30.82 38.27
CA LEU C 399 -14.58 30.53 37.50
C LEU C 399 -14.19 29.48 36.46
N ILE C 400 -13.24 29.83 35.61
CA ILE C 400 -12.80 28.94 34.54
C ILE C 400 -12.19 27.63 35.05
N ALA C 401 -11.28 27.74 36.01
CA ALA C 401 -10.63 26.56 36.58
C ALA C 401 -11.70 25.59 37.07
N ASP C 402 -12.74 26.12 37.70
CA ASP C 402 -13.82 25.29 38.22
C ASP C 402 -14.56 24.52 37.12
N VAL C 403 -14.97 25.21 36.06
CA VAL C 403 -15.71 24.60 34.95
C VAL C 403 -14.87 23.61 34.12
N MET C 404 -13.57 23.85 34.03
CA MET C 404 -12.70 22.97 33.25
C MET C 404 -12.08 21.82 34.05
N PHE C 405 -11.93 22.00 35.34
CA PHE C 405 -11.31 20.95 36.14
C PHE C 405 -12.03 20.56 37.42
N GLY C 406 -12.16 21.51 38.33
CA GLY C 406 -12.81 21.25 39.60
C GLY C 406 -14.10 20.48 39.55
N VAL C 407 -15.14 21.08 38.98
CA VAL C 407 -16.44 20.43 38.93
C VAL C 407 -16.41 19.08 38.20
N PRO C 408 -16.01 19.06 36.92
CA PRO C 408 -15.98 17.79 36.18
C PRO C 408 -15.29 16.68 36.99
N SER C 409 -14.15 17.01 37.56
CA SER C 409 -13.37 16.07 38.36
C SER C 409 -14.10 15.47 39.53
N VAL C 410 -14.77 16.29 40.33
CA VAL C 410 -15.50 15.75 41.46
C VAL C 410 -16.63 14.84 41.01
N ILE C 411 -17.39 15.28 40.01
CA ILE C 411 -18.51 14.48 39.50
C ILE C 411 -18.02 13.10 39.11
N VAL C 412 -16.88 13.04 38.45
CA VAL C 412 -16.33 11.75 38.05
C VAL C 412 -16.10 10.86 39.27
N ALA C 413 -15.30 11.34 40.22
CA ALA C 413 -15.00 10.58 41.44
C ALA C 413 -16.28 10.06 42.11
N ARG C 414 -17.28 10.93 42.19
CA ARG C 414 -18.54 10.57 42.79
C ARG C 414 -19.18 9.44 42.03
N ASN C 415 -19.40 9.65 40.74
CA ASN C 415 -19.99 8.61 39.91
C ASN C 415 -19.21 7.31 40.06
N HIS C 416 -17.89 7.41 40.11
CA HIS C 416 -17.04 6.23 40.27
C HIS C 416 -17.31 5.61 41.65
N ARG C 417 -17.33 6.45 42.67
CA ARG C 417 -17.59 5.99 44.03
C ARG C 417 -18.94 5.26 44.08
N ASP C 418 -19.97 5.89 43.53
CA ASP C 418 -21.30 5.29 43.54
C ASP C 418 -21.39 3.96 42.79
N ALA C 419 -20.50 3.76 41.81
CA ALA C 419 -20.48 2.53 41.04
C ALA C 419 -19.93 1.39 41.88
N GLY C 420 -19.48 1.74 43.09
CA GLY C 420 -18.95 0.75 44.02
C GLY C 420 -17.46 0.48 44.01
N ALA C 421 -16.66 1.41 43.51
CA ALA C 421 -15.21 1.17 43.47
C ALA C 421 -14.42 2.21 44.27
N PRO C 422 -13.31 1.78 44.90
CA PRO C 422 -12.45 2.64 45.71
C PRO C 422 -12.11 3.93 44.97
N THR C 423 -12.47 5.07 45.56
CA THR C 423 -12.20 6.36 44.96
C THR C 423 -11.42 7.20 45.93
N TYR C 424 -10.53 8.04 45.42
CA TYR C 424 -9.70 8.92 46.24
C TYR C 424 -9.53 10.23 45.49
N MET C 425 -9.60 11.35 46.20
CA MET C 425 -9.43 12.67 45.60
C MET C 425 -8.38 13.48 46.34
N TYR C 426 -7.99 14.61 45.74
CA TYR C 426 -7.00 15.46 46.38
C TYR C 426 -6.95 16.84 45.73
N GLU C 427 -6.33 17.79 46.42
CA GLU C 427 -6.17 19.14 45.91
C GLU C 427 -4.73 19.57 46.23
N PHE C 428 -3.93 19.77 45.18
CA PHE C 428 -2.53 20.17 45.36
C PHE C 428 -2.40 21.68 45.50
N GLN C 429 -1.90 22.11 46.65
CA GLN C 429 -1.74 23.53 46.96
C GLN C 429 -0.31 23.83 47.38
N TYR C 430 0.57 24.04 46.40
CA TYR C 430 1.97 24.32 46.65
C TYR C 430 2.59 24.99 45.44
N ARG C 431 3.63 25.79 45.66
CA ARG C 431 4.29 26.47 44.55
C ARG C 431 5.72 25.96 44.39
N PRO C 432 5.91 24.95 43.52
CA PRO C 432 7.27 24.42 43.32
C PRO C 432 8.26 25.54 43.02
N SER C 433 9.52 25.31 43.41
CA SER C 433 10.58 26.30 43.20
C SER C 433 11.06 26.30 41.76
N PHE C 434 10.75 25.22 41.05
CA PHE C 434 11.15 25.08 39.66
C PHE C 434 10.21 25.81 38.69
N SER C 435 9.36 26.68 39.23
CA SER C 435 8.43 27.45 38.40
C SER C 435 9.18 28.45 37.52
N SER C 436 8.59 28.79 36.39
CA SER C 436 9.20 29.76 35.49
C SER C 436 9.31 31.09 36.23
N ASP C 437 10.28 31.91 35.83
CA ASP C 437 10.46 33.20 36.46
C ASP C 437 9.28 34.12 36.20
N MET C 438 8.76 34.05 34.97
CA MET C 438 7.63 34.88 34.57
C MET C 438 6.33 34.50 35.26
N LYS C 439 6.41 33.72 36.33
CA LYS C 439 5.22 33.30 37.04
C LYS C 439 5.10 34.00 38.39
N PRO C 440 4.03 34.79 38.57
CA PRO C 440 3.81 35.50 39.83
C PRO C 440 3.86 34.58 41.03
N LYS C 441 4.66 34.98 42.03
CA LYS C 441 4.84 34.18 43.24
C LYS C 441 3.55 33.97 44.01
N THR C 442 2.51 34.73 43.66
CA THR C 442 1.23 34.60 44.34
C THR C 442 0.39 33.44 43.78
N VAL C 443 0.80 32.90 42.63
CA VAL C 443 0.09 31.78 42.02
C VAL C 443 0.62 30.51 42.67
N ILE C 444 -0.26 29.83 43.40
CA ILE C 444 0.11 28.62 44.13
C ILE C 444 -0.75 27.44 43.71
N GLY C 445 -0.11 26.35 43.30
CA GLY C 445 -0.86 25.19 42.86
C GLY C 445 -1.41 25.39 41.47
N ASP C 446 -0.56 25.96 40.61
CA ASP C 446 -0.88 26.25 39.20
C ASP C 446 -0.92 24.96 38.41
N HIS C 447 -1.52 25.00 37.22
CA HIS C 447 -1.65 23.81 36.40
C HIS C 447 -0.31 23.11 36.23
N GLY C 448 -0.30 21.81 36.48
CA GLY C 448 0.92 21.03 36.34
C GLY C 448 1.91 21.13 37.48
N ASP C 449 1.63 21.96 38.47
CA ASP C 449 2.56 22.13 39.60
C ASP C 449 2.88 20.87 40.39
N GLU C 450 1.93 19.94 40.48
CA GLU C 450 2.14 18.72 41.23
C GLU C 450 3.12 17.78 40.55
N LEU C 451 3.30 17.96 39.25
CA LEU C 451 4.21 17.12 38.49
C LEU C 451 5.59 17.03 39.12
N PHE C 452 6.04 18.14 39.70
CA PHE C 452 7.36 18.17 40.30
C PHE C 452 7.50 17.26 41.50
N SER C 453 6.42 17.13 42.28
CA SER C 453 6.46 16.25 43.43
C SER C 453 6.33 14.81 42.94
N VAL C 454 5.30 14.54 42.15
CA VAL C 454 5.08 13.19 41.63
C VAL C 454 6.34 12.59 41.04
N PHE C 455 7.06 13.35 40.22
CA PHE C 455 8.26 12.78 39.62
C PHE C 455 9.58 13.10 40.32
N GLY C 456 9.49 13.61 41.54
CA GLY C 456 10.68 13.94 42.33
C GLY C 456 11.70 14.91 41.73
N ALA C 457 11.25 16.06 41.28
CA ALA C 457 12.16 17.05 40.71
C ALA C 457 13.26 17.40 41.73
N PRO C 458 12.88 17.51 43.02
CA PRO C 458 13.84 17.84 44.08
C PRO C 458 15.10 16.96 44.13
N PHE C 459 15.04 15.76 43.57
CA PHE C 459 16.18 14.85 43.58
C PHE C 459 16.94 14.80 42.27
N LEU C 460 16.60 15.66 41.33
CA LEU C 460 17.27 15.69 40.04
C LEU C 460 17.67 17.11 39.69
N LYS C 461 16.87 18.06 40.16
CA LYS C 461 17.13 19.47 39.93
C LYS C 461 17.69 20.09 41.20
N GLU C 462 18.27 21.29 41.09
CA GLU C 462 18.84 21.97 42.24
C GLU C 462 17.89 23.02 42.78
N GLY C 463 18.21 23.58 43.94
CA GLY C 463 17.37 24.61 44.52
C GLY C 463 16.29 24.18 45.50
N ALA C 464 15.85 22.93 45.44
CA ALA C 464 14.81 22.48 46.35
C ALA C 464 15.23 22.65 47.80
N SER C 465 14.28 23.02 48.66
CA SER C 465 14.55 23.21 50.07
C SER C 465 14.16 21.94 50.80
N GLU C 466 14.49 21.86 52.09
CA GLU C 466 14.18 20.67 52.88
C GLU C 466 12.69 20.37 52.89
N GLU C 467 11.88 21.43 52.82
CA GLU C 467 10.43 21.29 52.82
C GLU C 467 9.86 20.72 51.50
N GLU C 468 10.40 21.20 50.38
CA GLU C 468 9.98 20.75 49.07
C GLU C 468 10.43 19.31 48.88
N ILE C 469 11.62 19.02 49.39
CA ILE C 469 12.15 17.69 49.30
C ILE C 469 11.22 16.78 50.06
N ARG C 470 10.86 17.21 51.27
CA ARG C 470 9.95 16.40 52.09
C ARG C 470 8.60 16.19 51.40
N LEU C 471 8.11 17.22 50.74
CA LEU C 471 6.83 17.13 50.05
C LEU C 471 6.89 16.07 48.97
N SER C 472 7.90 16.19 48.11
CA SER C 472 8.05 15.26 47.00
C SER C 472 8.07 13.82 47.47
N LYS C 473 8.88 13.52 48.49
CA LYS C 473 9.00 12.16 49.01
C LYS C 473 7.64 11.64 49.46
N MET C 474 6.91 12.51 50.15
CA MET C 474 5.59 12.18 50.67
C MET C 474 4.69 11.77 49.50
N VAL C 475 4.52 12.66 48.53
CA VAL C 475 3.69 12.42 47.36
C VAL C 475 4.08 11.12 46.66
N MET C 476 5.37 10.92 46.42
CA MET C 476 5.82 9.69 45.76
C MET C 476 5.42 8.43 46.52
N LYS C 477 5.40 8.50 47.84
CA LYS C 477 4.98 7.36 48.66
C LYS C 477 3.50 7.09 48.40
N PHE C 478 2.69 8.14 48.49
CA PHE C 478 1.26 8.02 48.25
C PHE C 478 0.96 7.41 46.89
N TRP C 479 1.56 7.96 45.84
CA TRP C 479 1.35 7.47 44.49
C TRP C 479 1.77 6.01 44.34
N ALA C 480 2.91 5.66 44.95
CA ALA C 480 3.39 4.29 44.88
C ALA C 480 2.58 3.33 45.76
N ASN C 481 2.06 3.83 46.88
CA ASN C 481 1.26 2.99 47.77
C ASN C 481 -0.02 2.63 47.04
N PHE C 482 -0.50 3.58 46.25
CA PHE C 482 -1.71 3.37 45.47
C PHE C 482 -1.40 2.30 44.41
N ALA C 483 -0.30 2.50 43.69
CA ALA C 483 0.11 1.56 42.66
C ALA C 483 0.21 0.16 43.24
N ARG C 484 0.62 0.08 44.50
CA ARG C 484 0.77 -1.20 45.17
C ARG C 484 -0.52 -1.86 45.65
N ASN C 485 -1.34 -1.10 46.37
CA ASN C 485 -2.56 -1.67 46.92
C ASN C 485 -3.88 -0.96 46.58
N GLY C 486 -3.86 0.00 45.69
CA GLY C 486 -5.11 0.69 45.38
C GLY C 486 -5.59 1.42 46.62
N ASN C 487 -4.61 1.88 47.40
CA ASN C 487 -4.85 2.63 48.63
C ASN C 487 -3.56 3.39 48.92
N PRO C 488 -3.60 4.73 48.82
CA PRO C 488 -2.43 5.59 49.06
C PRO C 488 -1.81 5.55 50.45
N ASN C 489 -2.60 5.13 51.44
CA ASN C 489 -2.12 5.10 52.82
C ASN C 489 -0.91 4.25 53.09
N GLY C 490 -0.16 4.63 54.12
CA GLY C 490 1.04 3.91 54.50
C GLY C 490 1.65 4.43 55.79
N GLU C 491 2.44 3.59 56.44
CA GLU C 491 3.10 3.96 57.67
C GLU C 491 3.99 5.17 57.45
N GLY C 492 3.81 6.18 58.29
CA GLY C 492 4.61 7.39 58.19
C GLY C 492 4.01 8.41 57.25
N LEU C 493 2.71 8.31 56.99
CA LEU C 493 2.03 9.23 56.10
C LEU C 493 0.71 9.67 56.70
N PRO C 494 0.32 10.94 56.47
CA PRO C 494 -0.94 11.46 57.01
C PRO C 494 -2.05 10.59 56.49
N HIS C 495 -3.17 10.50 57.21
CA HIS C 495 -4.27 9.67 56.75
C HIS C 495 -5.02 10.26 55.58
N TRP C 496 -5.18 9.46 54.54
CA TRP C 496 -5.89 9.90 53.36
C TRP C 496 -7.23 9.16 53.34
N PRO C 497 -8.31 9.85 53.75
CA PRO C 497 -9.63 9.21 53.76
C PRO C 497 -10.06 8.77 52.36
N GLU C 498 -11.00 7.84 52.30
CA GLU C 498 -11.49 7.37 51.02
C GLU C 498 -12.60 8.32 50.59
N TYR C 499 -12.73 8.53 49.29
CA TYR C 499 -13.77 9.42 48.82
C TYR C 499 -15.09 8.68 48.82
N ASN C 500 -15.65 8.47 50.00
CA ASN C 500 -16.94 7.79 50.12
C ASN C 500 -18.05 8.84 50.16
N GLN C 501 -19.09 8.58 50.92
CA GLN C 501 -20.21 9.51 51.01
C GLN C 501 -19.91 10.80 51.78
N LYS C 502 -18.93 10.75 52.67
CA LYS C 502 -18.55 11.93 53.44
C LYS C 502 -17.81 12.85 52.50
N GLU C 503 -17.18 12.23 51.49
CA GLU C 503 -16.40 12.94 50.48
C GLU C 503 -15.10 13.49 51.04
N GLY C 504 -14.37 12.65 51.75
CA GLY C 504 -13.11 13.07 52.30
C GLY C 504 -12.07 13.09 51.20
N TYR C 505 -11.21 14.09 51.24
CA TYR C 505 -10.17 14.20 50.25
C TYR C 505 -8.92 14.68 50.97
N LEU C 506 -7.79 14.60 50.29
CA LEU C 506 -6.57 15.01 50.93
C LEU C 506 -6.06 16.33 50.36
N GLN C 507 -5.69 17.22 51.27
CA GLN C 507 -5.15 18.51 50.87
C GLN C 507 -3.67 18.34 50.97
N ILE C 508 -2.99 18.49 49.84
CA ILE C 508 -1.56 18.31 49.77
C ILE C 508 -0.80 19.62 49.61
N GLY C 509 0.30 19.74 50.33
CA GLY C 509 1.12 20.93 50.29
C GLY C 509 2.03 21.02 51.50
N ALA C 510 2.39 22.24 51.87
CA ALA C 510 3.25 22.46 53.04
C ALA C 510 2.63 21.74 54.24
N ASN C 511 1.32 21.89 54.40
CA ASN C 511 0.59 21.24 55.49
C ASN C 511 -0.44 20.29 54.90
N THR C 512 -0.09 19.02 54.79
CA THR C 512 -0.99 18.04 54.22
C THR C 512 -1.91 17.38 55.24
N GLN C 513 -3.21 17.57 55.09
CA GLN C 513 -4.17 16.94 55.99
C GLN C 513 -5.48 16.66 55.29
N ALA C 514 -6.28 15.76 55.86
CA ALA C 514 -7.56 15.39 55.28
C ALA C 514 -8.56 16.54 55.33
N ALA C 515 -9.68 16.38 54.62
CA ALA C 515 -10.73 17.39 54.56
C ALA C 515 -11.99 16.75 53.98
N GLN C 516 -13.05 17.55 53.79
CA GLN C 516 -14.29 17.03 53.24
C GLN C 516 -15.03 17.95 52.25
N LYS C 517 -15.88 17.34 51.44
CA LYS C 517 -16.72 18.01 50.43
C LYS C 517 -16.07 18.96 49.42
N LEU C 518 -14.88 18.62 48.94
CA LEU C 518 -14.17 19.41 47.94
C LEU C 518 -15.07 19.92 46.80
N LYS C 519 -15.07 21.22 46.54
CA LYS C 519 -15.87 21.81 45.46
C LYS C 519 -17.37 21.53 45.54
N ASP C 520 -17.82 20.97 46.67
CA ASP C 520 -19.23 20.63 46.88
C ASP C 520 -20.22 21.72 46.43
N LYS C 521 -19.97 22.95 46.85
CA LYS C 521 -20.82 24.09 46.51
C LYS C 521 -20.81 24.44 45.03
N GLU C 522 -19.61 24.43 44.44
CA GLU C 522 -19.43 24.74 43.03
C GLU C 522 -20.16 23.77 42.10
N VAL C 523 -20.10 22.47 42.41
CA VAL C 523 -20.78 21.47 41.59
C VAL C 523 -22.29 21.67 41.59
N ALA C 524 -22.81 22.06 42.75
CA ALA C 524 -24.24 22.29 42.85
C ALA C 524 -24.63 23.45 41.94
N PHE C 525 -23.86 24.52 42.00
CA PHE C 525 -24.15 25.68 41.17
C PHE C 525 -24.12 25.38 39.68
N TRP C 526 -23.01 24.83 39.20
CA TRP C 526 -22.89 24.53 37.78
C TRP C 526 -23.86 23.45 37.29
N THR C 527 -24.11 22.42 38.09
CA THR C 527 -25.05 21.38 37.67
C THR C 527 -26.38 22.06 37.46
N ASN C 528 -26.74 22.90 38.43
CA ASN C 528 -28.00 23.62 38.38
C ASN C 528 -28.10 24.64 37.26
N LEU C 529 -27.06 25.46 37.10
CA LEU C 529 -27.05 26.47 36.06
C LEU C 529 -27.06 25.83 34.68
N PHE C 530 -26.27 24.77 34.50
CA PHE C 530 -26.19 24.07 33.23
C PHE C 530 -27.46 23.34 32.82
N ALA C 531 -28.38 23.16 33.76
CA ALA C 531 -29.64 22.49 33.47
C ALA C 531 -30.47 23.36 32.53
N LYS C 532 -29.83 24.45 32.08
CA LYS C 532 -30.43 25.44 31.18
C LYS C 532 -31.58 26.18 31.83
C1 NAG D . 3.30 -14.24 -29.29
C2 NAG D . 2.36 -13.06 -29.60
C3 NAG D . 1.30 -13.51 -30.61
C4 NAG D . 1.95 -14.20 -31.84
C5 NAG D . 2.91 -15.31 -31.37
C6 NAG D . 3.63 -16.04 -32.48
C7 NAG D . 0.93 -11.57 -28.31
C8 NAG D . -0.44 -11.77 -27.69
N2 NAG D . 1.73 -12.63 -28.35
O3 NAG D . 0.55 -12.38 -31.05
O4 NAG D . 0.94 -14.78 -32.66
O5 NAG D . 3.90 -14.74 -30.49
O6 NAG D . 3.49 -17.46 -32.34
O7 NAG D . 1.25 -10.47 -28.76
C1 SIA E . 4.09 -11.13 -24.40
C2 SIA E . 5.16 -10.08 -24.20
C3 SIA E . 4.50 -8.72 -23.94
C4 SIA E . 5.54 -7.64 -23.68
C5 SIA E . 6.94 -8.26 -23.57
C6 SIA E . 6.90 -9.45 -22.59
C7 SIA E . 8.29 -10.06 -22.36
C8 SIA E . 8.42 -10.51 -20.92
C9 SIA E . 8.42 -9.31 -19.99
C10 SIA E . 8.11 -6.20 -23.91
C11 SIA E . 7.44 -4.88 -23.50
N5 SIA E . 7.90 -7.26 -23.14
O1A SIA E . 3.29 -11.00 -25.35
O1B SIA E . 4.04 -12.11 -23.60
O2 SIA E . 5.96 -10.01 -25.34
O4 SIA E . 5.53 -6.69 -24.74
O6 SIA E . 5.98 -10.49 -23.08
O7 SIA E . 8.51 -11.16 -23.22
O8 SIA E . 7.35 -11.39 -20.60
O9 SIA E . 9.35 -8.35 -20.45
O10 SIA E . 8.80 -6.24 -24.93
S SO4 F . 6.21 2.63 3.37
O1 SO4 F . 7.36 2.48 4.27
O2 SO4 F . 6.55 3.55 2.27
O3 SO4 F . 5.86 1.31 2.79
O4 SO4 F . 5.05 3.16 4.12
S SO4 G . 9.06 4.65 -10.14
O1 SO4 G . 10.26 4.56 -9.29
O2 SO4 G . 7.89 4.90 -9.28
O3 SO4 G . 9.24 5.75 -11.10
O4 SO4 G . 8.88 3.39 -10.87
O1 MVB H . 45.16 -0.87 -16.16
C1 MVB H . 47.92 -3.28 -17.24
O2 MVB H . 48.24 -4.46 -17.08
O3 MVB H . 48.78 -2.30 -17.78
O5 MVB H . 49.15 -2.14 -20.96
C7 MVB H . 48.76 -0.90 -17.30
C8 MVB H . 47.29 -0.37 -17.17
C9 MVB H . 46.50 -1.33 -16.26
C10 MVB H . 46.50 -2.77 -16.84
C11 MVB H . 47.35 3.18 -20.91
C12 MVB H . 49.68 -0.03 -18.23
C13 MVB H . 49.06 1.06 -19.17
C14 MVB H . 47.99 0.63 -20.24
C15 MVB H . 46.87 1.77 -20.47
C16 MVB H . 45.83 1.29 -21.54
C17 MVB H . 46.11 0.38 -22.54
C18 MVB H . 47.36 -0.20 -22.69
C19 MVB H . 48.56 0.20 -21.70
C20 MVB H . 49.67 -0.95 -21.65
C21 MVB H . 50.11 -1.33 -23.12
C22 MVB H . 48.91 -1.80 -24.02
C23 MVB H . 47.56 -1.09 -23.72
C1 SMB I . 32.93 -3.26 -12.06
C2 SMB I . 32.48 -4.74 -12.26
C3 SMB I . 33.09 -5.88 -11.36
C4 SMB I . 34.12 -5.34 -10.31
C5 SMB I . 33.72 -7.04 -12.18
O1 SMB I . 33.59 -8.26 -11.55
O2 SMB I . 34.26 -6.87 -13.27
C1 NAG J . -29.00 11.25 9.88
C2 NAG J . -28.35 12.44 10.60
C3 NAG J . -29.10 12.79 11.89
C4 NAG J . -30.62 12.91 11.65
C5 NAG J . -31.11 11.65 10.93
C6 NAG J . -32.61 11.65 10.63
C7 NAG J . -25.98 12.55 10.18
C8 NAG J . -24.86 11.56 9.91
N2 NAG J . -26.98 12.13 10.95
O3 NAG J . -28.60 14.02 12.42
O4 NAG J . -31.28 13.05 12.88
O5 NAG J . -30.41 11.49 9.69
O6 NAG J . -32.92 12.54 9.57
O7 NAG J . -25.94 13.69 9.70
C1 SIA K . -23.80 9.21 6.22
C2 SIA K . -23.75 9.97 4.90
C3 SIA K . -23.99 11.44 5.15
C4 SIA K . -23.14 12.33 4.25
C5 SIA K . -22.91 11.69 2.87
C6 SIA K . -22.32 10.26 2.98
C7 SIA K . -22.95 9.28 1.96
C8 SIA K . -22.13 9.15 0.68
C9 SIA K . -22.94 8.38 -0.35
C10 SIA K . -20.86 12.93 2.64
C11 SIA K . -19.62 12.06 2.39
N5 SIA K . -22.01 12.53 2.11
O1A SIA K . -24.25 9.80 7.24
O1B SIA K . -23.39 8.03 6.26
O2 SIA K . -24.70 9.46 4.02
O4 SIA K . -23.78 13.58 4.08
O6 SIA K . -22.45 9.74 4.33
O7 SIA K . -23.08 7.99 2.56
O8 SIA K . -21.79 10.44 0.16
O9 SIA K . -24.12 9.09 -0.66
O10 SIA K . -20.74 13.96 3.31
S SO4 L . 1.67 -0.35 -7.23
O1 SO4 L . 3.05 -0.86 -7.21
O2 SO4 L . 1.11 -0.52 -8.58
O3 SO4 L . 0.86 -1.09 -6.25
O4 SO4 L . 1.67 1.09 -6.88
S SO4 M . -6.17 10.78 -6.22
O1 SO4 M . -5.02 9.85 -6.29
O2 SO4 M . -6.09 11.55 -4.97
O3 SO4 M . -6.14 11.72 -7.35
O4 SO4 M . -7.41 10.00 -6.24
C1 SMB N . -22.25 8.70 -25.90
C2 SMB N . -23.24 7.70 -25.24
C3 SMB N . -23.16 6.16 -25.59
C4 SMB N . -22.03 5.85 -26.64
C5 SMB N . -24.54 5.56 -26.06
O1 SMB N . -25.52 5.66 -25.08
O2 SMB N . -24.72 5.05 -27.17
C1 SMB O . -30.77 20.75 -35.84
C2 SMB O . -31.02 19.33 -36.42
C3 SMB O . -30.05 18.73 -37.51
C4 SMB O . -28.90 19.72 -37.88
C5 SMB O . -30.78 18.23 -38.80
O1 SMB O . -31.89 18.99 -39.14
O2 SMB O . -30.39 17.24 -39.44
C1 NAG P . 24.99 -0.63 20.73
C2 NAG P . 25.82 0.14 19.70
C3 NAG P . 27.18 -0.54 19.52
C4 NAG P . 27.88 -0.68 20.87
C5 NAG P . 26.96 -1.40 21.88
C6 NAG P . 27.56 -1.46 23.28
C7 NAG P . 25.48 1.08 17.52
C8 NAG P . 24.92 2.49 17.68
N2 NAG P . 25.11 0.18 18.43
O3 NAG P . 27.97 0.25 18.63
O4 NAG P . 29.08 -1.41 20.72
O5 NAG P . 25.71 -0.69 21.98
O6 NAG P . 26.66 -1.00 24.27
O7 NAG P . 26.23 0.81 16.59
C1 SIA Q . 19.84 1.66 17.43
C2 SIA Q . 19.69 3.17 17.38
C3 SIA Q . 19.49 3.61 15.92
C4 SIA Q . 18.91 5.03 15.88
C5 SIA Q . 17.59 5.10 16.67
C6 SIA Q . 17.36 3.81 17.50
C7 SIA Q . 16.24 3.92 18.54
C8 SIA Q . 14.95 4.57 18.07
C9 SIA Q . 14.05 4.70 19.28
C10 SIA Q . 16.10 4.51 14.80
C11 SIA Q . 14.80 3.74 15.02
N5 SIA Q . 16.47 5.37 15.76
O1A SIA Q . 20.98 1.17 17.63
O1B SIA Q . 18.81 0.96 17.28
O2 SIA Q . 20.83 3.77 17.91
O4 SIA Q . 19.85 5.95 16.42
O6 SIA Q . 18.58 3.50 18.22
O7 SIA Q . 15.93 2.62 19.01
O8 SIA Q . 15.21 5.87 17.54
O9 SIA Q . 14.79 5.29 20.36
O10 SIA Q . 16.76 4.34 13.77
S SO4 R . 5.74 11.67 4.47
O1 SO4 R . 6.82 10.90 3.87
O2 SO4 R . 4.51 11.52 3.64
O3 SO4 R . 5.46 11.17 5.83
O4 SO4 R . 6.13 13.10 4.53
S SO4 S . -5.48 5.46 0.85
O1 SO4 S . -4.12 5.42 0.26
O2 SO4 S . -5.56 4.53 1.98
O3 SO4 S . -5.77 6.83 1.32
O4 SO4 S . -6.48 5.07 -0.17
O1 MVB T . -1.11 35.46 32.57
C1 MVB T . -2.71 36.41 35.79
O2 MVB T . -2.84 35.79 36.84
O3 MVB T . -2.57 37.84 35.72
O5 MVB T . 2.20 37.85 35.34
C7 MVB T . -1.75 38.50 34.69
C8 MVB T . -0.94 37.44 33.89
C9 MVB T . -1.89 36.40 33.29
C10 MVB T . -2.68 35.68 34.41
C11 MVB T . 1.21 41.97 31.79
C12 MVB T . -0.83 39.58 35.36
C13 MVB T . -0.02 40.56 34.43
C14 MVB T . 0.94 39.85 33.39
C15 MVB T . 0.83 40.45 31.93
C16 MVB T . 1.78 39.68 30.96
C17 MVB T . 2.93 39.04 31.37
C18 MVB T . 3.36 39.04 32.67
C19 MVB T . 2.50 39.79 33.80
C20 MVB T . 2.78 39.18 35.24
C21 MVB T . 4.33 39.15 35.51
C22 MVB T . 5.12 38.32 34.42
C23 MVB T . 4.53 38.39 32.99
C1 SMB U . -5.35 22.98 26.70
C2 SMB U . -4.63 22.61 28.03
C3 SMB U . -3.08 22.85 28.18
C4 SMB U . -2.44 23.49 26.90
C5 SMB U . -2.31 21.58 28.62
O1 SMB U . -2.52 21.25 29.94
O2 SMB U . -1.61 20.93 27.85
#